data_7W65
#
_entry.id   7W65
#
_cell.length_a   284.139
_cell.length_b   284.139
_cell.length_c   297.599
_cell.angle_alpha   90.000
_cell.angle_beta   90.000
_cell.angle_gamma   120.000
#
_symmetry.space_group_name_H-M   'P 63 2 2'
#
loop_
_entity.id
_entity.type
_entity.pdbx_description
1 polymer 'Toxin-coregulated pilus biosynthesis protein B'
2 polymer 'Toxin coregulated pilus biosynthesis protein F'
#
loop_
_entity_poly.entity_id
_entity_poly.type
_entity_poly.pdbx_seq_one_letter_code
_entity_poly.pdbx_strand_id
1 'polypeptide(L)'
;GGELMIKSSNAFDVIELSSQIQRYASLSKINNRTNPILKDNKAKEFKDADLKWLKLENCPTAGDVPTTGNNNDLQDQFIA
CDADYRKGDLSYFGSQFEFSTYVHPSNPEIQRQIKQVVSYFQYRGMERAFIGDAAGYVISEAKKKGFSAQDYRIVLIEPD
RVGYFESNAISYEEFIENPSARENFLLKATKDRTLALAVSLAQTGEIAMQRDGSVAFLEDSELCWDTAAGSAKSCLSVRY
DTVGNKTELDLKQIDVVSAKGLSFESDGKTKTPVVSTYETFQDGGRAKTINAIECPTGLNNRFAAVVSSFSTAGQNANFS
SESAKDSQGTTQKDGSKGPHALLSGISLNWTLTNKVWDVTASIGIESGILPTSGIDSGSLLRNPKSLSFIAFQWCEN
;
A,B,C
2 'polypeptide(L)'
;FNDNYSSTSTVYATSNEATDSRGSEHLRYPYLECIKIGMSRDYLENCVKVSFPTSQDMFYDAYPSTESDGAKTRTKEDFS
ARLLAGDYDSLQKLYIDFYLAQTTFDWEIPTRDQIETLVNYANEGKLSTALNQEYITGRFLTKENGRYDIVNVGGVPDNT
PVKLPAIVSKRGLMGTTSVVNAIPNEIYPHIKVYEGTLSRLKPGGAMIAVLEYDVNELSKHGYTNLWDVQFKVLVGVPHA
ETGVIYDPVYEETVKPYQPSNNLTGKKLYNVSTNDMHNGYKWSNTMFSNSNYKTQILLTKGDGSGVKLYSKAYSENFK
;
D,E,F
#
# COMPACT_ATOMS: atom_id res chain seq x y z
N SER A 8 57.34 17.58 -70.55
CA SER A 8 56.72 18.88 -70.79
C SER A 8 55.44 19.03 -69.98
N SER A 9 55.53 18.65 -68.71
CA SER A 9 54.37 18.71 -67.82
C SER A 9 54.81 18.65 -66.36
N ASN A 10 56.07 18.99 -66.07
CA ASN A 10 56.56 18.99 -64.69
C ASN A 10 55.98 20.15 -63.89
N ALA A 11 55.92 21.35 -64.48
CA ALA A 11 55.34 22.48 -63.75
C ALA A 11 53.86 22.24 -63.46
N PHE A 12 53.13 21.67 -64.42
CA PHE A 12 51.73 21.30 -64.18
C PHE A 12 51.59 20.22 -63.12
N ASP A 13 52.42 19.17 -63.19
CA ASP A 13 52.29 18.04 -62.27
C ASP A 13 52.59 18.39 -60.82
N VAL A 14 53.47 19.37 -60.57
CA VAL A 14 53.76 19.72 -59.17
C VAL A 14 52.52 20.29 -58.50
N ILE A 15 51.82 21.21 -59.17
CA ILE A 15 50.63 21.81 -58.59
C ILE A 15 49.47 20.80 -58.56
N GLU A 16 49.34 19.98 -59.60
CA GLU A 16 48.26 18.99 -59.63
C GLU A 16 48.34 18.04 -58.43
N LEU A 17 49.52 17.46 -58.20
CA LEU A 17 49.68 16.56 -57.08
C LEU A 17 49.53 17.29 -55.74
N SER A 18 50.08 18.51 -55.65
CA SER A 18 49.97 19.28 -54.40
C SER A 18 48.52 19.59 -54.08
N SER A 19 47.74 19.98 -55.08
CA SER A 19 46.32 20.29 -54.84
C SER A 19 45.53 19.03 -54.53
N GLN A 20 45.86 17.91 -55.20
CA GLN A 20 45.22 16.65 -54.84
C GLN A 20 45.61 16.19 -53.45
N ILE A 21 46.86 16.45 -53.05
CA ILE A 21 47.28 16.17 -51.67
C ILE A 21 46.57 17.10 -50.70
N GLN A 22 46.34 18.35 -51.09
CA GLN A 22 45.62 19.26 -50.20
C GLN A 22 44.15 18.85 -50.08
N ARG A 23 43.52 18.47 -51.19
CA ARG A 23 42.13 17.99 -51.14
C ARG A 23 41.99 16.80 -50.20
N TYR A 24 42.86 15.81 -50.38
CA TYR A 24 42.91 14.66 -49.49
C TYR A 24 43.02 15.08 -48.03
N ALA A 25 43.86 16.08 -47.75
CA ALA A 25 44.07 16.53 -46.37
C ALA A 25 42.82 17.13 -45.74
N SER A 26 41.88 17.62 -46.54
CA SER A 26 40.72 18.33 -46.01
C SER A 26 39.50 17.44 -45.84
N LEU A 27 39.56 16.18 -46.28
CA LEU A 27 38.41 15.27 -46.26
C LEU A 27 38.51 14.37 -45.04
N SER A 28 37.41 14.27 -44.29
CA SER A 28 37.36 13.33 -43.18
C SER A 28 36.95 11.94 -43.65
N LYS A 29 36.10 11.86 -44.68
CA LYS A 29 35.68 10.59 -45.25
C LYS A 29 35.91 10.60 -46.75
N ILE A 30 36.36 9.47 -47.28
CA ILE A 30 36.61 9.29 -48.70
C ILE A 30 35.85 8.04 -49.14
N ASN A 31 34.95 8.21 -50.10
CA ASN A 31 34.06 7.14 -50.56
C ASN A 31 33.22 6.60 -49.40
N ASN A 32 32.67 7.52 -48.60
CA ASN A 32 31.80 7.23 -47.45
C ASN A 32 32.50 6.40 -46.37
N ARG A 33 33.82 6.37 -46.35
CA ARG A 33 34.58 5.64 -45.35
C ARG A 33 35.64 6.54 -44.73
N THR A 34 35.98 6.25 -43.49
CA THR A 34 36.91 7.08 -42.73
C THR A 34 38.24 7.24 -43.48
N ASN A 35 38.73 8.47 -43.48
CA ASN A 35 40.04 8.79 -44.03
C ASN A 35 41.13 8.01 -43.30
N PRO A 36 41.91 7.17 -43.99
CA PRO A 36 42.92 6.36 -43.29
C PRO A 36 43.97 7.16 -42.56
N ILE A 37 44.29 8.38 -42.99
CA ILE A 37 45.33 9.15 -42.32
C ILE A 37 44.87 9.72 -40.99
N LEU A 38 43.57 9.72 -40.72
CA LEU A 38 43.04 10.19 -39.46
C LEU A 38 42.91 9.09 -38.42
N LYS A 39 43.23 7.85 -38.81
CA LYS A 39 43.01 6.67 -37.98
C LYS A 39 44.19 6.34 -37.07
N ASP A 40 45.09 7.29 -36.84
CA ASP A 40 46.23 7.10 -35.95
C ASP A 40 46.18 8.14 -34.83
N ASN A 41 47.23 8.14 -34.00
CA ASN A 41 47.33 9.04 -32.86
C ASN A 41 48.66 9.79 -32.84
N LYS A 42 49.50 9.63 -33.85
CA LYS A 42 50.81 10.25 -33.87
C LYS A 42 50.71 11.72 -34.28
N ALA A 43 51.61 12.54 -33.74
CA ALA A 43 51.57 13.98 -34.00
C ALA A 43 52.18 14.35 -35.34
N LYS A 44 52.99 13.48 -35.93
CA LYS A 44 53.59 13.72 -37.24
C LYS A 44 53.73 12.38 -37.93
N GLU A 45 53.48 12.37 -39.24
CA GLU A 45 53.69 11.18 -40.06
C GLU A 45 54.16 11.61 -41.44
N PHE A 46 55.09 10.85 -42.00
CA PHE A 46 55.61 11.10 -43.33
C PHE A 46 55.04 10.05 -44.26
N LYS A 47 54.43 10.49 -45.35
CA LYS A 47 53.84 9.59 -46.33
C LYS A 47 54.82 9.49 -47.49
N ASP A 48 55.05 8.27 -47.97
CA ASP A 48 56.18 7.99 -48.83
C ASP A 48 55.99 8.63 -50.21
N ALA A 49 57.11 8.81 -50.92
CA ALA A 49 57.08 9.40 -52.25
C ALA A 49 56.41 8.51 -53.28
N ASP A 50 56.33 7.19 -53.02
CA ASP A 50 55.74 6.24 -53.95
C ASP A 50 54.25 6.47 -54.19
N LEU A 51 53.60 7.27 -53.35
CA LEU A 51 52.18 7.61 -53.50
C LEU A 51 51.28 6.38 -53.46
N LYS A 52 51.73 5.30 -52.83
CA LYS A 52 50.83 4.16 -52.59
C LYS A 52 49.69 4.56 -51.66
N TRP A 53 49.97 5.43 -50.70
CA TRP A 53 48.96 5.92 -49.77
C TRP A 53 47.90 6.79 -50.42
N LEU A 54 48.11 7.24 -51.66
CA LEU A 54 47.16 8.11 -52.34
C LEU A 54 46.39 7.39 -53.44
N LYS A 55 46.71 6.14 -53.72
CA LYS A 55 46.05 5.37 -54.76
C LYS A 55 44.93 4.53 -54.14
N LEU A 56 43.92 4.22 -54.97
CA LEU A 56 42.75 3.51 -54.49
C LEU A 56 43.10 2.10 -54.05
N GLU A 57 42.29 1.57 -53.12
CA GLU A 57 42.47 0.19 -52.68
C GLU A 57 42.04 -0.80 -53.75
N ASN A 58 41.10 -0.41 -54.62
CA ASN A 58 40.58 -1.29 -55.67
C ASN A 58 41.49 -1.36 -56.89
N CYS A 59 42.76 -0.99 -56.73
CA CYS A 59 43.79 -1.01 -57.76
C CYS A 59 44.51 -2.35 -57.85
N PRO A 60 45.13 -2.64 -59.00
CA PRO A 60 45.95 -3.86 -59.12
C PRO A 60 46.90 -4.07 -57.94
N THR A 61 47.67 -3.06 -57.58
CA THR A 61 48.43 -3.03 -56.33
C THR A 61 47.68 -2.18 -55.32
N ALA A 62 47.40 -2.77 -54.16
CA ALA A 62 46.52 -2.14 -53.19
C ALA A 62 47.11 -0.85 -52.64
N GLY A 63 46.37 0.25 -52.78
CA GLY A 63 46.71 1.50 -52.15
C GLY A 63 46.03 1.62 -50.79
N ASP A 64 46.12 2.82 -50.22
CA ASP A 64 45.57 3.07 -48.90
C ASP A 64 44.22 3.76 -48.92
N VAL A 65 43.74 4.19 -50.08
CA VAL A 65 42.49 4.96 -50.15
C VAL A 65 41.31 3.99 -50.15
N PRO A 66 40.33 4.18 -49.27
CA PRO A 66 39.22 3.23 -49.20
C PRO A 66 38.22 3.43 -50.32
N THR A 67 37.49 2.37 -50.64
CA THR A 67 36.44 2.40 -51.63
C THR A 67 35.08 2.21 -50.99
N THR A 68 34.03 2.47 -51.77
CA THR A 68 32.68 2.21 -51.29
C THR A 68 32.44 0.72 -51.10
N GLY A 69 33.17 -0.11 -51.85
CA GLY A 69 33.02 -1.55 -51.82
C GLY A 69 32.31 -2.05 -53.07
N ASN A 70 31.20 -1.41 -53.44
CA ASN A 70 30.50 -1.72 -54.68
C ASN A 70 31.04 -0.80 -55.76
N ASN A 71 31.68 -1.39 -56.77
CA ASN A 71 32.36 -0.65 -57.81
C ASN A 71 31.42 -0.19 -58.93
N ASN A 72 30.11 -0.31 -58.73
CA ASN A 72 29.18 0.25 -59.70
C ASN A 72 29.08 1.76 -59.55
N ASP A 73 29.44 2.29 -58.38
CA ASP A 73 29.53 3.72 -58.19
C ASP A 73 30.90 4.21 -58.64
N LEU A 74 30.96 5.47 -59.05
CA LEU A 74 32.24 6.08 -59.41
C LEU A 74 33.06 6.31 -58.13
N GLN A 75 34.27 5.74 -58.09
CA GLN A 75 35.10 5.80 -56.90
C GLN A 75 35.97 7.05 -56.99
N ASP A 76 35.81 7.94 -56.01
CA ASP A 76 36.67 9.11 -55.94
C ASP A 76 38.12 8.71 -55.77
N GLN A 77 38.98 9.29 -56.60
CA GLN A 77 40.40 9.02 -56.54
C GLN A 77 41.13 10.33 -56.71
N PHE A 78 42.42 10.31 -56.39
CA PHE A 78 43.25 11.51 -56.37
C PHE A 78 44.33 11.48 -57.44
N ILE A 79 44.97 10.34 -57.63
CA ILE A 79 45.96 10.15 -58.68
C ILE A 79 45.60 8.87 -59.42
N ALA A 80 45.98 8.80 -60.70
CA ALA A 80 45.81 7.57 -61.45
C ALA A 80 46.62 6.46 -60.80
N CYS A 81 46.28 5.22 -61.14
CA CYS A 81 46.90 4.11 -60.44
C CYS A 81 48.36 3.92 -60.84
N ASP A 82 48.67 4.19 -62.11
CA ASP A 82 50.04 4.11 -62.62
C ASP A 82 50.81 5.42 -62.44
N ALA A 83 50.23 6.40 -61.75
CA ALA A 83 50.85 7.71 -61.66
C ALA A 83 52.15 7.61 -60.86
N ASP A 84 53.15 8.38 -61.28
CA ASP A 84 54.42 8.46 -60.58
C ASP A 84 54.99 9.85 -60.80
N TYR A 85 55.29 10.55 -59.70
CA TYR A 85 55.77 11.92 -59.75
C TYR A 85 57.22 12.04 -59.28
N ARG A 86 57.94 10.92 -59.21
CA ARG A 86 59.38 10.93 -58.98
C ARG A 86 60.14 11.11 -60.29
N LYS A 87 59.71 12.12 -61.06
CA LYS A 87 60.23 12.41 -62.39
C LYS A 87 60.54 13.89 -62.52
N GLY A 88 61.33 14.22 -63.53
CA GLY A 88 61.55 15.59 -63.90
C GLY A 88 62.51 16.33 -62.99
N ASP A 89 62.75 17.59 -63.35
CA ASP A 89 63.64 18.44 -62.56
C ASP A 89 63.13 18.58 -61.13
N LEU A 90 61.82 18.58 -60.93
CA LEU A 90 61.20 18.63 -59.61
C LEU A 90 60.53 17.28 -59.37
N SER A 91 61.18 16.46 -58.56
CA SER A 91 60.78 15.07 -58.32
C SER A 91 60.06 14.98 -56.98
N TYR A 92 58.85 14.41 -56.99
CA TYR A 92 58.07 14.30 -55.76
C TYR A 92 58.84 13.48 -54.73
N PHE A 93 58.93 14.04 -53.52
CA PHE A 93 59.77 13.49 -52.47
C PHE A 93 58.99 12.93 -51.27
N GLY A 94 57.70 13.23 -51.17
CA GLY A 94 56.91 12.88 -50.01
C GLY A 94 56.22 14.09 -49.41
N SER A 95 55.39 13.82 -48.41
CA SER A 95 54.64 14.87 -47.74
C SER A 95 54.76 14.70 -46.22
N GLN A 96 54.95 15.81 -45.53
CA GLN A 96 55.05 15.86 -44.07
C GLN A 96 53.70 16.35 -43.54
N PHE A 97 53.00 15.48 -42.83
CA PHE A 97 51.76 15.85 -42.17
C PHE A 97 52.04 16.16 -40.71
N GLU A 98 51.44 17.25 -40.22
CA GLU A 98 51.45 17.58 -38.80
C GLU A 98 50.01 17.51 -38.30
N PHE A 99 49.80 16.86 -37.16
CA PHE A 99 48.46 16.60 -36.65
C PHE A 99 48.24 17.26 -35.31
N SER A 100 46.96 17.33 -34.93
CA SER A 100 46.52 17.62 -33.58
C SER A 100 45.54 16.56 -33.13
N THR A 101 45.48 16.34 -31.81
CA THR A 101 44.54 15.39 -31.25
C THR A 101 43.11 15.84 -31.53
N TYR A 102 42.22 14.88 -31.81
CA TYR A 102 40.89 15.20 -32.30
C TYR A 102 39.83 14.28 -31.73
N VAL A 103 38.62 14.84 -31.61
CA VAL A 103 37.47 14.19 -31.01
C VAL A 103 36.39 13.99 -32.07
N HIS A 104 36.22 12.74 -32.53
CA HIS A 104 35.27 12.28 -33.53
C HIS A 104 34.07 11.58 -32.87
N PRO A 105 32.83 11.88 -33.28
CA PRO A 105 31.67 11.34 -32.55
C PRO A 105 31.40 9.85 -32.76
N SER A 106 31.97 9.24 -33.80
CA SER A 106 31.50 7.95 -34.28
C SER A 106 32.59 7.01 -34.79
N ASN A 107 33.87 7.34 -34.62
CA ASN A 107 34.93 6.47 -35.12
C ASN A 107 36.05 6.46 -34.07
N PRO A 108 36.11 5.40 -33.25
CA PRO A 108 37.14 5.37 -32.19
C PRO A 108 38.55 5.28 -32.75
N GLU A 109 38.71 4.83 -33.99
CA GLU A 109 40.01 4.84 -34.61
C GLU A 109 40.40 6.24 -35.10
N ILE A 110 39.45 7.16 -35.19
CA ILE A 110 39.79 8.55 -35.54
C ILE A 110 40.21 9.25 -34.25
N GLN A 111 41.48 9.60 -34.15
CA GLN A 111 42.02 10.24 -32.97
C GLN A 111 42.77 11.52 -33.28
N ARG A 112 42.87 11.92 -34.54
CA ARG A 112 43.60 13.11 -34.89
C ARG A 112 42.98 13.76 -36.12
N GLN A 113 43.21 15.07 -36.23
CA GLN A 113 42.81 15.89 -37.37
C GLN A 113 44.05 16.61 -37.88
N ILE A 114 44.05 16.96 -39.16
CA ILE A 114 45.25 17.47 -39.83
C ILE A 114 45.45 18.93 -39.50
N LYS A 115 46.67 19.28 -39.06
CA LYS A 115 47.07 20.65 -38.76
C LYS A 115 47.74 21.33 -39.94
N GLN A 116 48.69 20.67 -40.60
CA GLN A 116 49.41 21.27 -41.72
C GLN A 116 50.02 20.19 -42.59
N VAL A 117 50.00 20.40 -43.90
CA VAL A 117 50.63 19.49 -44.87
C VAL A 117 51.60 20.28 -45.72
N VAL A 118 52.83 19.78 -45.84
CA VAL A 118 53.86 20.36 -46.70
C VAL A 118 54.39 19.22 -47.58
N SER A 119 54.25 19.36 -48.89
CA SER A 119 54.68 18.37 -49.85
C SER A 119 55.98 18.84 -50.52
N TYR A 120 56.99 17.96 -50.52
CA TYR A 120 58.33 18.29 -50.97
C TYR A 120 58.62 17.73 -52.35
N PHE A 121 59.35 18.52 -53.15
CA PHE A 121 59.82 18.11 -54.47
C PHE A 121 61.32 18.37 -54.55
N GLN A 122 62.11 17.30 -54.54
CA GLN A 122 63.56 17.44 -54.61
C GLN A 122 63.97 17.88 -56.00
N TYR A 123 64.94 18.79 -56.08
CA TYR A 123 65.42 19.27 -57.36
C TYR A 123 66.56 18.38 -57.84
N ARG A 124 66.34 17.68 -58.95
CA ARG A 124 67.38 16.89 -59.61
C ARG A 124 67.84 17.55 -60.91
N GLY A 125 67.64 18.87 -61.02
CA GLY A 125 68.12 19.64 -62.15
C GLY A 125 69.63 19.66 -62.26
N MET A 126 70.10 20.14 -63.41
CA MET A 126 71.52 20.05 -63.72
C MET A 126 72.36 20.91 -62.77
N GLU A 127 71.89 22.12 -62.47
CA GLU A 127 72.55 23.01 -61.51
C GLU A 127 71.57 23.36 -60.40
N ARG A 128 72.03 23.27 -59.14
CA ARG A 128 71.18 23.61 -58.00
C ARG A 128 70.63 25.02 -58.11
N ALA A 129 71.38 25.91 -58.75
CA ALA A 129 70.96 27.29 -58.92
C ALA A 129 69.72 27.41 -59.79
N PHE A 130 69.41 26.40 -60.60
CA PHE A 130 68.28 26.44 -61.52
C PHE A 130 66.95 26.12 -60.86
N ILE A 131 66.96 25.75 -59.57
CA ILE A 131 65.72 25.46 -58.87
C ILE A 131 64.83 26.70 -58.84
N GLY A 132 65.43 27.90 -58.89
CA GLY A 132 64.63 29.12 -58.92
C GLY A 132 63.73 29.23 -60.14
N ASP A 133 64.24 28.84 -61.32
CA ASP A 133 63.40 28.84 -62.51
C ASP A 133 62.27 27.82 -62.40
N ALA A 134 62.59 26.58 -62.00
CA ALA A 134 61.56 25.59 -61.80
C ALA A 134 60.51 26.08 -60.81
N ALA A 135 60.93 26.86 -59.83
CA ALA A 135 59.98 27.45 -58.89
C ALA A 135 59.07 28.44 -59.58
N GLY A 136 59.62 29.26 -60.48
CA GLY A 136 58.81 30.25 -61.18
C GLY A 136 57.67 29.65 -62.01
N TYR A 137 57.91 28.50 -62.63
CA TYR A 137 56.86 27.88 -63.44
C TYR A 137 55.75 27.28 -62.59
N VAL A 138 56.11 26.60 -61.50
CA VAL A 138 55.11 26.03 -60.59
C VAL A 138 54.26 27.13 -59.95
N ILE A 139 54.91 28.17 -59.41
CA ILE A 139 54.16 29.25 -58.77
C ILE A 139 53.24 29.93 -59.76
N SER A 140 53.70 30.07 -61.01
CA SER A 140 52.84 30.64 -62.05
C SER A 140 51.65 29.71 -62.32
N GLU A 141 51.89 28.40 -62.36
CA GLU A 141 50.79 27.47 -62.55
C GLU A 141 49.87 27.41 -61.33
N ALA A 142 50.43 27.58 -60.12
CA ALA A 142 49.59 27.61 -58.92
C ALA A 142 48.69 28.83 -58.93
N LYS A 143 49.27 30.01 -59.15
CA LYS A 143 48.47 31.23 -59.23
C LYS A 143 47.54 31.19 -60.43
N LYS A 144 47.85 30.40 -61.45
CA LYS A 144 46.94 30.22 -62.57
C LYS A 144 45.69 29.47 -62.14
N LYS A 145 45.82 28.55 -61.19
CA LYS A 145 44.72 27.71 -60.73
C LYS A 145 44.13 28.19 -59.40
N GLY A 146 44.53 29.38 -58.93
CA GLY A 146 43.91 29.99 -57.77
C GLY A 146 44.43 29.55 -56.42
N PHE A 147 45.65 29.02 -56.36
CA PHE A 147 46.23 28.51 -55.12
C PHE A 147 47.27 29.48 -54.58
N SER A 148 47.12 29.85 -53.31
CA SER A 148 48.11 30.66 -52.62
C SER A 148 49.10 29.71 -51.96
N ALA A 149 50.37 29.81 -52.34
CA ALA A 149 51.41 28.99 -51.74
C ALA A 149 51.86 29.61 -50.43
N GLN A 150 51.46 29.00 -49.31
CA GLN A 150 51.80 29.51 -47.98
C GLN A 150 53.26 29.24 -47.67
N ASP A 151 53.96 30.29 -47.23
CA ASP A 151 55.38 30.20 -46.90
C ASP A 151 56.09 29.39 -47.98
N TYR A 152 56.37 30.04 -49.10
CA TYR A 152 56.89 29.35 -50.27
C TYR A 152 58.41 29.40 -50.16
N ARG A 153 59.06 28.24 -50.29
CA ARG A 153 60.48 28.21 -49.96
C ARG A 153 61.20 27.05 -50.63
N ILE A 154 62.47 27.30 -50.92
CA ILE A 154 63.40 26.27 -51.33
C ILE A 154 64.13 25.82 -50.07
N VAL A 155 64.23 24.50 -49.87
CA VAL A 155 64.67 23.99 -48.59
C VAL A 155 65.72 22.91 -48.77
N LEU A 156 66.49 22.70 -47.71
CA LEU A 156 67.37 21.56 -47.55
C LEU A 156 66.87 20.77 -46.35
N ILE A 157 66.57 19.49 -46.56
CA ILE A 157 65.94 18.68 -45.54
C ILE A 157 66.85 17.52 -45.15
N GLU A 158 66.78 17.16 -43.88
CA GLU A 158 67.51 16.04 -43.31
C GLU A 158 66.54 15.10 -42.64
N PRO A 159 66.85 13.80 -42.57
CA PRO A 159 65.95 12.88 -41.87
C PRO A 159 65.81 13.26 -40.40
N ASP A 160 64.60 13.10 -39.89
CA ASP A 160 64.29 13.36 -38.49
C ASP A 160 63.75 12.06 -37.88
N ARG A 161 63.33 12.16 -36.62
CA ARG A 161 62.70 11.03 -35.95
C ARG A 161 61.48 10.55 -36.75
N VAL A 162 60.59 11.47 -37.11
CA VAL A 162 59.43 11.18 -37.96
C VAL A 162 59.63 11.96 -39.25
N GLY A 163 60.00 11.27 -40.33
CA GLY A 163 60.12 11.91 -41.62
C GLY A 163 61.36 12.77 -41.80
N TYR A 164 61.18 14.09 -41.91
CA TYR A 164 62.29 15.01 -42.14
C TYR A 164 62.10 16.29 -41.35
N PHE A 165 63.12 17.16 -41.40
CA PHE A 165 63.02 18.51 -40.88
C PHE A 165 63.90 19.39 -41.75
N GLU A 166 63.57 20.68 -41.80
CA GLU A 166 64.21 21.64 -42.69
C GLU A 166 65.43 22.23 -42.00
N SER A 167 66.63 21.82 -42.44
CA SER A 167 67.85 22.35 -41.85
C SER A 167 68.00 23.84 -42.16
N ASN A 168 67.84 24.21 -43.42
CA ASN A 168 67.91 25.61 -43.82
C ASN A 168 66.80 25.85 -44.82
N ALA A 169 66.21 27.05 -44.76
CA ALA A 169 65.10 27.41 -45.63
C ALA A 169 65.27 28.86 -46.04
N ILE A 170 64.81 29.17 -47.25
CA ILE A 170 64.90 30.51 -47.81
C ILE A 170 63.62 30.79 -48.58
N SER A 171 63.08 32.00 -48.40
CA SER A 171 61.88 32.40 -49.13
C SER A 171 62.16 32.44 -50.64
N TYR A 172 61.12 32.17 -51.42
CA TYR A 172 61.26 32.24 -52.88
C TYR A 172 61.69 33.64 -53.30
N GLU A 173 61.18 34.67 -52.62
CA GLU A 173 61.57 36.03 -52.93
C GLU A 173 63.05 36.27 -52.69
N GLU A 174 63.60 35.71 -51.59
CA GLU A 174 65.03 35.90 -51.31
C GLU A 174 65.93 35.08 -52.24
N PHE A 175 65.48 33.90 -52.66
CA PHE A 175 66.30 33.11 -53.60
C PHE A 175 66.44 33.82 -54.93
N ILE A 176 65.45 34.63 -55.32
CA ILE A 176 65.43 35.26 -56.64
C ILE A 176 65.98 36.69 -56.62
N GLU A 177 65.85 37.40 -55.50
CA GLU A 177 66.20 38.82 -55.48
C GLU A 177 67.43 39.15 -54.64
N ASN A 178 68.10 38.19 -54.04
CA ASN A 178 69.26 38.46 -53.21
C ASN A 178 70.33 37.42 -53.50
N PRO A 179 71.24 37.72 -54.45
CA PRO A 179 72.32 36.77 -54.76
C PRO A 179 73.20 36.48 -53.57
N SER A 180 73.37 37.45 -52.67
CA SER A 180 74.11 37.21 -51.43
C SER A 180 73.45 36.08 -50.64
N ALA A 181 72.15 36.22 -50.39
CA ALA A 181 71.41 35.17 -49.70
C ALA A 181 71.36 33.87 -50.51
N ARG A 182 71.27 33.96 -51.84
CA ARG A 182 71.14 32.75 -52.66
C ARG A 182 72.37 31.87 -52.55
N GLU A 183 73.57 32.43 -52.78
CA GLU A 183 74.78 31.64 -52.67
C GLU A 183 75.04 31.23 -51.22
N ASN A 184 74.55 32.02 -50.26
CA ASN A 184 74.59 31.58 -48.86
C ASN A 184 73.86 30.25 -48.68
N PHE A 185 72.70 30.10 -49.34
CA PHE A 185 71.91 28.88 -49.24
C PHE A 185 72.49 27.71 -50.02
N LEU A 186 72.75 27.91 -51.32
CA LEU A 186 73.34 26.87 -52.14
C LEU A 186 74.65 26.32 -51.55
N LEU A 187 75.28 27.10 -50.66
CA LEU A 187 76.53 26.66 -50.03
C LEU A 187 76.31 25.50 -49.08
N LYS A 188 75.32 25.60 -48.20
CA LYS A 188 75.08 24.55 -47.22
C LYS A 188 74.49 23.28 -47.82
N ALA A 189 74.17 23.25 -49.12
CA ALA A 189 73.59 22.07 -49.78
C ALA A 189 74.68 21.02 -49.97
N THR A 190 74.77 20.09 -49.02
CA THR A 190 75.78 19.03 -49.02
C THR A 190 75.09 17.67 -49.14
N LYS A 191 75.89 16.59 -49.04
CA LYS A 191 75.41 15.24 -49.30
C LYS A 191 74.45 14.73 -48.23
N ASP A 192 74.49 15.30 -47.02
CA ASP A 192 73.55 14.89 -45.98
C ASP A 192 72.20 15.61 -46.10
N ARG A 193 72.12 16.63 -46.95
CA ARG A 193 70.86 17.34 -47.21
C ARG A 193 70.40 17.09 -48.63
N THR A 194 69.10 17.25 -48.85
CA THR A 194 68.47 17.13 -50.17
C THR A 194 67.85 18.47 -50.52
N LEU A 195 68.19 19.00 -51.70
CA LEU A 195 67.62 20.25 -52.16
C LEU A 195 66.21 19.99 -52.66
N ALA A 196 65.24 20.73 -52.12
CA ALA A 196 63.84 20.42 -52.41
C ALA A 196 62.99 21.68 -52.34
N LEU A 197 61.88 21.66 -53.08
CA LEU A 197 60.85 22.68 -53.01
C LEU A 197 59.76 22.30 -52.02
N ALA A 198 59.36 23.25 -51.16
CA ALA A 198 58.33 23.03 -50.15
C ALA A 198 57.04 23.70 -50.59
N VAL A 199 56.01 22.91 -50.90
CA VAL A 199 54.74 23.42 -51.40
C VAL A 199 53.67 23.25 -50.33
N SER A 200 53.18 24.36 -49.79
CA SER A 200 52.06 24.41 -48.85
C SER A 200 50.92 25.18 -49.51
N LEU A 201 49.68 24.71 -49.33
CA LEU A 201 48.56 25.36 -50.00
C LEU A 201 47.96 26.49 -49.18
N ALA A 202 46.66 26.47 -48.89
CA ALA A 202 46.07 27.54 -48.08
C ALA A 202 45.14 27.06 -46.96
N GLN A 203 44.15 27.90 -46.63
CA GLN A 203 43.09 27.65 -45.65
C GLN A 203 43.56 27.67 -44.20
N THR A 204 43.72 28.87 -43.62
CA THR A 204 44.08 29.04 -42.22
C THR A 204 42.98 29.64 -41.37
N GLY A 205 42.16 30.53 -41.93
CA GLY A 205 41.14 31.21 -41.15
C GLY A 205 40.15 30.29 -40.48
N GLU A 206 39.31 30.92 -39.68
CA GLU A 206 38.31 30.22 -38.90
C GLU A 206 37.19 29.70 -39.80
N ILE A 207 36.42 28.76 -39.26
CA ILE A 207 35.50 27.94 -40.04
C ILE A 207 34.06 28.26 -39.70
N ALA A 208 33.22 28.33 -40.74
CA ALA A 208 31.80 28.62 -40.62
C ALA A 208 31.01 27.33 -40.38
N MET A 209 29.97 27.42 -39.54
CA MET A 209 29.11 26.26 -39.28
C MET A 209 28.18 26.00 -40.44
N GLN A 210 28.10 24.75 -40.87
CA GLN A 210 27.43 24.34 -42.10
C GLN A 210 26.08 23.71 -41.83
N ARG A 211 25.19 23.85 -42.82
CA ARG A 211 23.80 23.41 -42.71
C ARG A 211 23.64 21.90 -42.66
N ASP A 212 24.66 21.13 -43.03
CA ASP A 212 24.62 19.68 -42.90
C ASP A 212 25.14 19.20 -41.55
N GLY A 213 25.57 20.11 -40.69
CA GLY A 213 26.06 19.77 -39.37
C GLY A 213 27.38 19.02 -39.36
N SER A 214 28.01 18.86 -40.52
CA SER A 214 29.28 18.15 -40.58
C SER A 214 30.35 18.89 -39.80
N VAL A 215 30.21 20.19 -39.64
CA VAL A 215 31.16 20.99 -38.90
C VAL A 215 30.73 21.03 -37.45
N ALA A 216 31.63 20.64 -36.56
CA ALA A 216 31.34 20.61 -35.15
C ALA A 216 31.86 21.86 -34.47
N PHE A 217 31.18 22.26 -33.40
CA PHE A 217 31.68 23.34 -32.57
C PHE A 217 33.03 22.96 -31.98
N LEU A 218 33.81 23.98 -31.66
CA LEU A 218 35.06 23.76 -30.96
C LEU A 218 34.83 23.52 -29.48
N GLU A 219 35.75 22.79 -28.87
CA GLU A 219 35.66 22.46 -27.45
C GLU A 219 35.60 23.72 -26.60
N ASP A 220 34.71 23.70 -25.60
CA ASP A 220 34.53 24.78 -24.62
C ASP A 220 34.02 26.07 -25.24
N SER A 221 33.54 26.03 -26.48
CA SER A 221 32.94 27.20 -27.09
C SER A 221 31.49 27.37 -26.64
N GLU A 222 31.02 28.62 -26.66
CA GLU A 222 29.69 28.97 -26.17
C GLU A 222 28.84 29.50 -27.31
N LEU A 223 27.64 28.94 -27.45
CA LEU A 223 26.64 29.43 -28.40
C LEU A 223 25.75 30.45 -27.70
N CYS A 224 25.67 31.66 -28.24
CA CYS A 224 25.02 32.76 -27.55
C CYS A 224 23.91 33.35 -28.41
N TRP A 225 23.01 34.07 -27.74
CA TRP A 225 21.99 34.88 -28.35
C TRP A 225 22.22 36.33 -27.96
N ASP A 226 22.04 37.25 -28.92
CA ASP A 226 21.87 38.64 -28.51
C ASP A 226 20.62 38.76 -27.65
N THR A 227 20.80 39.26 -26.44
CA THR A 227 19.69 39.47 -25.54
C THR A 227 19.69 40.92 -25.06
N ALA A 228 18.52 41.42 -24.71
CA ALA A 228 18.53 42.71 -24.04
C ALA A 228 18.98 42.57 -22.59
N ALA A 229 19.15 41.33 -22.11
CA ALA A 229 19.65 41.06 -20.76
C ALA A 229 21.13 41.38 -20.61
N GLY A 230 21.83 41.66 -21.72
CA GLY A 230 23.20 42.10 -21.67
C GLY A 230 24.22 41.04 -22.03
N SER A 231 24.78 40.40 -21.01
CA SER A 231 25.74 39.32 -21.21
C SER A 231 25.37 38.11 -20.38
N ALA A 232 26.19 37.07 -20.54
CA ALA A 232 26.23 35.88 -19.69
C ALA A 232 24.90 35.14 -19.52
N LYS A 233 23.78 35.80 -19.71
CA LYS A 233 22.48 35.16 -19.52
C LYS A 233 21.88 34.60 -20.79
N SER A 234 22.61 34.56 -21.90
CA SER A 234 22.05 34.05 -23.14
C SER A 234 22.81 32.89 -23.77
N CYS A 235 23.85 32.34 -23.15
CA CYS A 235 24.73 31.40 -23.82
C CYS A 235 24.53 29.99 -23.27
N LEU A 236 25.17 29.03 -23.94
CA LEU A 236 25.16 27.65 -23.52
C LEU A 236 26.34 26.93 -24.16
N SER A 237 26.70 25.79 -23.59
CA SER A 237 27.83 25.02 -24.11
C SER A 237 27.66 23.57 -23.70
N VAL A 238 28.42 22.69 -24.34
CA VAL A 238 28.52 21.30 -23.94
C VAL A 238 29.88 21.12 -23.27
N ARG A 239 29.85 20.86 -21.96
CA ARG A 239 31.04 20.71 -21.15
C ARG A 239 31.26 19.24 -20.81
N TYR A 240 32.52 18.87 -20.59
CA TYR A 240 32.90 17.51 -20.19
C TYR A 240 33.59 17.56 -18.83
N ASP A 241 33.31 16.56 -17.99
CA ASP A 241 33.90 16.45 -16.66
C ASP A 241 34.98 15.37 -16.74
N THR A 242 36.25 15.80 -16.65
CA THR A 242 37.37 14.90 -16.87
C THR A 242 37.37 13.73 -15.89
N VAL A 243 36.85 13.92 -14.68
CA VAL A 243 36.78 12.82 -13.73
C VAL A 243 35.47 12.05 -13.86
N GLY A 244 34.34 12.76 -14.00
CA GLY A 244 33.05 12.10 -14.03
C GLY A 244 32.77 11.32 -15.29
N ASN A 245 33.51 11.59 -16.37
CA ASN A 245 33.32 10.94 -17.68
C ASN A 245 31.87 11.10 -18.16
N LYS A 246 31.36 12.33 -18.03
CA LYS A 246 30.01 12.71 -18.43
C LYS A 246 30.05 14.03 -19.17
N THR A 247 29.26 14.13 -20.24
CA THR A 247 29.12 15.35 -21.02
C THR A 247 27.92 16.12 -20.48
N GLU A 248 28.09 17.42 -20.27
CA GLU A 248 27.07 18.26 -19.66
C GLU A 248 26.62 19.31 -20.66
N LEU A 249 25.31 19.44 -20.83
CA LEU A 249 24.73 20.48 -21.67
C LEU A 249 24.35 21.65 -20.77
N ASP A 250 25.24 22.63 -20.68
CA ASP A 250 25.13 23.67 -19.65
C ASP A 250 24.14 24.72 -20.13
N LEU A 251 22.98 24.76 -19.48
CA LEU A 251 21.97 25.79 -19.75
C LEU A 251 21.77 26.72 -18.56
N LYS A 252 22.63 26.60 -17.54
CA LYS A 252 22.48 27.38 -16.31
C LYS A 252 22.66 28.86 -16.56
N GLN A 253 23.16 29.24 -17.74
CA GLN A 253 23.20 30.64 -18.11
C GLN A 253 21.81 31.16 -18.48
N ILE A 254 20.91 30.26 -18.89
CA ILE A 254 19.53 30.65 -19.17
C ILE A 254 18.73 30.59 -17.88
N ASP A 255 17.97 31.65 -17.61
CA ASP A 255 17.21 31.73 -16.36
C ASP A 255 16.15 30.65 -16.30
N VAL A 256 15.32 30.56 -17.34
CA VAL A 256 14.23 29.60 -17.43
C VAL A 256 14.34 28.90 -18.77
N VAL A 257 14.12 27.59 -18.78
CA VAL A 257 14.02 26.83 -20.01
C VAL A 257 12.59 26.31 -20.12
N SER A 258 11.88 26.75 -21.15
CA SER A 258 10.46 26.44 -21.30
C SER A 258 10.26 25.51 -22.49
N ALA A 259 9.89 24.27 -22.22
CA ALA A 259 9.60 23.28 -23.25
C ALA A 259 8.13 22.91 -23.24
N LYS A 260 7.73 22.15 -24.25
CA LYS A 260 6.40 21.56 -24.24
C LYS A 260 6.45 20.15 -23.65
N GLY A 261 6.60 19.14 -24.50
CA GLY A 261 6.84 17.80 -23.99
C GLY A 261 8.26 17.64 -23.49
N LEU A 262 8.42 16.73 -22.52
CA LEU A 262 9.68 16.55 -21.82
C LEU A 262 9.78 15.13 -21.25
N SER A 263 10.92 14.47 -21.51
CA SER A 263 11.22 13.15 -20.97
C SER A 263 12.67 13.13 -20.49
N PHE A 264 12.93 12.31 -19.47
CA PHE A 264 14.27 12.13 -18.92
C PHE A 264 14.45 10.66 -18.60
N GLU A 265 15.64 10.30 -18.15
CA GLU A 265 15.98 8.91 -17.87
C GLU A 265 16.46 8.77 -16.43
N SER A 266 15.95 7.76 -15.72
CA SER A 266 16.34 7.49 -14.34
C SER A 266 16.48 5.99 -14.16
N ASP A 267 17.73 5.51 -14.03
CA ASP A 267 18.04 4.09 -13.84
C ASP A 267 17.46 3.23 -14.97
N GLY A 268 17.77 3.62 -16.20
CA GLY A 268 17.38 2.86 -17.38
C GLY A 268 15.95 3.06 -17.84
N LYS A 269 15.08 3.61 -17.00
CA LYS A 269 13.70 3.86 -17.38
C LYS A 269 13.54 5.33 -17.79
N THR A 270 12.79 5.54 -18.87
CA THR A 270 12.47 6.89 -19.31
C THR A 270 11.18 7.34 -18.64
N LYS A 271 11.19 8.55 -18.07
CA LYS A 271 10.06 9.03 -17.29
C LYS A 271 9.75 10.48 -17.65
N THR A 272 8.50 10.87 -17.39
CA THR A 272 8.05 12.25 -17.41
C THR A 272 7.93 12.77 -15.98
N PRO A 273 7.96 14.08 -15.76
CA PRO A 273 7.88 14.59 -14.40
C PRO A 273 6.52 14.32 -13.79
N VAL A 274 6.50 14.01 -12.50
CA VAL A 274 5.23 13.75 -11.85
C VAL A 274 4.51 15.08 -11.61
N VAL A 275 3.22 15.10 -11.89
CA VAL A 275 2.38 16.29 -11.76
C VAL A 275 1.22 15.96 -10.83
N SER A 276 0.77 16.98 -10.10
CA SER A 276 -0.07 16.76 -8.94
C SER A 276 -1.35 17.58 -8.98
N THR A 277 -2.42 16.98 -8.43
CA THR A 277 -3.71 17.61 -8.25
C THR A 277 -4.27 17.27 -6.87
N TYR A 278 -4.96 18.24 -6.27
CA TYR A 278 -5.60 18.07 -4.96
C TYR A 278 -7.06 17.63 -5.18
N GLU A 279 -7.41 16.46 -4.65
CA GLU A 279 -8.68 15.82 -4.99
C GLU A 279 -9.42 15.40 -3.72
N THR A 280 -10.74 15.56 -3.73
CA THR A 280 -11.64 14.99 -2.74
C THR A 280 -12.83 14.37 -3.46
N PHE A 281 -13.48 13.41 -2.79
CA PHE A 281 -14.68 12.80 -3.36
C PHE A 281 -15.88 13.73 -3.22
N GLN A 282 -16.69 13.77 -4.27
CA GLN A 282 -17.97 14.46 -4.24
C GLN A 282 -19.06 13.57 -3.66
N ASP A 283 -20.15 14.22 -3.23
CA ASP A 283 -21.29 13.53 -2.63
C ASP A 283 -21.79 12.38 -3.50
N GLY A 284 -22.35 11.37 -2.82
CA GLY A 284 -22.89 10.19 -3.45
C GLY A 284 -22.08 8.94 -3.25
N GLY A 285 -20.92 9.03 -2.60
CA GLY A 285 -20.09 7.86 -2.42
C GLY A 285 -19.63 7.23 -3.72
N ARG A 286 -19.65 8.00 -4.80
CA ARG A 286 -19.25 7.52 -6.12
C ARG A 286 -17.75 7.65 -6.31
N ALA A 287 -17.18 6.75 -7.09
CA ALA A 287 -15.76 6.83 -7.37
C ALA A 287 -15.45 8.16 -8.04
N LYS A 288 -14.24 8.65 -7.86
CA LYS A 288 -13.84 9.91 -8.44
C LYS A 288 -13.10 9.62 -9.73
N THR A 289 -13.51 10.29 -10.80
CA THR A 289 -12.88 10.13 -12.09
C THR A 289 -11.92 11.28 -12.32
N ILE A 290 -10.67 10.93 -12.61
CA ILE A 290 -9.65 11.89 -13.00
C ILE A 290 -9.10 11.43 -14.32
N ASN A 291 -9.07 12.34 -15.29
CA ASN A 291 -8.65 11.97 -16.63
C ASN A 291 -7.15 11.72 -16.65
N ALA A 292 -6.74 10.63 -17.30
CA ALA A 292 -5.33 10.29 -17.37
C ALA A 292 -4.60 11.22 -18.32
N ILE A 293 -3.38 11.61 -17.94
CA ILE A 293 -2.59 12.46 -18.79
C ILE A 293 -2.26 11.70 -20.07
N GLU A 294 -2.10 12.44 -21.16
CA GLU A 294 -1.75 11.84 -22.45
C GLU A 294 -0.28 11.44 -22.44
N CYS A 295 -0.01 10.14 -22.63
CA CYS A 295 1.40 9.80 -22.53
C CYS A 295 2.06 9.85 -23.90
N PRO A 296 3.32 10.30 -23.93
CA PRO A 296 4.08 10.31 -25.19
C PRO A 296 4.17 8.94 -25.84
N THR A 297 4.50 8.95 -27.13
CA THR A 297 4.60 7.71 -27.89
C THR A 297 5.62 6.78 -27.24
N GLY A 298 5.17 5.57 -26.90
CA GLY A 298 6.02 4.57 -26.28
C GLY A 298 5.98 4.53 -24.77
N LEU A 299 5.22 5.41 -24.12
CA LEU A 299 5.07 5.37 -22.67
C LEU A 299 3.61 5.19 -22.29
N ASN A 300 3.40 4.65 -21.10
CA ASN A 300 2.08 4.34 -20.57
C ASN A 300 1.87 5.04 -19.24
N ASN A 301 0.59 5.17 -18.88
CA ASN A 301 0.19 5.99 -17.73
C ASN A 301 0.55 5.32 -16.41
N ARG A 302 0.98 6.13 -15.45
CA ARG A 302 1.16 5.70 -14.07
C ARG A 302 0.36 6.62 -13.16
N PHE A 303 0.00 6.09 -11.99
CA PHE A 303 -0.84 6.82 -11.05
C PHE A 303 -0.54 6.33 -9.64
N ALA A 304 -0.65 7.25 -8.69
CA ALA A 304 -0.54 6.94 -7.27
C ALA A 304 -1.34 7.95 -6.47
N ALA A 305 -2.09 7.46 -5.49
CA ALA A 305 -2.82 8.29 -4.55
C ALA A 305 -2.22 8.12 -3.17
N VAL A 306 -2.01 9.22 -2.48
CA VAL A 306 -1.39 9.21 -1.17
C VAL A 306 -2.23 10.06 -0.23
N VAL A 307 -2.20 9.71 1.04
CA VAL A 307 -3.13 10.30 2.00
C VAL A 307 -2.61 11.66 2.45
N SER A 308 -3.49 12.66 2.39
CA SER A 308 -3.20 13.99 2.91
C SER A 308 -4.00 14.26 4.17
N SER A 309 -5.32 14.42 4.08
CA SER A 309 -6.17 14.67 5.23
C SER A 309 -7.31 13.66 5.23
N PHE A 310 -7.81 13.32 6.43
CA PHE A 310 -8.90 12.36 6.57
C PHE A 310 -9.50 12.47 7.96
N SER A 311 -10.74 12.01 8.07
CA SER A 311 -11.38 11.77 9.35
C SER A 311 -12.35 10.62 9.17
N THR A 312 -13.07 10.28 10.23
CA THR A 312 -14.04 9.20 10.19
C THR A 312 -15.46 9.69 9.96
N ALA A 313 -15.62 10.91 9.44
CA ALA A 313 -16.96 11.45 9.27
C ALA A 313 -17.72 10.76 8.15
N GLY A 314 -17.04 10.07 7.24
CA GLY A 314 -17.71 9.46 6.11
C GLY A 314 -18.24 10.51 5.15
N GLN A 315 -19.56 10.63 5.07
CA GLN A 315 -20.20 11.61 4.20
C GLN A 315 -20.39 12.97 4.87
N ASN A 316 -20.21 13.06 6.18
CA ASN A 316 -20.49 14.29 6.93
C ASN A 316 -19.23 15.16 7.04
N ALA A 317 -18.71 15.58 5.88
CA ALA A 317 -17.48 16.35 5.87
C ALA A 317 -17.32 17.09 4.55
N ASN A 318 -16.47 18.11 4.55
CA ASN A 318 -16.08 18.84 3.35
C ASN A 318 -14.60 19.19 3.48
N PHE A 319 -13.76 18.45 2.77
CA PHE A 319 -12.31 18.64 2.81
C PHE A 319 -11.77 19.35 1.57
N SER A 320 -12.64 19.95 0.76
CA SER A 320 -12.23 20.50 -0.54
C SER A 320 -11.38 21.75 -0.43
N SER A 321 -11.23 22.33 0.76
CA SER A 321 -10.38 23.49 0.95
C SER A 321 -9.01 23.04 1.43
N GLU A 322 -7.97 23.52 0.75
CA GLU A 322 -6.61 23.17 1.14
C GLU A 322 -6.24 23.75 2.49
N SER A 323 -6.96 24.76 2.96
CA SER A 323 -6.59 25.49 4.17
C SER A 323 -7.36 25.07 5.41
N ALA A 324 -8.48 24.35 5.26
CA ALA A 324 -9.27 23.95 6.43
C ALA A 324 -10.06 22.69 6.10
N LYS A 325 -10.48 22.00 7.16
CA LYS A 325 -11.20 20.73 7.05
C LYS A 325 -12.45 20.78 7.92
N ASP A 326 -13.60 20.55 7.30
CA ASP A 326 -14.89 20.51 7.99
C ASP A 326 -15.23 19.05 8.26
N SER A 327 -15.36 18.68 9.54
CA SER A 327 -15.63 17.31 9.95
C SER A 327 -16.74 17.33 10.99
N GLN A 328 -17.90 16.79 10.63
CA GLN A 328 -19.09 16.87 11.47
C GLN A 328 -19.40 15.58 12.22
N GLY A 329 -18.48 14.61 12.20
CA GLY A 329 -18.63 13.40 12.98
C GLY A 329 -19.21 12.24 12.19
N THR A 330 -19.30 11.11 12.88
CA THR A 330 -19.70 9.86 12.27
C THR A 330 -21.22 9.71 12.28
N THR A 331 -21.75 9.19 11.18
CA THR A 331 -23.17 8.90 11.13
C THR A 331 -23.49 7.79 12.11
N GLN A 332 -24.44 8.04 13.01
CA GLN A 332 -24.88 7.00 13.93
C GLN A 332 -26.03 6.22 13.31
N LYS A 333 -26.34 5.07 13.91
CA LYS A 333 -27.40 4.20 13.37
C LYS A 333 -28.78 4.82 13.51
N ASP A 334 -28.96 5.70 14.50
CA ASP A 334 -30.23 6.36 14.74
C ASP A 334 -30.41 7.59 13.86
N GLY A 335 -29.55 7.77 12.85
CA GLY A 335 -29.65 8.85 11.90
C GLY A 335 -28.98 10.15 12.31
N SER A 336 -28.65 10.31 13.59
CA SER A 336 -28.03 11.52 14.08
C SER A 336 -26.53 11.51 13.80
N LYS A 337 -25.93 12.70 13.87
CA LYS A 337 -24.49 12.85 13.70
C LYS A 337 -23.86 12.84 15.08
N GLY A 338 -23.00 11.87 15.35
CA GLY A 338 -22.39 11.74 16.65
C GLY A 338 -20.95 12.19 16.63
N PRO A 339 -20.16 11.67 17.56
CA PRO A 339 -18.73 11.97 17.57
C PRO A 339 -17.98 11.14 16.53
N HIS A 340 -16.74 11.54 16.28
CA HIS A 340 -15.93 10.86 15.28
C HIS A 340 -15.50 9.50 15.80
N ALA A 341 -15.94 8.44 15.12
CA ALA A 341 -15.59 7.10 15.53
C ALA A 341 -14.10 6.83 15.34
N LEU A 342 -13.63 5.77 15.98
CA LEU A 342 -12.22 5.41 15.87
C LEU A 342 -11.96 4.66 14.56
N LEU A 343 -10.71 4.70 14.12
CA LEU A 343 -10.33 4.28 12.78
C LEU A 343 -9.45 3.03 12.81
N SER A 344 -9.56 2.24 11.75
CA SER A 344 -8.80 1.00 11.62
C SER A 344 -8.02 0.88 10.32
N GLY A 345 -8.39 1.58 9.25
CA GLY A 345 -7.67 1.45 8.01
C GLY A 345 -8.24 2.36 6.94
N ILE A 346 -7.40 2.67 5.96
CA ILE A 346 -7.75 3.45 4.79
C ILE A 346 -7.20 2.72 3.57
N SER A 347 -8.04 2.53 2.56
CA SER A 347 -7.64 1.86 1.32
C SER A 347 -7.75 2.84 0.17
N LEU A 348 -6.67 2.95 -0.61
CA LEU A 348 -6.66 3.74 -1.84
C LEU A 348 -6.41 2.79 -3.01
N ASN A 349 -7.40 2.69 -3.89
CA ASN A 349 -7.37 1.80 -5.04
C ASN A 349 -7.68 2.59 -6.30
N TRP A 350 -6.97 2.28 -7.38
CA TRP A 350 -7.12 3.00 -8.64
C TRP A 350 -6.99 2.05 -9.82
N THR A 351 -7.82 2.29 -10.84
CA THR A 351 -7.87 1.45 -12.03
C THR A 351 -8.05 2.32 -13.27
N LEU A 352 -7.25 2.04 -14.30
CA LEU A 352 -7.28 2.79 -15.54
C LEU A 352 -8.19 2.09 -16.55
N THR A 353 -9.16 2.84 -17.09
CA THR A 353 -10.09 2.31 -18.08
C THR A 353 -10.39 3.39 -19.11
N ASN A 354 -9.84 3.24 -20.31
CA ASN A 354 -10.11 4.12 -21.45
C ASN A 354 -9.87 5.58 -21.09
N LYS A 355 -8.59 5.89 -20.83
CA LYS A 355 -8.09 7.24 -20.59
C LYS A 355 -8.69 7.89 -19.33
N VAL A 356 -9.24 7.09 -18.42
CA VAL A 356 -9.81 7.60 -17.17
C VAL A 356 -9.36 6.70 -16.03
N TRP A 357 -8.78 7.31 -15.00
CA TRP A 357 -8.44 6.61 -13.77
C TRP A 357 -9.65 6.62 -12.85
N ASP A 358 -10.12 5.44 -12.48
CA ASP A 358 -11.22 5.29 -11.54
C ASP A 358 -10.64 5.08 -10.15
N VAL A 359 -10.90 6.04 -9.26
CA VAL A 359 -10.30 6.06 -7.93
C VAL A 359 -11.38 5.70 -6.92
N THR A 360 -11.11 4.67 -6.12
CA THR A 360 -12.00 4.27 -5.05
C THR A 360 -11.26 4.32 -3.72
N ALA A 361 -12.01 4.58 -2.66
CA ALA A 361 -11.46 4.67 -1.32
C ALA A 361 -12.43 4.05 -0.33
N SER A 362 -11.89 3.63 0.81
CA SER A 362 -12.71 3.09 1.88
C SER A 362 -12.01 3.33 3.21
N ILE A 363 -12.72 3.96 4.14
CA ILE A 363 -12.21 4.19 5.48
C ILE A 363 -12.86 3.19 6.42
N GLY A 364 -12.06 2.35 7.06
CA GLY A 364 -12.57 1.37 8.00
C GLY A 364 -12.57 1.89 9.41
N ILE A 365 -13.74 1.92 10.05
CA ILE A 365 -13.90 2.46 11.38
C ILE A 365 -14.50 1.38 12.28
N GLU A 366 -14.58 1.69 13.57
CA GLU A 366 -15.20 0.78 14.52
C GLU A 366 -16.66 0.55 14.14
N SER A 367 -17.09 -0.71 14.14
CA SER A 367 -18.45 -1.05 13.77
C SER A 367 -19.41 -0.74 14.92
N GLY A 368 -20.67 -1.14 14.80
CA GLY A 368 -21.67 -0.92 15.83
C GLY A 368 -22.01 0.54 16.08
N ILE A 369 -21.55 1.41 15.19
CA ILE A 369 -21.90 2.83 15.20
C ILE A 369 -22.62 3.22 13.91
N LEU A 370 -22.13 2.72 12.77
CA LEU A 370 -22.76 3.03 11.49
C LEU A 370 -24.06 2.25 11.34
N PRO A 371 -25.01 2.77 10.55
CA PRO A 371 -26.24 2.02 10.26
C PRO A 371 -25.96 0.69 9.58
N THR A 372 -27.02 -0.07 9.35
CA THR A 372 -26.87 -1.38 8.72
C THR A 372 -26.64 -1.26 7.21
N SER A 373 -27.13 -0.18 6.59
CA SER A 373 -27.01 0.02 5.16
C SER A 373 -26.68 1.47 4.86
N GLY A 374 -26.15 1.70 3.66
CA GLY A 374 -25.87 3.04 3.17
C GLY A 374 -24.42 3.20 2.75
N ILE A 375 -24.08 4.45 2.39
CA ILE A 375 -22.71 4.77 2.02
C ILE A 375 -21.78 4.51 3.19
N ASP A 376 -22.11 5.08 4.35
CA ASP A 376 -21.39 4.81 5.60
C ASP A 376 -22.21 3.76 6.34
N SER A 377 -21.76 2.50 6.28
CA SER A 377 -22.54 1.39 6.80
C SER A 377 -21.60 0.30 7.30
N GLY A 378 -22.07 -0.45 8.29
CA GLY A 378 -21.31 -1.55 8.85
C GLY A 378 -20.03 -1.11 9.53
N SER A 379 -18.91 -1.26 8.82
CA SER A 379 -17.61 -0.83 9.33
C SER A 379 -16.85 -0.01 8.29
N LEU A 380 -17.55 0.56 7.31
CA LEU A 380 -16.90 1.19 6.16
C LEU A 380 -17.56 2.52 5.84
N LEU A 381 -16.72 3.52 5.57
CA LEU A 381 -17.15 4.77 4.96
C LEU A 381 -16.70 4.69 3.50
N ARG A 382 -17.65 4.47 2.59
CA ARG A 382 -17.31 4.19 1.20
C ARG A 382 -17.13 5.48 0.43
N ASN A 383 -15.99 5.60 -0.26
CA ASN A 383 -15.57 6.78 -1.00
C ASN A 383 -15.95 8.05 -0.23
N PRO A 384 -15.42 8.23 0.98
CA PRO A 384 -15.92 9.30 1.85
C PRO A 384 -15.39 10.66 1.43
N LYS A 385 -16.18 11.68 1.75
CA LYS A 385 -15.73 13.07 1.59
C LYS A 385 -14.75 13.47 2.67
N SER A 386 -14.72 12.74 3.78
CA SER A 386 -13.80 13.05 4.88
C SER A 386 -12.42 12.49 4.55
N LEU A 387 -11.90 12.86 3.38
CA LEU A 387 -10.60 12.38 2.92
C LEU A 387 -10.13 13.30 1.81
N SER A 388 -8.88 13.77 1.94
CA SER A 388 -8.20 14.50 0.87
C SER A 388 -6.93 13.75 0.54
N PHE A 389 -6.75 13.43 -0.74
CA PHE A 389 -5.58 12.71 -1.21
C PHE A 389 -4.95 13.48 -2.35
N ILE A 390 -3.63 13.31 -2.47
CA ILE A 390 -2.85 13.95 -3.51
C ILE A 390 -2.63 12.95 -4.64
N ALA A 391 -3.01 13.35 -5.85
CA ALA A 391 -2.93 12.48 -7.02
C ALA A 391 -1.69 12.81 -7.82
N PHE A 392 -0.80 11.83 -7.97
CA PHE A 392 0.42 11.96 -8.76
C PHE A 392 0.24 11.20 -10.06
N GLN A 393 0.63 11.83 -11.18
CA GLN A 393 0.63 11.18 -12.48
C GLN A 393 1.96 11.37 -13.18
N TRP A 394 2.41 10.31 -13.86
CA TRP A 394 3.60 10.37 -14.71
C TRP A 394 3.55 9.19 -15.67
N CYS A 395 4.42 9.23 -16.68
CA CYS A 395 4.50 8.19 -17.70
C CYS A 395 5.89 7.56 -17.67
N GLU A 396 5.94 6.25 -17.97
CA GLU A 396 7.21 5.55 -17.99
C GLU A 396 7.11 4.34 -18.92
N ASN A 397 8.28 3.79 -19.25
CA ASN A 397 8.40 2.67 -20.18
C ASN A 397 8.70 1.36 -19.47
N SER B 8 40.68 44.44 -66.31
CA SER B 8 41.20 45.56 -65.53
C SER B 8 41.82 45.01 -64.25
N SER B 9 43.08 45.37 -63.97
CA SER B 9 43.78 44.87 -62.80
C SER B 9 43.80 45.91 -61.69
N ASN B 10 43.27 47.10 -61.97
CA ASN B 10 42.93 48.02 -60.90
C ASN B 10 41.65 47.55 -60.22
N ALA B 11 40.64 47.21 -61.02
CA ALA B 11 39.41 46.64 -60.48
C ALA B 11 39.67 45.30 -59.81
N PHE B 12 40.56 44.50 -60.40
CA PHE B 12 40.96 43.24 -59.78
C PHE B 12 41.53 43.49 -58.40
N ASP B 13 42.42 44.48 -58.29
CA ASP B 13 42.97 44.86 -56.99
C ASP B 13 41.92 45.54 -56.10
N VAL B 14 40.99 46.30 -56.70
CA VAL B 14 39.96 46.97 -55.91
C VAL B 14 39.01 45.96 -55.29
N ILE B 15 38.59 44.97 -56.07
CA ILE B 15 37.64 43.99 -55.55
C ILE B 15 38.28 43.14 -54.47
N GLU B 16 39.56 42.80 -54.63
CA GLU B 16 40.25 42.02 -53.60
C GLU B 16 40.25 42.76 -52.27
N LEU B 17 40.62 44.03 -52.27
CA LEU B 17 40.62 44.82 -51.04
C LEU B 17 39.21 44.95 -50.47
N SER B 18 38.22 45.12 -51.34
CA SER B 18 36.84 45.28 -50.89
C SER B 18 36.36 44.01 -50.19
N SER B 19 36.65 42.83 -50.76
CA SER B 19 36.17 41.59 -50.16
C SER B 19 36.88 41.27 -48.85
N GLN B 20 38.18 41.53 -48.77
CA GLN B 20 38.90 41.32 -47.51
C GLN B 20 38.41 42.28 -46.43
N ILE B 21 38.00 43.49 -46.82
CA ILE B 21 37.37 44.38 -45.86
C ILE B 21 36.05 43.79 -45.38
N GLN B 22 35.32 43.11 -46.26
CA GLN B 22 34.09 42.46 -45.84
C GLN B 22 34.36 41.33 -44.86
N ARG B 23 35.40 40.52 -45.12
CA ARG B 23 35.77 39.47 -44.17
C ARG B 23 36.11 40.05 -42.80
N TYR B 24 37.04 41.01 -42.77
CA TYR B 24 37.40 41.67 -41.53
C TYR B 24 36.17 42.26 -40.84
N ALA B 25 35.29 42.90 -41.60
CA ALA B 25 34.13 43.53 -40.99
C ALA B 25 33.18 42.50 -40.36
N SER B 26 33.25 41.24 -40.80
CA SER B 26 32.30 40.23 -40.40
C SER B 26 32.78 39.34 -39.26
N LEU B 27 34.04 39.47 -38.81
CA LEU B 27 34.60 38.61 -37.79
C LEU B 27 34.56 39.28 -36.42
N SER B 28 34.08 38.54 -35.42
CA SER B 28 34.15 39.02 -34.05
C SER B 28 35.51 38.71 -33.43
N LYS B 29 36.11 37.58 -33.80
CA LYS B 29 37.43 37.19 -33.33
C LYS B 29 38.31 36.89 -34.52
N ILE B 30 39.57 37.33 -34.43
CA ILE B 30 40.57 37.09 -35.45
C ILE B 30 41.80 36.55 -34.75
N ASN B 31 42.20 35.33 -35.10
CA ASN B 31 43.34 34.66 -34.45
C ASN B 31 43.12 34.51 -32.94
N ASN B 32 41.91 34.06 -32.57
CA ASN B 32 41.51 33.80 -31.19
C ASN B 32 41.50 35.07 -30.32
N ARG B 33 41.49 36.24 -30.93
CA ARG B 33 41.49 37.49 -30.18
C ARG B 33 40.42 38.41 -30.74
N THR B 34 39.87 39.22 -29.84
CA THR B 34 38.78 40.13 -30.21
C THR B 34 39.23 41.06 -31.32
N ASN B 35 38.33 41.29 -32.28
CA ASN B 35 38.58 42.26 -33.33
C ASN B 35 38.83 43.64 -32.72
N PRO B 36 40.01 44.23 -32.93
CA PRO B 36 40.32 45.51 -32.25
C PRO B 36 39.36 46.64 -32.55
N ILE B 37 38.67 46.61 -33.70
CA ILE B 37 37.77 47.71 -34.05
C ILE B 37 36.50 47.70 -33.22
N LEU B 38 36.22 46.61 -32.50
CA LEU B 38 35.04 46.48 -31.67
C LEU B 38 35.27 46.89 -30.22
N LYS B 39 36.51 47.25 -29.86
CA LYS B 39 36.88 47.53 -28.48
C LYS B 39 36.65 48.99 -28.07
N ASP B 40 35.89 49.75 -28.85
CA ASP B 40 35.61 51.13 -28.50
C ASP B 40 34.09 51.31 -28.40
N ASN B 41 33.67 52.57 -28.19
CA ASN B 41 32.27 52.93 -28.01
C ASN B 41 31.83 54.05 -28.93
N LYS B 42 32.68 54.48 -29.86
CA LYS B 42 32.37 55.61 -30.71
C LYS B 42 31.42 55.20 -31.84
N ALA B 43 30.59 56.15 -32.27
CA ALA B 43 29.57 55.85 -33.27
C ALA B 43 30.12 55.83 -34.70
N LYS B 44 31.26 56.47 -34.94
CA LYS B 44 31.89 56.48 -36.26
C LYS B 44 33.40 56.55 -36.09
N GLU B 45 34.12 55.80 -36.90
CA GLU B 45 35.58 55.89 -36.94
C GLU B 45 36.07 55.68 -38.36
N PHE B 46 37.08 56.46 -38.74
CA PHE B 46 37.66 56.41 -40.08
C PHE B 46 39.05 55.79 -40.03
N LYS B 47 39.28 54.79 -40.89
CA LYS B 47 40.57 54.13 -41.02
C LYS B 47 41.31 54.62 -42.25
N ASP B 48 42.61 54.87 -42.10
CA ASP B 48 43.40 55.59 -43.08
C ASP B 48 43.64 54.76 -44.33
N ALA B 49 44.01 55.46 -45.40
CA ALA B 49 44.33 54.79 -46.66
C ALA B 49 45.58 53.93 -46.56
N ASP B 50 46.44 54.19 -45.58
CA ASP B 50 47.69 53.46 -45.44
C ASP B 50 47.48 51.99 -45.11
N LEU B 51 46.27 51.61 -44.68
CA LEU B 51 45.93 50.22 -44.42
C LEU B 51 46.78 49.60 -43.31
N LYS B 52 47.30 50.42 -42.38
CA LYS B 52 47.96 49.87 -41.21
C LYS B 52 47.01 49.07 -40.34
N TRP B 53 45.76 49.52 -40.24
CA TRP B 53 44.76 48.86 -39.41
C TRP B 53 44.37 47.48 -39.93
N LEU B 54 44.73 47.14 -41.17
CA LEU B 54 44.37 45.85 -41.75
C LEU B 54 45.56 44.90 -41.86
N LYS B 55 46.76 45.35 -41.52
CA LYS B 55 47.94 44.49 -41.58
C LYS B 55 48.21 43.88 -40.21
N LEU B 56 48.84 42.71 -40.23
CA LEU B 56 49.08 41.97 -39.01
C LEU B 56 50.05 42.72 -38.10
N GLU B 57 49.93 42.45 -36.79
CA GLU B 57 50.85 43.06 -35.83
C GLU B 57 52.26 42.48 -35.95
N ASN B 58 52.39 41.23 -36.40
CA ASN B 58 53.68 40.55 -36.49
C ASN B 58 54.45 40.93 -37.74
N CYS B 59 54.08 42.04 -38.37
CA CYS B 59 54.74 42.47 -39.58
C CYS B 59 55.99 43.26 -39.18
N PRO B 60 56.97 43.39 -40.09
CA PRO B 60 58.16 44.22 -39.79
C PRO B 60 57.78 45.53 -39.13
N THR B 61 56.77 46.21 -39.68
CA THR B 61 56.11 47.32 -38.99
C THR B 61 54.80 46.82 -38.39
N ALA B 62 54.64 47.04 -37.08
CA ALA B 62 53.50 46.47 -36.36
C ALA B 62 52.20 47.11 -36.82
N GLY B 63 51.25 46.27 -37.27
CA GLY B 63 49.91 46.70 -37.58
C GLY B 63 48.96 46.57 -36.40
N ASP B 64 47.67 46.76 -36.69
CA ASP B 64 46.64 46.69 -35.67
C ASP B 64 45.91 45.36 -35.63
N VAL B 65 46.18 44.45 -36.57
CA VAL B 65 45.48 43.17 -36.60
C VAL B 65 46.21 42.20 -35.69
N PRO B 66 45.52 41.55 -34.76
CA PRO B 66 46.21 40.70 -33.77
C PRO B 66 46.57 39.33 -34.31
N THR B 67 47.61 38.76 -33.69
CA THR B 67 48.07 37.41 -33.93
C THR B 67 47.86 36.58 -32.68
N THR B 68 48.04 35.26 -32.81
CA THR B 68 47.96 34.42 -31.62
C THR B 68 49.11 34.73 -30.66
N GLY B 69 50.24 35.20 -31.19
CA GLY B 69 51.40 35.40 -30.35
C GLY B 69 52.40 34.28 -30.61
N ASN B 70 51.86 33.07 -30.77
CA ASN B 70 52.63 31.85 -30.99
C ASN B 70 52.92 31.68 -32.48
N ASN B 71 54.21 31.64 -32.82
CA ASN B 71 54.66 31.60 -34.21
C ASN B 71 54.66 30.19 -34.79
N ASN B 72 54.20 29.18 -34.07
CA ASN B 72 54.00 27.86 -34.66
C ASN B 72 52.66 27.73 -35.36
N ASP B 73 51.69 28.56 -35.02
CA ASP B 73 50.35 28.51 -35.59
C ASP B 73 50.26 29.24 -36.93
N LEU B 74 49.30 28.79 -37.75
CA LEU B 74 48.96 29.45 -39.01
C LEU B 74 48.27 30.78 -38.71
N GLN B 75 48.80 31.88 -39.22
CA GLN B 75 48.26 33.20 -38.93
C GLN B 75 47.24 33.62 -39.99
N ASP B 76 45.99 33.79 -39.56
CA ASP B 76 44.97 34.36 -40.43
C ASP B 76 45.30 35.83 -40.70
N GLN B 77 45.29 36.23 -41.97
CA GLN B 77 45.63 37.60 -42.36
C GLN B 77 44.72 38.08 -43.49
N PHE B 78 44.77 39.39 -43.74
CA PHE B 78 43.95 40.02 -44.77
C PHE B 78 44.78 40.59 -45.92
N ILE B 79 45.86 41.30 -45.63
CA ILE B 79 46.75 41.84 -46.66
C ILE B 79 48.19 41.59 -46.26
N ALA B 80 49.07 41.50 -47.27
CA ALA B 80 50.50 41.36 -47.04
C ALA B 80 51.06 42.61 -46.34
N CYS B 81 52.28 42.47 -45.81
CA CYS B 81 52.86 43.53 -44.99
C CYS B 81 53.27 44.73 -45.85
N ASP B 82 53.74 44.46 -47.06
CA ASP B 82 54.16 45.48 -48.02
C ASP B 82 53.02 45.97 -48.91
N ALA B 83 51.79 45.56 -48.63
CA ALA B 83 50.68 45.86 -49.52
C ALA B 83 50.37 47.34 -49.51
N ASP B 84 50.01 47.85 -50.69
CA ASP B 84 49.58 49.24 -50.82
C ASP B 84 48.62 49.34 -51.99
N TYR B 85 47.44 49.90 -51.73
CA TYR B 85 46.40 50.04 -52.74
C TYR B 85 46.11 51.49 -53.09
N ARG B 86 47.03 52.40 -52.79
CA ARG B 86 46.93 53.78 -53.27
C ARG B 86 47.52 53.91 -54.67
N LYS B 87 47.11 53.02 -55.57
CA LYS B 87 47.59 52.96 -56.95
C LYS B 87 46.39 52.84 -57.89
N GLY B 88 46.64 53.12 -59.17
CA GLY B 88 45.65 52.91 -60.20
C GLY B 88 44.60 54.00 -60.32
N ASP B 89 43.74 53.85 -61.34
CA ASP B 89 42.70 54.84 -61.61
C ASP B 89 41.81 55.06 -60.40
N LEU B 90 41.54 54.00 -59.64
CA LEU B 90 40.74 54.08 -58.43
C LEU B 90 41.68 53.79 -57.27
N SER B 91 42.08 54.85 -56.57
CA SER B 91 43.11 54.77 -55.54
C SER B 91 42.45 54.73 -54.18
N TYR B 92 42.78 53.72 -53.38
CA TYR B 92 42.16 53.54 -52.07
C TYR B 92 42.43 54.75 -51.18
N PHE B 93 41.36 55.27 -50.59
CA PHE B 93 41.41 56.50 -49.81
C PHE B 93 41.14 56.29 -48.32
N GLY B 94 40.66 55.12 -47.94
CA GLY B 94 40.23 54.86 -46.58
C GLY B 94 38.82 54.31 -46.54
N SER B 95 38.39 53.93 -45.34
CA SER B 95 37.08 53.34 -45.14
C SER B 95 36.39 53.99 -43.96
N GLN B 96 35.10 54.28 -44.12
CA GLN B 96 34.28 54.90 -43.08
C GLN B 96 33.36 53.84 -42.48
N PHE B 97 33.58 53.52 -41.20
CA PHE B 97 32.72 52.61 -40.46
C PHE B 97 31.70 53.37 -39.62
N GLU B 98 30.46 52.88 -39.61
CA GLU B 98 29.42 53.37 -38.72
C GLU B 98 29.00 52.25 -37.79
N PHE B 99 28.89 52.55 -36.50
CA PHE B 99 28.63 51.55 -35.47
C PHE B 99 27.32 51.85 -34.75
N SER B 100 26.85 50.85 -34.00
CA SER B 100 25.83 51.03 -32.98
C SER B 100 26.33 50.44 -31.67
N THR B 101 25.88 51.00 -30.56
CA THR B 101 26.30 50.46 -29.27
C THR B 101 25.76 49.05 -29.09
N TYR B 102 26.64 48.16 -28.65
CA TYR B 102 26.26 46.77 -28.48
C TYR B 102 26.89 46.14 -27.25
N VAL B 103 26.21 45.14 -26.74
CA VAL B 103 26.65 44.40 -25.56
C VAL B 103 26.82 42.94 -25.96
N HIS B 104 28.05 42.45 -25.89
CA HIS B 104 28.21 41.08 -26.38
C HIS B 104 27.90 40.09 -25.27
N PRO B 105 27.16 39.03 -25.61
CA PRO B 105 26.69 38.10 -24.57
C PRO B 105 27.79 37.29 -23.92
N SER B 106 29.01 37.26 -24.48
CA SER B 106 30.06 36.40 -23.93
C SER B 106 31.46 36.99 -24.06
N ASN B 107 31.59 38.23 -24.51
CA ASN B 107 32.89 38.85 -24.71
C ASN B 107 32.81 40.30 -24.26
N PRO B 108 33.33 40.62 -23.07
CA PRO B 108 33.21 41.98 -22.55
C PRO B 108 34.03 43.02 -23.31
N GLU B 109 35.01 42.60 -24.09
CA GLU B 109 35.81 43.56 -24.86
C GLU B 109 35.03 44.16 -26.02
N ILE B 110 33.91 43.54 -26.39
CA ILE B 110 33.06 44.03 -27.47
C ILE B 110 32.04 45.02 -26.90
N GLN B 111 32.08 46.27 -27.38
CA GLN B 111 31.20 47.30 -26.90
C GLN B 111 30.38 47.93 -28.01
N ARG B 112 30.60 47.55 -29.27
CA ARG B 112 29.84 48.07 -30.39
C ARG B 112 29.87 47.05 -31.52
N GLN B 113 28.88 47.15 -32.40
CA GLN B 113 28.79 46.29 -33.58
C GLN B 113 28.70 47.16 -34.83
N ILE B 114 29.16 46.60 -35.94
CA ILE B 114 29.28 47.36 -37.18
C ILE B 114 27.93 47.42 -37.88
N LYS B 115 27.52 48.62 -38.28
CA LYS B 115 26.28 48.76 -39.04
C LYS B 115 26.52 48.72 -40.55
N GLN B 116 27.51 49.47 -41.02
CA GLN B 116 27.79 49.57 -42.44
C GLN B 116 29.22 50.03 -42.64
N VAL B 117 29.84 49.53 -43.71
CA VAL B 117 31.20 49.91 -44.08
C VAL B 117 31.15 50.49 -45.48
N VAL B 118 31.74 51.66 -45.65
CA VAL B 118 31.85 52.31 -46.96
C VAL B 118 33.32 52.57 -47.21
N SER B 119 33.86 51.96 -48.26
CA SER B 119 35.26 52.08 -48.64
C SER B 119 35.37 52.97 -49.86
N TYR B 120 36.24 53.97 -49.79
CA TYR B 120 36.35 54.98 -50.82
C TYR B 120 37.60 54.77 -51.67
N PHE B 121 37.44 54.96 -52.98
CA PHE B 121 38.55 54.89 -53.93
C PHE B 121 38.52 56.15 -54.77
N GLN B 122 39.47 57.06 -54.56
CA GLN B 122 39.45 58.30 -55.31
C GLN B 122 39.87 58.08 -56.76
N TYR B 123 39.16 58.74 -57.67
CA TYR B 123 39.48 58.70 -59.08
C TYR B 123 40.48 59.81 -59.40
N ARG B 124 41.66 59.41 -59.87
CA ARG B 124 42.66 60.37 -60.33
C ARG B 124 42.77 60.40 -61.84
N GLY B 125 41.76 59.92 -62.55
CA GLY B 125 41.81 60.02 -64.00
C GLY B 125 41.75 61.46 -64.46
N MET B 126 42.26 61.70 -65.67
CA MET B 126 42.37 63.07 -66.17
C MET B 126 40.99 63.65 -66.50
N GLU B 127 40.05 62.80 -66.89
CA GLU B 127 38.70 63.23 -67.19
C GLU B 127 37.75 62.67 -66.15
N ARG B 128 36.98 63.56 -65.52
CA ARG B 128 36.02 63.16 -64.51
C ARG B 128 34.93 62.25 -65.04
N ALA B 129 34.53 62.42 -66.31
CA ALA B 129 33.44 61.64 -66.86
C ALA B 129 33.76 60.16 -66.96
N PHE B 130 35.04 59.79 -66.93
CA PHE B 130 35.44 58.41 -67.11
C PHE B 130 35.38 57.59 -65.83
N ILE B 131 35.10 58.21 -64.69
CA ILE B 131 34.99 57.43 -63.46
C ILE B 131 33.84 56.43 -63.55
N GLY B 132 32.77 56.79 -64.27
CA GLY B 132 31.68 55.85 -64.47
C GLY B 132 32.11 54.65 -65.28
N ASP B 133 32.94 54.88 -66.30
CA ASP B 133 33.47 53.76 -67.08
C ASP B 133 34.37 52.88 -66.22
N ALA B 134 35.31 53.49 -65.50
CA ALA B 134 36.17 52.73 -64.60
C ALA B 134 35.38 52.00 -63.53
N ALA B 135 34.29 52.62 -63.05
CA ALA B 135 33.46 51.98 -62.03
C ALA B 135 32.79 50.73 -62.57
N GLY B 136 32.30 50.79 -63.82
CA GLY B 136 31.63 49.63 -64.40
C GLY B 136 32.52 48.41 -64.42
N TYR B 137 33.82 48.60 -64.60
CA TYR B 137 34.75 47.47 -64.58
C TYR B 137 34.87 46.90 -63.18
N VAL B 138 34.87 47.77 -62.17
CA VAL B 138 34.92 47.29 -60.79
C VAL B 138 33.70 46.43 -60.48
N ILE B 139 32.51 46.94 -60.81
CA ILE B 139 31.28 46.19 -60.55
C ILE B 139 31.27 44.88 -61.31
N SER B 140 31.72 44.91 -62.57
CA SER B 140 31.78 43.68 -63.35
C SER B 140 32.79 42.71 -62.75
N GLU B 141 33.92 43.23 -62.27
CA GLU B 141 34.93 42.38 -61.65
C GLU B 141 34.43 41.80 -60.32
N ALA B 142 33.59 42.54 -59.60
CA ALA B 142 33.02 42.03 -58.36
C ALA B 142 32.13 40.82 -58.63
N LYS B 143 31.22 40.94 -59.60
CA LYS B 143 30.34 39.84 -59.92
C LYS B 143 31.11 38.65 -60.47
N LYS B 144 32.29 38.91 -61.05
CA LYS B 144 33.13 37.85 -61.59
C LYS B 144 33.73 36.99 -60.49
N LYS B 145 34.09 37.60 -59.36
CA LYS B 145 34.79 36.89 -58.29
C LYS B 145 33.87 36.47 -57.16
N GLY B 146 32.55 36.64 -57.31
CA GLY B 146 31.64 36.13 -56.31
C GLY B 146 31.48 37.01 -55.09
N PHE B 147 31.80 38.29 -55.20
CA PHE B 147 31.71 39.22 -54.09
C PHE B 147 30.44 40.04 -54.22
N SER B 148 29.57 39.94 -53.22
CA SER B 148 28.33 40.70 -53.16
C SER B 148 28.55 41.95 -52.32
N ALA B 149 28.37 43.12 -52.93
CA ALA B 149 28.37 44.37 -52.20
C ALA B 149 26.95 44.87 -52.12
N GLN B 150 26.74 45.92 -51.34
CA GLN B 150 25.37 46.37 -51.09
C GLN B 150 24.99 47.60 -51.88
N ASP B 151 25.88 48.56 -52.06
CA ASP B 151 25.50 49.74 -52.82
C ASP B 151 26.73 50.46 -53.36
N TYR B 152 26.78 50.64 -54.68
CA TYR B 152 27.87 51.32 -55.37
C TYR B 152 27.39 52.73 -55.70
N ARG B 153 28.27 53.72 -55.48
CA ARG B 153 27.88 55.11 -55.63
C ARG B 153 29.11 55.95 -55.95
N ILE B 154 28.89 57.00 -56.73
CA ILE B 154 29.90 58.02 -56.99
C ILE B 154 29.70 59.16 -56.01
N VAL B 155 30.78 59.60 -55.38
CA VAL B 155 30.67 60.52 -54.25
C VAL B 155 31.71 61.64 -54.37
N LEU B 156 31.40 62.75 -53.71
CA LEU B 156 32.36 63.82 -53.43
C LEU B 156 32.47 63.97 -51.93
N ILE B 157 33.68 63.83 -51.40
CA ILE B 157 33.92 63.78 -49.96
C ILE B 157 34.80 64.94 -49.54
N GLU B 158 34.56 65.43 -48.32
CA GLU B 158 35.36 66.48 -47.73
C GLU B 158 35.84 66.08 -46.35
N PRO B 159 37.01 66.56 -45.92
CA PRO B 159 37.49 66.25 -44.57
C PRO B 159 36.55 66.78 -43.49
N ASP B 160 36.46 66.02 -42.41
CA ASP B 160 35.63 66.39 -41.27
C ASP B 160 36.52 66.53 -40.02
N ARG B 161 35.86 66.86 -38.90
CA ARG B 161 36.51 66.86 -37.60
C ARG B 161 37.14 65.51 -37.28
N VAL B 162 36.45 64.43 -37.64
CA VAL B 162 36.95 63.08 -37.38
C VAL B 162 37.49 62.48 -38.68
N GLY B 163 36.62 61.85 -39.46
CA GLY B 163 37.01 61.33 -40.75
C GLY B 163 36.69 62.27 -41.89
N TYR B 164 35.70 61.88 -42.69
CA TYR B 164 35.26 62.66 -43.84
C TYR B 164 33.74 62.63 -43.86
N PHE B 165 33.14 63.39 -44.76
CA PHE B 165 31.69 63.33 -44.94
C PHE B 165 31.33 63.62 -46.39
N GLU B 166 30.18 63.07 -46.81
CA GLU B 166 29.76 63.06 -48.20
C GLU B 166 28.95 64.31 -48.53
N SER B 167 29.57 65.24 -49.28
CA SER B 167 28.88 66.46 -49.69
C SER B 167 27.78 66.17 -50.71
N ASN B 168 28.13 65.50 -51.81
CA ASN B 168 27.17 65.13 -52.83
C ASN B 168 27.47 63.73 -53.34
N ALA B 169 26.43 62.98 -53.67
CA ALA B 169 26.56 61.60 -54.11
C ALA B 169 25.53 61.27 -55.18
N ILE B 170 25.91 60.34 -56.06
CA ILE B 170 25.01 59.86 -57.11
C ILE B 170 25.23 58.37 -57.31
N SER B 171 24.13 57.64 -57.45
CA SER B 171 24.20 56.21 -57.69
C SER B 171 24.87 55.92 -59.03
N TYR B 172 25.52 54.75 -59.11
CA TYR B 172 26.16 54.35 -60.36
C TYR B 172 25.16 54.27 -61.51
N GLU B 173 23.98 53.71 -61.25
CA GLU B 173 23.00 53.58 -62.34
C GLU B 173 22.57 54.95 -62.85
N GLU B 174 22.42 55.92 -61.97
CA GLU B 174 22.06 57.27 -62.41
C GLU B 174 23.22 57.97 -63.09
N PHE B 175 24.45 57.70 -62.67
CA PHE B 175 25.62 58.36 -63.26
C PHE B 175 25.80 58.00 -64.73
N ILE B 176 25.41 56.79 -65.13
CA ILE B 176 25.64 56.33 -66.49
C ILE B 176 24.44 56.55 -67.41
N GLU B 177 23.23 56.64 -66.86
CA GLU B 177 22.02 56.68 -67.66
C GLU B 177 21.35 58.05 -67.68
N ASN B 178 21.93 59.04 -67.01
CA ASN B 178 21.36 60.39 -66.96
C ASN B 178 22.48 61.40 -67.08
N PRO B 179 22.79 61.85 -68.30
CA PRO B 179 23.85 62.85 -68.46
C PRO B 179 23.54 64.16 -67.74
N SER B 180 22.27 64.52 -67.62
CA SER B 180 21.89 65.71 -66.88
C SER B 180 22.34 65.64 -65.43
N ALA B 181 21.96 64.57 -64.72
CA ALA B 181 22.40 64.40 -63.35
C ALA B 181 23.91 64.26 -63.26
N ARG B 182 24.52 63.66 -64.29
CA ARG B 182 25.96 63.44 -64.26
C ARG B 182 26.73 64.75 -64.18
N GLU B 183 26.41 65.70 -65.05
CA GLU B 183 27.16 66.95 -65.10
C GLU B 183 26.85 67.85 -63.91
N ASN B 184 25.62 67.81 -63.38
CA ASN B 184 25.33 68.54 -62.14
C ASN B 184 26.24 68.08 -61.02
N PHE B 185 26.50 66.77 -60.96
CA PHE B 185 27.38 66.23 -59.94
C PHE B 185 28.82 66.62 -60.20
N LEU B 186 29.31 66.38 -61.42
CA LEU B 186 30.63 66.83 -61.80
C LEU B 186 30.80 68.35 -61.67
N LEU B 187 29.69 69.09 -61.66
CA LEU B 187 29.78 70.54 -61.50
C LEU B 187 30.23 70.89 -60.08
N LYS B 188 29.60 70.27 -59.09
CA LYS B 188 29.96 70.57 -57.70
C LYS B 188 31.33 70.04 -57.33
N ALA B 189 32.00 69.35 -58.25
CA ALA B 189 33.34 68.80 -58.05
C ALA B 189 34.33 69.96 -58.06
N THR B 190 34.72 70.40 -56.89
CA THR B 190 35.59 71.56 -56.72
C THR B 190 36.94 71.12 -56.18
N LYS B 191 37.82 72.09 -55.94
CA LYS B 191 39.20 71.79 -55.60
C LYS B 191 39.36 71.23 -54.19
N ASP B 192 38.42 71.55 -53.29
CA ASP B 192 38.47 71.05 -51.92
C ASP B 192 37.80 69.69 -51.74
N ARG B 193 37.13 69.17 -52.76
CA ARG B 193 36.47 67.89 -52.67
C ARG B 193 37.24 66.86 -53.49
N THR B 194 37.08 65.59 -53.13
CA THR B 194 37.73 64.48 -53.82
C THR B 194 36.67 63.59 -54.44
N LEU B 195 36.81 63.35 -55.74
CA LEU B 195 35.92 62.44 -56.45
C LEU B 195 36.33 61.00 -56.13
N ALA B 196 35.37 60.19 -55.68
CA ALA B 196 35.68 58.87 -55.19
C ALA B 196 34.51 57.93 -55.45
N LEU B 197 34.84 56.64 -55.54
CA LEU B 197 33.85 55.58 -55.62
C LEU B 197 33.47 55.12 -54.22
N ALA B 198 32.17 54.99 -53.97
CA ALA B 198 31.65 54.57 -52.68
C ALA B 198 31.17 53.13 -52.78
N VAL B 199 31.88 52.25 -52.09
CA VAL B 199 31.56 50.83 -52.04
C VAL B 199 30.98 50.61 -50.65
N SER B 200 29.70 50.27 -50.58
CA SER B 200 29.02 50.18 -49.29
C SER B 200 28.73 48.73 -48.93
N LEU B 201 29.23 48.34 -47.77
CA LEU B 201 28.93 47.07 -47.12
C LEU B 201 27.86 47.30 -46.08
N ALA B 202 27.01 46.31 -45.85
CA ALA B 202 26.01 46.38 -44.79
C ALA B 202 26.08 45.09 -43.99
N GLN B 203 26.39 45.21 -42.70
CA GLN B 203 26.42 44.03 -41.84
C GLN B 203 24.97 43.66 -41.57
N THR B 204 24.50 42.63 -42.24
CA THR B 204 23.15 42.15 -42.12
C THR B 204 23.10 40.81 -41.41
N GLY B 205 21.91 40.20 -41.42
CA GLY B 205 21.73 38.88 -40.87
C GLY B 205 22.54 37.81 -41.56
N GLU B 206 23.10 38.12 -42.73
CA GLU B 206 23.90 37.19 -43.53
C GLU B 206 25.22 36.88 -42.92
N ILE B 207 25.56 37.30 -41.71
CA ILE B 207 26.93 37.14 -41.25
C ILE B 207 27.05 35.70 -40.76
N ALA B 208 28.17 35.08 -41.08
CA ALA B 208 28.26 33.63 -40.88
C ALA B 208 28.56 33.28 -39.43
N MET B 209 27.86 32.27 -38.92
CA MET B 209 28.08 31.80 -37.56
C MET B 209 29.32 30.93 -37.53
N GLN B 210 30.18 31.20 -36.57
CA GLN B 210 31.49 30.58 -36.54
C GLN B 210 31.52 29.42 -35.55
N ARG B 211 32.33 28.42 -35.85
CA ARG B 211 32.41 27.25 -34.98
C ARG B 211 33.05 27.58 -33.64
N ASP B 212 33.67 28.76 -33.50
CA ASP B 212 34.19 29.22 -32.22
C ASP B 212 33.17 30.00 -31.41
N GLY B 213 31.97 30.18 -31.94
CA GLY B 213 30.91 30.88 -31.24
C GLY B 213 31.13 32.36 -31.01
N SER B 214 32.16 32.95 -31.60
CA SER B 214 32.41 34.36 -31.37
C SER B 214 31.26 35.22 -31.90
N VAL B 215 30.52 34.72 -32.89
CA VAL B 215 29.41 35.46 -33.47
C VAL B 215 28.12 35.07 -32.76
N ALA B 216 27.38 36.05 -32.29
CA ALA B 216 26.13 35.82 -31.58
C ALA B 216 24.93 35.96 -32.51
N PHE B 217 23.87 35.21 -32.20
CA PHE B 217 22.61 35.35 -32.91
C PHE B 217 22.01 36.74 -32.71
N LEU B 218 21.14 37.14 -33.63
CA LEU B 218 20.36 38.35 -33.50
C LEU B 218 19.19 38.14 -32.54
N GLU B 219 18.73 39.25 -31.92
CA GLU B 219 17.65 39.16 -30.94
C GLU B 219 16.40 38.52 -31.55
N ASP B 220 15.82 37.57 -30.82
CA ASP B 220 14.56 36.91 -31.18
C ASP B 220 14.64 36.14 -32.49
N SER B 221 15.85 35.85 -32.96
CA SER B 221 16.00 34.99 -34.12
C SER B 221 15.84 33.53 -33.71
N GLU B 222 15.44 32.70 -34.68
CA GLU B 222 15.06 31.32 -34.42
C GLU B 222 16.02 30.37 -35.10
N LEU B 223 16.52 29.39 -34.35
CA LEU B 223 17.31 28.28 -34.87
C LEU B 223 16.37 27.13 -35.21
N CYS B 224 16.39 26.69 -36.46
CA CYS B 224 15.38 25.77 -36.95
C CYS B 224 16.02 24.51 -37.51
N TRP B 225 15.22 23.44 -37.57
CA TRP B 225 15.55 22.19 -38.23
C TRP B 225 14.54 21.90 -39.34
N ASP B 226 15.04 21.43 -40.48
CA ASP B 226 14.19 20.69 -41.41
C ASP B 226 13.70 19.40 -40.76
N THR B 227 12.40 19.18 -40.81
CA THR B 227 11.78 17.97 -40.29
C THR B 227 11.07 17.25 -41.42
N ALA B 228 10.81 15.97 -41.21
CA ALA B 228 10.11 15.17 -42.20
C ALA B 228 8.64 15.56 -42.36
N ALA B 229 8.16 16.56 -41.61
CA ALA B 229 6.80 17.05 -41.82
C ALA B 229 6.64 17.73 -43.18
N GLY B 230 7.70 17.86 -43.96
CA GLY B 230 7.63 18.41 -45.29
C GLY B 230 8.25 19.80 -45.34
N SER B 231 7.42 20.82 -45.12
CA SER B 231 7.88 22.19 -45.04
C SER B 231 7.46 22.83 -43.72
N ALA B 232 7.21 22.03 -42.70
CA ALA B 232 6.99 22.52 -41.35
C ALA B 232 8.33 22.62 -40.63
N LYS B 233 8.64 23.81 -40.12
CA LYS B 233 9.89 24.05 -39.40
C LYS B 233 9.66 23.89 -37.90
N SER B 234 10.63 23.30 -37.22
CA SER B 234 10.58 23.08 -35.78
C SER B 234 11.74 23.85 -35.16
N CYS B 235 11.44 25.01 -34.60
CA CYS B 235 12.43 25.99 -34.20
C CYS B 235 12.51 26.12 -32.68
N LEU B 236 13.50 26.91 -32.24
CA LEU B 236 13.71 27.26 -30.84
C LEU B 236 14.54 28.54 -30.81
N SER B 237 14.47 29.25 -29.69
CA SER B 237 15.22 30.49 -29.56
C SER B 237 15.40 30.83 -28.09
N VAL B 238 16.29 31.77 -27.82
CA VAL B 238 16.45 32.36 -26.49
C VAL B 238 15.80 33.74 -26.54
N ARG B 239 14.67 33.88 -25.87
CA ARG B 239 13.92 35.12 -25.82
C ARG B 239 14.06 35.75 -24.44
N TYR B 240 13.87 37.07 -24.39
CA TYR B 240 13.87 37.82 -23.16
C TYR B 240 12.49 38.43 -22.95
N ASP B 241 11.96 38.31 -21.74
CA ASP B 241 10.67 38.90 -21.38
C ASP B 241 10.96 40.05 -20.43
N THR B 242 10.90 41.28 -20.96
CA THR B 242 11.13 42.45 -20.12
C THR B 242 10.06 42.55 -19.05
N VAL B 243 8.89 41.96 -19.33
CA VAL B 243 7.80 41.89 -18.38
C VAL B 243 8.04 40.72 -17.44
N GLY B 244 9.32 40.39 -17.23
CA GLY B 244 9.71 39.31 -16.36
C GLY B 244 11.16 39.42 -15.97
N ASN B 245 11.93 40.14 -16.80
CA ASN B 245 13.37 40.30 -16.66
C ASN B 245 14.02 38.92 -16.49
N LYS B 246 13.59 37.99 -17.34
CA LYS B 246 14.04 36.61 -17.28
C LYS B 246 14.32 36.13 -18.69
N THR B 247 15.39 35.36 -18.85
CA THR B 247 15.72 34.78 -20.15
C THR B 247 15.08 33.41 -20.26
N GLU B 248 14.41 33.15 -21.38
CA GLU B 248 13.68 31.92 -21.62
C GLU B 248 14.26 31.21 -22.83
N LEU B 249 14.55 29.92 -22.68
CA LEU B 249 15.01 29.07 -23.77
C LEU B 249 13.78 28.33 -24.30
N ASP B 250 13.15 28.89 -25.32
CA ASP B 250 11.82 28.47 -25.76
C ASP B 250 11.93 27.28 -26.70
N LEU B 251 11.45 26.12 -26.27
CA LEU B 251 11.41 24.92 -27.09
C LEU B 251 10.00 24.50 -27.44
N LYS B 252 9.00 25.34 -27.14
CA LYS B 252 7.60 24.95 -27.27
C LYS B 252 7.17 24.66 -28.70
N GLN B 253 8.01 24.97 -29.70
CA GLN B 253 7.70 24.55 -31.06
C GLN B 253 7.96 23.08 -31.27
N ILE B 254 8.86 22.51 -30.48
CA ILE B 254 9.15 21.08 -30.55
C ILE B 254 8.18 20.34 -29.63
N ASP B 255 7.62 19.25 -30.15
CA ASP B 255 6.60 18.51 -29.42
C ASP B 255 7.14 17.90 -28.14
N VAL B 256 8.23 17.12 -28.24
CA VAL B 256 8.82 16.41 -27.11
C VAL B 256 10.32 16.69 -27.09
N VAL B 257 10.86 16.88 -25.90
CA VAL B 257 12.30 16.97 -25.70
C VAL B 257 12.72 15.76 -24.87
N SER B 258 13.59 14.92 -25.44
CA SER B 258 13.99 13.66 -24.81
C SER B 258 15.44 13.76 -24.37
N ALA B 259 15.66 13.75 -23.05
CA ALA B 259 16.99 13.82 -22.47
C ALA B 259 17.36 12.51 -21.79
N LYS B 260 18.63 12.42 -21.43
CA LYS B 260 19.15 11.34 -20.59
C LYS B 260 19.11 11.83 -19.16
N GLY B 261 20.21 12.41 -18.68
CA GLY B 261 20.18 13.13 -17.43
C GLY B 261 19.53 14.49 -17.58
N LEU B 262 18.97 14.98 -16.48
CA LEU B 262 18.24 16.24 -16.48
C LEU B 262 18.31 16.82 -15.07
N SER B 263 18.74 18.09 -14.96
CA SER B 263 18.82 18.78 -13.68
C SER B 263 18.26 20.18 -13.82
N PHE B 264 17.72 20.68 -12.71
CA PHE B 264 17.16 22.02 -12.63
C PHE B 264 17.54 22.61 -11.28
N GLU B 265 17.15 23.86 -11.05
CA GLU B 265 17.45 24.54 -9.81
C GLU B 265 16.14 25.00 -9.19
N SER B 266 16.01 24.79 -7.88
CA SER B 266 14.82 25.19 -7.13
C SER B 266 15.31 25.87 -5.85
N ASP B 267 15.16 27.19 -5.80
CA ASP B 267 15.58 28.01 -4.67
C ASP B 267 17.07 27.80 -4.36
N GLY B 268 17.90 27.94 -5.40
CA GLY B 268 19.33 27.89 -5.26
C GLY B 268 19.92 26.49 -5.13
N LYS B 269 19.11 25.49 -4.82
CA LYS B 269 19.58 24.12 -4.72
C LYS B 269 19.31 23.38 -6.02
N THR B 270 20.27 22.54 -6.43
CA THR B 270 20.17 21.75 -7.65
C THR B 270 19.42 20.46 -7.36
N LYS B 271 18.46 20.12 -8.23
CA LYS B 271 17.56 19.00 -7.99
C LYS B 271 17.42 18.17 -9.25
N THR B 272 17.09 16.91 -9.07
CA THR B 272 16.63 16.02 -10.11
C THR B 272 15.12 15.84 -9.98
N PRO B 273 14.43 15.41 -11.03
CA PRO B 273 12.98 15.21 -10.90
C PRO B 273 12.71 14.04 -9.97
N VAL B 274 11.66 14.16 -9.17
CA VAL B 274 11.37 13.07 -8.25
C VAL B 274 10.74 11.92 -9.03
N VAL B 275 11.17 10.71 -8.70
CA VAL B 275 10.68 9.51 -9.36
C VAL B 275 10.07 8.61 -8.30
N SER B 276 9.05 7.87 -8.70
CA SER B 276 8.14 7.25 -7.74
C SER B 276 8.00 5.76 -8.03
N THR B 277 7.86 4.97 -6.96
CA THR B 277 7.63 3.55 -7.04
C THR B 277 6.56 3.12 -6.03
N TYR B 278 5.76 2.13 -6.42
CA TYR B 278 4.74 1.55 -5.56
C TYR B 278 5.34 0.30 -4.89
N GLU B 279 5.38 0.29 -3.56
CA GLU B 279 6.12 -0.73 -2.82
C GLU B 279 5.26 -1.38 -1.76
N THR B 280 5.45 -2.69 -1.57
CA THR B 280 4.90 -3.42 -0.46
C THR B 280 5.99 -4.29 0.16
N PHE B 281 5.78 -4.66 1.42
CA PHE B 281 6.70 -5.55 2.10
C PHE B 281 6.51 -6.98 1.64
N GLN B 282 7.60 -7.74 1.63
CA GLN B 282 7.55 -9.15 1.31
C GLN B 282 6.99 -9.95 2.49
N ASP B 283 6.46 -11.12 2.16
CA ASP B 283 5.95 -12.01 3.19
C ASP B 283 7.05 -12.31 4.20
N GLY B 284 6.66 -12.46 5.45
CA GLY B 284 7.63 -12.74 6.50
C GLY B 284 7.92 -11.58 7.42
N GLY B 285 7.35 -10.40 7.18
CA GLY B 285 7.66 -9.26 8.02
C GLY B 285 9.11 -8.82 7.95
N ARG B 286 9.81 -9.14 6.88
CA ARG B 286 11.20 -8.76 6.70
C ARG B 286 11.28 -7.37 6.09
N ALA B 287 12.36 -6.66 6.42
CA ALA B 287 12.56 -5.28 5.96
C ALA B 287 12.57 -5.21 4.44
N LYS B 288 12.23 -4.02 3.93
CA LYS B 288 12.15 -3.77 2.49
C LYS B 288 13.42 -3.11 1.99
N THR B 289 14.02 -3.70 0.95
CA THR B 289 15.22 -3.16 0.31
C THR B 289 14.85 -2.48 -1.00
N ILE B 290 15.27 -1.23 -1.14
CA ILE B 290 15.06 -0.46 -2.37
C ILE B 290 16.41 0.11 -2.81
N ASN B 291 16.74 -0.09 -4.08
CA ASN B 291 18.00 0.41 -4.62
C ASN B 291 17.93 1.92 -4.81
N ALA B 292 18.98 2.61 -4.39
CA ALA B 292 19.03 4.05 -4.52
C ALA B 292 19.31 4.46 -5.97
N ILE B 293 18.65 5.54 -6.40
CA ILE B 293 18.87 6.05 -7.75
C ILE B 293 20.31 6.52 -7.89
N GLU B 294 20.82 6.46 -9.11
CA GLU B 294 22.16 6.97 -9.39
C GLU B 294 22.12 8.49 -9.43
N CYS B 295 22.84 9.13 -8.50
CA CYS B 295 22.76 10.58 -8.51
C CYS B 295 23.90 11.16 -9.33
N PRO B 296 23.63 12.24 -10.09
CA PRO B 296 24.72 12.93 -10.77
C PRO B 296 25.77 13.41 -9.79
N THR B 297 26.98 13.63 -10.32
CA THR B 297 28.09 14.09 -9.50
C THR B 297 27.74 15.43 -8.86
N GLY B 298 27.88 15.50 -7.53
CA GLY B 298 27.57 16.70 -6.78
C GLY B 298 26.21 16.73 -6.14
N LEU B 299 25.41 15.68 -6.29
CA LEU B 299 24.11 15.56 -5.65
C LEU B 299 24.08 14.31 -4.77
N ASN B 300 23.18 14.32 -3.79
CA ASN B 300 23.07 13.25 -2.82
C ASN B 300 21.69 12.61 -2.91
N ASN B 301 21.60 11.36 -2.47
CA ASN B 301 20.35 10.65 -2.60
C ASN B 301 19.35 11.17 -1.57
N ARG B 302 18.10 11.29 -1.98
CA ARG B 302 17.02 11.58 -1.06
C ARG B 302 15.94 10.53 -1.24
N PHE B 303 15.13 10.37 -0.19
CA PHE B 303 14.11 9.34 -0.18
C PHE B 303 12.96 9.82 0.69
N ALA B 304 11.75 9.42 0.30
CA ALA B 304 10.57 9.68 1.11
C ALA B 304 9.55 8.60 0.81
N ALA B 305 8.97 8.05 1.87
CA ALA B 305 7.89 7.08 1.76
C ALA B 305 6.63 7.69 2.33
N VAL B 306 5.52 7.54 1.61
CA VAL B 306 4.24 8.10 2.03
C VAL B 306 3.16 7.03 1.91
N VAL B 307 2.17 7.12 2.79
CA VAL B 307 1.19 6.04 2.94
C VAL B 307 0.13 6.14 1.86
N SER B 308 -0.18 5.01 1.23
CA SER B 308 -1.27 4.91 0.28
C SER B 308 -2.43 4.14 0.90
N SER B 309 -2.27 2.83 1.09
CA SER B 309 -3.31 2.01 1.69
C SER B 309 -2.70 1.25 2.86
N PHE B 310 -3.52 0.95 3.86
CA PHE B 310 -3.07 0.23 5.02
C PHE B 310 -4.28 -0.32 5.76
N SER B 311 -4.04 -1.36 6.55
CA SER B 311 -5.01 -1.84 7.51
C SER B 311 -4.25 -2.41 8.70
N THR B 312 -5.01 -2.95 9.66
CA THR B 312 -4.43 -3.53 10.86
C THR B 312 -4.29 -5.05 10.75
N ALA B 313 -4.28 -5.58 9.53
CA ALA B 313 -4.25 -7.02 9.33
C ALA B 313 -2.90 -7.64 9.68
N GLY B 314 -1.84 -6.85 9.78
CA GLY B 314 -0.52 -7.37 10.05
C GLY B 314 0.01 -8.22 8.93
N GLN B 315 0.16 -9.51 9.16
CA GLN B 315 0.66 -10.42 8.13
C GLN B 315 -0.45 -11.03 7.28
N ASN B 316 -1.71 -10.90 7.70
CA ASN B 316 -2.82 -11.53 6.99
C ASN B 316 -3.38 -10.58 5.92
N ALA B 317 -2.55 -10.25 4.95
CA ALA B 317 -2.95 -9.31 3.92
C ALA B 317 -2.05 -9.43 2.70
N ASN B 318 -2.54 -8.95 1.57
CA ASN B 318 -1.79 -8.88 0.32
C ASN B 318 -2.18 -7.57 -0.35
N PHE B 319 -1.32 -6.55 -0.21
CA PHE B 319 -1.59 -5.22 -0.76
C PHE B 319 -0.78 -4.92 -2.01
N SER B 320 -0.16 -5.93 -2.63
CA SER B 320 0.75 -5.71 -3.75
C SER B 320 0.05 -5.28 -5.02
N SER B 321 -1.29 -5.32 -5.06
CA SER B 321 -2.04 -4.89 -6.24
C SER B 321 -2.49 -3.45 -6.06
N GLU B 322 -2.19 -2.61 -7.05
CA GLU B 322 -2.58 -1.20 -7.00
C GLU B 322 -4.09 -1.01 -7.10
N SER B 323 -4.81 -1.99 -7.64
CA SER B 323 -6.22 -1.81 -7.95
C SER B 323 -7.16 -2.35 -6.87
N ALA B 324 -6.66 -3.18 -5.96
CA ALA B 324 -7.50 -3.76 -4.92
C ALA B 324 -6.62 -4.11 -3.72
N LYS B 325 -7.26 -4.25 -2.56
CA LYS B 325 -6.57 -4.53 -1.32
C LYS B 325 -7.21 -5.73 -0.65
N ASP B 326 -6.41 -6.76 -0.38
CA ASP B 326 -6.85 -7.97 0.31
C ASP B 326 -6.45 -7.82 1.77
N SER B 327 -7.44 -7.81 2.66
CA SER B 327 -7.21 -7.61 4.09
C SER B 327 -7.98 -8.67 4.85
N GLN B 328 -7.26 -9.59 5.50
CA GLN B 328 -7.85 -10.76 6.14
C GLN B 328 -7.96 -10.61 7.66
N GLY B 329 -7.67 -9.43 8.20
CA GLY B 329 -7.90 -9.14 9.61
C GLY B 329 -6.69 -9.34 10.50
N THR B 330 -6.91 -9.02 11.78
CA THR B 330 -5.86 -9.02 12.80
C THR B 330 -5.71 -10.40 13.42
N THR B 331 -4.47 -10.81 13.65
CA THR B 331 -4.20 -12.06 14.33
C THR B 331 -4.63 -12.00 15.78
N GLN B 332 -5.44 -12.97 16.20
CA GLN B 332 -5.88 -13.06 17.59
C GLN B 332 -4.89 -13.89 18.41
N LYS B 333 -5.10 -13.91 19.73
CA LYS B 333 -4.15 -14.58 20.61
C LYS B 333 -4.10 -16.07 20.36
N ASP B 334 -5.20 -16.68 19.90
CA ASP B 334 -5.20 -18.11 19.63
C ASP B 334 -4.65 -18.45 18.25
N GLY B 335 -4.05 -17.48 17.54
CA GLY B 335 -3.48 -17.72 16.24
C GLY B 335 -4.43 -17.57 15.07
N SER B 336 -5.74 -17.52 15.32
CA SER B 336 -6.72 -17.43 14.25
C SER B 336 -6.82 -16.01 13.72
N LYS B 337 -7.47 -15.88 12.56
CA LYS B 337 -7.66 -14.58 11.93
C LYS B 337 -8.95 -13.99 12.48
N GLY B 338 -8.84 -12.84 13.15
CA GLY B 338 -9.99 -12.21 13.74
C GLY B 338 -10.44 -10.99 12.96
N PRO B 339 -11.14 -10.07 13.61
CA PRO B 339 -11.53 -8.82 12.95
C PRO B 339 -10.37 -7.83 12.94
N HIS B 340 -10.53 -6.78 12.14
CA HIS B 340 -9.50 -5.76 12.07
C HIS B 340 -9.50 -4.94 13.35
N ALA B 341 -8.40 -5.01 14.09
CA ALA B 341 -8.31 -4.25 15.33
C ALA B 341 -8.22 -2.76 15.01
N LEU B 342 -8.47 -1.95 16.03
CA LEU B 342 -8.37 -0.51 15.82
C LEU B 342 -6.90 -0.08 15.85
N LEU B 343 -6.63 1.06 15.23
CA LEU B 343 -5.28 1.48 14.91
C LEU B 343 -4.89 2.71 15.72
N SER B 344 -3.60 2.83 16.02
CA SER B 344 -3.09 3.95 16.80
C SER B 344 -1.91 4.68 16.18
N GLY B 345 -1.16 4.07 15.27
CA GLY B 345 -0.02 4.77 14.68
C GLY B 345 0.67 3.92 13.63
N ILE B 346 1.37 4.61 12.72
CA ILE B 346 2.17 3.99 11.66
C ILE B 346 3.52 4.68 11.60
N SER B 347 4.59 3.90 11.62
CA SER B 347 5.95 4.42 11.53
C SER B 347 6.63 3.91 10.27
N LEU B 348 7.19 4.84 9.49
CA LEU B 348 8.00 4.53 8.32
C LEU B 348 9.41 5.03 8.55
N ASN B 349 10.38 4.12 8.51
CA ASN B 349 11.77 4.45 8.77
C ASN B 349 12.62 4.01 7.61
N TRP B 350 13.60 4.83 7.23
CA TRP B 350 14.46 4.52 6.10
C TRP B 350 15.85 5.05 6.37
N THR B 351 16.86 4.27 5.99
CA THR B 351 18.26 4.61 6.21
C THR B 351 19.07 4.23 4.99
N LEU B 352 19.95 5.13 4.54
CA LEU B 352 20.76 4.91 3.35
C LEU B 352 22.11 4.31 3.74
N THR B 353 22.43 3.16 3.15
CA THR B 353 23.72 2.51 3.38
C THR B 353 24.17 1.82 2.10
N ASN B 354 25.17 2.41 1.43
CA ASN B 354 25.84 1.82 0.26
C ASN B 354 24.84 1.37 -0.81
N LYS B 355 24.23 2.38 -1.44
CA LYS B 355 23.38 2.21 -2.62
C LYS B 355 22.12 1.39 -2.35
N VAL B 356 21.72 1.26 -1.08
CA VAL B 356 20.49 0.56 -0.73
C VAL B 356 19.75 1.36 0.32
N TRP B 357 18.48 1.69 0.04
CA TRP B 357 17.59 2.29 1.02
C TRP B 357 16.89 1.18 1.81
N ASP B 358 17.09 1.19 3.12
CA ASP B 358 16.46 0.20 4.00
C ASP B 358 15.22 0.80 4.65
N VAL B 359 14.06 0.23 4.33
CA VAL B 359 12.77 0.74 4.79
C VAL B 359 12.16 -0.25 5.77
N THR B 360 11.81 0.24 6.96
CA THR B 360 11.10 -0.55 7.96
C THR B 360 9.79 0.13 8.31
N ALA B 361 8.82 -0.69 8.71
CA ALA B 361 7.50 -0.19 9.06
C ALA B 361 6.97 -0.92 10.29
N SER B 362 6.08 -0.24 11.00
CA SER B 362 5.39 -0.81 12.15
C SER B 362 4.04 -0.12 12.29
N ILE B 363 2.98 -0.91 12.36
CA ILE B 363 1.63 -0.38 12.54
C ILE B 363 1.23 -0.63 13.98
N GLY B 364 0.93 0.45 14.71
CA GLY B 364 0.54 0.33 16.09
C GLY B 364 -0.95 0.21 16.29
N ILE B 365 -1.37 -0.88 16.92
CA ILE B 365 -2.78 -1.18 17.11
C ILE B 365 -3.07 -1.37 18.59
N GLU B 366 -4.35 -1.53 18.90
CA GLU B 366 -4.77 -1.79 20.27
C GLU B 366 -4.17 -3.07 20.80
N SER B 367 -3.66 -3.01 22.04
CA SER B 367 -2.99 -4.16 22.64
C SER B 367 -4.02 -5.20 23.07
N GLY B 368 -3.56 -6.24 23.75
CA GLY B 368 -4.46 -7.26 24.27
C GLY B 368 -5.23 -8.03 23.22
N ILE B 369 -4.86 -7.88 21.96
CA ILE B 369 -5.45 -8.64 20.86
C ILE B 369 -4.43 -9.54 20.19
N LEU B 370 -3.23 -9.01 19.95
CA LEU B 370 -2.18 -9.79 19.32
C LEU B 370 -1.62 -10.79 20.32
N PRO B 371 -1.07 -11.92 19.83
CA PRO B 371 -0.37 -12.85 20.74
C PRO B 371 0.78 -12.19 21.47
N THR B 372 1.41 -12.95 22.37
CA THR B 372 2.49 -12.42 23.19
C THR B 372 3.81 -12.32 22.43
N SER B 373 4.01 -13.16 21.40
CA SER B 373 5.24 -13.16 20.64
C SER B 373 4.94 -13.32 19.16
N GLY B 374 5.91 -12.93 18.34
CA GLY B 374 5.81 -13.09 16.91
C GLY B 374 6.01 -11.78 16.17
N ILE B 375 5.80 -11.84 14.86
CA ILE B 375 5.91 -10.65 14.01
C ILE B 375 4.91 -9.60 14.45
N ASP B 376 3.64 -9.99 14.57
CA ASP B 376 2.58 -9.14 15.08
C ASP B 376 2.38 -9.52 16.54
N SER B 377 2.91 -8.70 17.46
CA SER B 377 2.93 -9.08 18.86
C SER B 377 2.75 -7.85 19.74
N GLY B 378 2.17 -8.06 20.91
CA GLY B 378 1.95 -7.00 21.86
C GLY B 378 0.99 -5.96 21.31
N SER B 379 1.56 -4.87 20.78
CA SER B 379 0.77 -3.81 20.17
C SER B 379 1.30 -3.41 18.79
N LEU B 380 2.05 -4.29 18.13
CA LEU B 380 2.77 -3.91 16.92
C LEU B 380 2.59 -4.94 15.81
N LEU B 381 2.36 -4.45 14.60
CA LEU B 381 2.44 -5.24 13.39
C LEU B 381 3.74 -4.84 12.69
N ARG B 382 4.73 -5.72 12.76
CA ARG B 382 6.08 -5.39 12.30
C ARG B 382 6.23 -5.66 10.82
N ASN B 383 6.71 -4.66 10.08
CA ASN B 383 6.89 -4.69 8.62
C ASN B 383 5.70 -5.39 7.93
N PRO B 384 4.49 -4.86 8.07
CA PRO B 384 3.30 -5.60 7.63
C PRO B 384 3.12 -5.61 6.12
N LYS B 385 2.47 -6.67 5.64
CA LYS B 385 2.01 -6.71 4.27
C LYS B 385 0.76 -5.87 4.06
N SER B 386 0.04 -5.54 5.14
CA SER B 386 -1.16 -4.73 5.07
C SER B 386 -0.81 -3.26 5.00
N LEU B 387 0.02 -2.89 4.03
CA LEU B 387 0.47 -1.51 3.90
C LEU B 387 1.04 -1.33 2.50
N SER B 388 0.60 -0.28 1.82
CA SER B 388 1.18 0.12 0.54
C SER B 388 1.66 1.55 0.66
N PHE B 389 2.94 1.78 0.35
CA PHE B 389 3.53 3.11 0.43
C PHE B 389 4.23 3.43 -0.88
N ILE B 390 4.27 4.72 -1.20
CA ILE B 390 4.92 5.22 -2.41
C ILE B 390 6.30 5.75 -2.05
N ALA B 391 7.33 5.26 -2.73
CA ALA B 391 8.70 5.64 -2.47
C ALA B 391 9.14 6.68 -3.49
N PHE B 392 9.53 7.85 -3.01
CA PHE B 392 10.00 8.94 -3.86
C PHE B 392 11.51 9.07 -3.72
N GLN B 393 12.20 9.23 -4.85
CA GLN B 393 13.62 9.50 -4.86
C GLN B 393 13.94 10.69 -5.75
N TRP B 394 14.90 11.49 -5.31
CA TRP B 394 15.44 12.60 -6.08
C TRP B 394 16.80 12.94 -5.49
N CYS B 395 17.55 13.77 -6.20
CA CYS B 395 18.89 14.14 -5.79
C CYS B 395 18.96 15.65 -5.57
N GLU B 396 19.78 16.07 -4.61
CA GLU B 396 19.90 17.49 -4.29
C GLU B 396 21.26 17.78 -3.69
N ASN B 397 21.63 19.06 -3.67
CA ASN B 397 22.91 19.49 -3.13
C ASN B 397 22.76 20.17 -1.79
N GLU C 3 31.38 42.83 -74.58
CA GLU C 3 31.52 41.39 -74.64
C GLU C 3 30.32 40.67 -74.03
N LEU C 4 29.97 39.49 -74.57
CA LEU C 4 28.76 38.77 -74.15
C LEU C 4 28.92 37.99 -72.85
N MET C 5 29.73 38.51 -71.92
CA MET C 5 29.78 37.99 -70.55
C MET C 5 28.73 38.66 -69.66
N ILE C 6 27.80 39.41 -70.25
CA ILE C 6 26.70 40.03 -69.51
C ILE C 6 25.64 38.95 -69.33
N LYS C 7 25.88 37.79 -69.93
CA LYS C 7 25.03 36.63 -69.64
C LYS C 7 25.37 36.05 -68.27
N SER C 8 26.65 36.03 -67.90
CA SER C 8 27.04 35.67 -66.54
C SER C 8 26.80 36.81 -65.55
N SER C 9 26.92 38.06 -65.99
CA SER C 9 26.69 39.18 -65.08
C SER C 9 25.21 39.38 -64.79
N ASN C 10 24.35 38.97 -65.71
CA ASN C 10 22.92 38.97 -65.44
C ASN C 10 22.52 37.84 -64.50
N ALA C 11 23.07 36.65 -64.73
CA ALA C 11 22.76 35.50 -63.90
C ALA C 11 23.17 35.74 -62.44
N PHE C 12 24.31 36.39 -62.21
CA PHE C 12 24.71 36.68 -60.84
C PHE C 12 23.66 37.52 -60.13
N ASP C 13 23.11 38.52 -60.81
CA ASP C 13 22.07 39.32 -60.18
C ASP C 13 20.84 38.48 -59.88
N VAL C 14 20.58 37.45 -60.69
CA VAL C 14 19.42 36.59 -60.44
C VAL C 14 19.63 35.77 -59.17
N ILE C 15 20.83 35.20 -58.99
CA ILE C 15 21.10 34.37 -57.81
C ILE C 15 21.13 35.22 -56.55
N GLU C 16 21.75 36.40 -56.64
CA GLU C 16 21.83 37.30 -55.49
C GLU C 16 20.43 37.68 -55.01
N LEU C 17 19.56 38.13 -55.93
CA LEU C 17 18.20 38.52 -55.56
C LEU C 17 17.37 37.34 -55.09
N SER C 18 17.48 36.19 -55.78
CA SER C 18 16.69 35.03 -55.39
C SER C 18 17.06 34.56 -54.00
N SER C 19 18.35 34.60 -53.66
CA SER C 19 18.78 34.15 -52.34
C SER C 19 18.27 35.09 -51.26
N GLN C 20 18.23 36.38 -51.55
CA GLN C 20 17.64 37.32 -50.60
C GLN C 20 16.16 37.08 -50.44
N ILE C 21 15.48 36.66 -51.52
CA ILE C 21 14.08 36.27 -51.42
C ILE C 21 13.94 34.99 -50.60
N GLN C 22 14.90 34.07 -50.76
CA GLN C 22 14.90 32.86 -49.93
C GLN C 22 15.18 33.19 -48.47
N ARG C 23 16.14 34.09 -48.21
CA ARG C 23 16.43 34.49 -46.85
C ARG C 23 15.19 35.11 -46.20
N TYR C 24 14.57 36.07 -46.90
CA TYR C 24 13.33 36.68 -46.42
C TYR C 24 12.26 35.63 -46.14
N ALA C 25 12.10 34.66 -47.03
CA ALA C 25 11.05 33.65 -46.89
C ALA C 25 11.26 32.76 -45.66
N SER C 26 12.48 32.67 -45.15
CA SER C 26 12.80 31.73 -44.08
C SER C 26 12.75 32.37 -42.69
N LEU C 27 12.51 33.68 -42.59
CA LEU C 27 12.53 34.39 -41.32
C LEU C 27 11.12 34.54 -40.76
N SER C 28 10.97 34.19 -39.48
CA SER C 28 9.70 34.43 -38.78
C SER C 28 9.62 35.85 -38.24
N LYS C 29 10.74 36.40 -37.79
CA LYS C 29 10.81 37.75 -37.26
C LYS C 29 11.91 38.52 -37.97
N ILE C 30 11.64 39.79 -38.27
CA ILE C 30 12.59 40.67 -38.93
C ILE C 30 12.71 41.96 -38.13
N ASN C 31 13.90 42.23 -37.60
CA ASN C 31 14.14 43.41 -36.77
C ASN C 31 13.19 43.45 -35.57
N ASN C 32 13.06 42.31 -34.91
CA ASN C 32 12.20 42.15 -33.73
C ASN C 32 10.72 42.39 -34.04
N ARG C 33 10.35 42.36 -35.31
CA ARG C 33 8.97 42.51 -35.74
C ARG C 33 8.62 41.40 -36.72
N THR C 34 7.35 40.99 -36.69
CA THR C 34 6.87 39.89 -37.51
C THR C 34 7.08 40.17 -38.99
N ASN C 35 7.47 39.13 -39.72
CA ASN C 35 7.53 39.20 -41.16
C ASN C 35 6.16 39.60 -41.70
N PRO C 36 6.04 40.74 -42.38
CA PRO C 36 4.71 41.22 -42.79
C PRO C 36 3.95 40.24 -43.67
N ILE C 37 4.65 39.38 -44.42
CA ILE C 37 3.96 38.46 -45.31
C ILE C 37 3.32 37.30 -44.56
N LEU C 38 3.64 37.11 -43.28
CA LEU C 38 3.08 36.04 -42.47
C LEU C 38 1.82 36.43 -41.70
N LYS C 39 1.40 37.70 -41.77
CA LYS C 39 0.25 38.17 -40.99
C LYS C 39 -1.08 37.98 -41.72
N ASP C 40 -1.12 37.19 -42.78
CA ASP C 40 -2.34 36.95 -43.54
C ASP C 40 -2.66 35.46 -43.50
N ASN C 41 -3.73 35.06 -44.19
CA ASN C 41 -4.14 33.67 -44.20
C ASN C 41 -4.43 33.10 -45.60
N LYS C 42 -4.21 33.85 -46.67
CA LYS C 42 -4.49 33.35 -48.00
C LYS C 42 -3.41 32.39 -48.47
N ALA C 43 -3.80 31.45 -49.34
CA ALA C 43 -2.91 30.38 -49.77
C ALA C 43 -1.89 30.82 -50.80
N LYS C 44 -2.11 31.96 -51.46
CA LYS C 44 -1.18 32.46 -52.46
C LYS C 44 -1.18 33.98 -52.42
N GLU C 45 0.01 34.58 -52.56
CA GLU C 45 0.18 36.01 -52.70
C GLU C 45 1.33 36.27 -53.66
N PHE C 46 1.15 37.26 -54.53
CA PHE C 46 2.17 37.65 -55.50
C PHE C 46 2.74 39.00 -55.10
N LYS C 47 4.06 39.09 -55.01
CA LYS C 47 4.73 40.33 -54.65
C LYS C 47 5.28 40.97 -55.92
N ASP C 48 5.07 42.28 -56.07
CA ASP C 48 5.28 42.94 -57.35
C ASP C 48 6.76 43.05 -57.70
N ALA C 49 7.00 43.27 -58.99
CA ALA C 49 8.36 43.37 -59.52
C ALA C 49 9.11 44.61 -59.03
N ASP C 50 8.41 45.65 -58.58
CA ASP C 50 9.12 46.85 -58.12
C ASP C 50 9.97 46.58 -56.89
N LEU C 51 9.72 45.47 -56.19
CA LEU C 51 10.49 45.07 -55.02
C LEU C 51 10.44 46.09 -53.90
N LYS C 52 9.40 46.93 -53.85
CA LYS C 52 9.22 47.78 -52.69
C LYS C 52 8.94 46.93 -51.45
N TRP C 53 8.30 45.77 -51.64
CA TRP C 53 8.01 44.86 -50.54
C TRP C 53 9.26 44.26 -49.91
N LEU C 54 10.42 44.36 -50.58
CA LEU C 54 11.65 43.79 -50.07
C LEU C 54 12.62 44.86 -49.57
N LYS C 55 12.27 46.13 -49.73
CA LYS C 55 13.11 47.24 -49.30
C LYS C 55 12.67 47.71 -47.92
N LEU C 56 13.60 48.30 -47.18
CA LEU C 56 13.32 48.73 -45.82
C LEU C 56 12.28 49.84 -45.80
N GLU C 57 11.57 49.93 -44.68
CA GLU C 57 10.57 50.98 -44.50
C GLU C 57 11.22 52.35 -44.33
N ASN C 58 12.43 52.39 -43.75
CA ASN C 58 13.09 53.66 -43.44
C ASN C 58 13.85 54.26 -44.62
N CYS C 59 13.58 53.83 -45.84
CA CYS C 59 14.26 54.40 -46.99
C CYS C 59 13.46 55.56 -47.59
N PRO C 60 14.13 56.44 -48.40
CA PRO C 60 13.45 57.61 -48.98
C PRO C 60 12.04 57.35 -49.49
N THR C 61 11.86 56.29 -50.27
CA THR C 61 10.52 55.78 -50.55
C THR C 61 10.28 54.58 -49.64
N ALA C 62 9.19 54.64 -48.89
CA ALA C 62 8.95 53.65 -47.84
C ALA C 62 8.72 52.28 -48.45
N GLY C 63 9.52 51.30 -48.01
CA GLY C 63 9.29 49.91 -48.36
C GLY C 63 8.40 49.23 -47.35
N ASP C 64 8.29 47.91 -47.50
CA ASP C 64 7.39 47.11 -46.67
C ASP C 64 8.11 46.36 -45.55
N VAL C 65 9.44 46.38 -45.51
CA VAL C 65 10.20 45.62 -44.52
C VAL C 65 10.33 46.42 -43.23
N PRO C 66 9.99 45.85 -42.08
CA PRO C 66 9.98 46.62 -40.84
C PRO C 66 11.36 46.84 -40.23
N THR C 67 11.47 47.93 -39.49
CA THR C 67 12.65 48.28 -38.71
C THR C 67 12.31 48.25 -37.23
N THR C 68 13.35 48.34 -36.39
CA THR C 68 13.16 48.44 -34.95
C THR C 68 12.49 49.73 -34.54
N GLY C 69 12.61 50.79 -35.34
CA GLY C 69 12.09 52.10 -34.97
C GLY C 69 13.20 53.05 -34.58
N ASN C 70 14.19 52.52 -33.87
CA ASN C 70 15.35 53.30 -33.46
C ASN C 70 16.35 53.27 -34.60
N ASN C 71 16.64 54.42 -35.18
CA ASN C 71 17.49 54.46 -36.37
C ASN C 71 18.97 54.42 -36.04
N ASN C 72 19.33 54.32 -34.76
CA ASN C 72 20.70 54.06 -34.34
C ASN C 72 21.06 52.58 -34.27
N ASP C 73 20.05 51.69 -34.23
CA ASP C 73 20.29 50.26 -34.17
C ASP C 73 20.67 49.71 -35.53
N LEU C 74 21.36 48.57 -35.51
CA LEU C 74 21.73 47.88 -36.74
C LEU C 74 20.48 47.34 -37.42
N GLN C 75 20.21 47.81 -38.63
CA GLN C 75 19.03 47.40 -39.38
C GLN C 75 19.39 46.31 -40.38
N ASP C 76 18.83 45.12 -40.17
CA ASP C 76 18.94 44.05 -41.16
C ASP C 76 18.12 44.44 -42.40
N GLN C 77 18.71 44.26 -43.59
CA GLN C 77 18.05 44.59 -44.84
C GLN C 77 18.34 43.49 -45.86
N PHE C 78 17.58 43.50 -46.96
CA PHE C 78 17.72 42.48 -48.00
C PHE C 78 18.26 43.04 -49.31
N ILE C 79 17.75 44.16 -49.79
CA ILE C 79 18.27 44.80 -50.98
C ILE C 79 18.42 46.28 -50.70
N ALA C 80 19.35 46.91 -51.41
CA ALA C 80 19.49 48.35 -51.32
C ALA C 80 18.22 49.02 -51.82
N CYS C 81 18.04 50.28 -51.42
CA CYS C 81 16.76 50.96 -51.67
C CYS C 81 16.62 51.45 -53.10
N ASP C 82 17.71 51.84 -53.75
CA ASP C 82 17.62 52.24 -55.15
C ASP C 82 17.70 51.02 -56.08
N ALA C 83 17.68 49.82 -55.51
CA ALA C 83 17.90 48.61 -56.29
C ALA C 83 16.73 48.36 -57.24
N ASP C 84 17.07 47.82 -58.40
CA ASP C 84 16.07 47.41 -59.39
C ASP C 84 16.65 46.23 -60.15
N TYR C 85 15.91 45.11 -60.15
CA TYR C 85 16.34 43.90 -60.85
C TYR C 85 15.45 43.59 -62.05
N ARG C 86 14.68 44.58 -62.48
CA ARG C 86 13.95 44.48 -63.75
C ARG C 86 14.84 44.92 -64.90
N LYS C 87 16.06 44.40 -64.94
CA LYS C 87 17.03 44.76 -65.96
C LYS C 87 17.65 43.50 -66.54
N GLY C 88 18.29 43.65 -67.70
CA GLY C 88 19.04 42.58 -68.32
C GLY C 88 18.18 41.60 -69.08
N ASP C 89 18.86 40.63 -69.71
CA ASP C 89 18.16 39.60 -70.48
C ASP C 89 17.14 38.86 -69.64
N LEU C 90 17.41 38.67 -68.36
CA LEU C 90 16.50 38.02 -67.42
C LEU C 90 16.02 39.09 -66.45
N SER C 91 14.79 39.56 -66.66
CA SER C 91 14.22 40.69 -65.93
C SER C 91 13.28 40.18 -64.85
N TYR C 92 13.52 40.62 -63.62
CA TYR C 92 12.71 40.17 -62.49
C TYR C 92 11.25 40.52 -62.70
N PHE C 93 10.38 39.53 -62.51
CA PHE C 93 8.96 39.68 -62.79
C PHE C 93 8.09 39.62 -61.55
N GLY C 94 8.64 39.21 -60.42
CA GLY C 94 7.88 38.98 -59.22
C GLY C 94 8.12 37.59 -58.65
N SER C 95 7.51 37.35 -57.49
CA SER C 95 7.67 36.09 -56.77
C SER C 95 6.32 35.58 -56.31
N GLN C 96 6.10 34.27 -56.45
CA GLN C 96 4.87 33.61 -56.04
C GLN C 96 5.10 32.84 -54.74
N PHE C 97 4.43 33.26 -53.67
CA PHE C 97 4.46 32.56 -52.40
C PHE C 97 3.24 31.66 -52.27
N GLU C 98 3.45 30.43 -51.78
CA GLU C 98 2.36 29.53 -51.42
C GLU C 98 2.42 29.23 -49.93
N PHE C 99 1.28 29.33 -49.26
CA PHE C 99 1.21 29.21 -47.81
C PHE C 99 0.31 28.06 -47.36
N SER C 100 0.47 27.70 -46.09
CA SER C 100 -0.50 26.95 -45.32
C SER C 100 -0.72 27.70 -44.01
N THR C 101 -1.94 27.62 -43.48
CA THR C 101 -2.23 28.29 -42.21
C THR C 101 -1.46 27.65 -41.06
N TYR C 102 -0.95 28.50 -40.17
CA TYR C 102 -0.06 28.02 -39.11
C TYR C 102 -0.26 28.90 -37.88
N VAL C 103 -0.16 28.27 -36.70
CA VAL C 103 -0.33 28.94 -35.42
C VAL C 103 1.00 28.86 -34.68
N HIS C 104 1.60 30.03 -34.40
CA HIS C 104 2.94 29.98 -33.83
C HIS C 104 2.88 29.93 -32.32
N PRO C 105 3.71 29.08 -31.71
CA PRO C 105 3.66 28.88 -30.25
C PRO C 105 4.06 30.10 -29.43
N SER C 106 4.61 31.15 -30.05
CA SER C 106 5.09 32.30 -29.32
C SER C 106 4.85 33.62 -30.04
N ASN C 107 4.13 33.62 -31.17
CA ASN C 107 3.84 34.83 -31.92
C ASN C 107 2.43 34.73 -32.51
N PRO C 108 1.45 35.37 -31.88
CA PRO C 108 0.07 35.28 -32.38
C PRO C 108 -0.18 36.01 -33.69
N GLU C 109 0.70 36.94 -34.08
CA GLU C 109 0.52 37.65 -35.35
C GLU C 109 0.85 36.77 -36.56
N ILE C 110 1.50 35.64 -36.35
CA ILE C 110 1.84 34.71 -37.42
C ILE C 110 0.65 33.78 -37.65
N GLN C 111 0.11 33.82 -38.87
CA GLN C 111 -1.10 33.08 -39.20
C GLN C 111 -0.93 32.13 -40.38
N ARG C 112 0.23 32.13 -41.03
CA ARG C 112 0.49 31.23 -42.13
C ARG C 112 1.99 30.99 -42.21
N GLN C 113 2.37 29.86 -42.80
CA GLN C 113 3.76 29.50 -42.98
C GLN C 113 4.02 29.26 -44.46
N ILE C 114 5.26 29.50 -44.87
CA ILE C 114 5.61 29.45 -46.27
C ILE C 114 5.87 28.01 -46.69
N LYS C 115 5.22 27.58 -47.76
CA LYS C 115 5.47 26.26 -48.32
C LYS C 115 6.54 26.30 -49.40
N GLN C 116 6.43 27.26 -50.32
CA GLN C 116 7.39 27.38 -51.41
C GLN C 116 7.32 28.79 -51.99
N VAL C 117 8.47 29.31 -52.40
CA VAL C 117 8.58 30.60 -53.05
C VAL C 117 9.23 30.39 -54.40
N VAL C 118 8.62 30.95 -55.44
CA VAL C 118 9.12 30.87 -56.81
C VAL C 118 9.29 32.29 -57.34
N SER C 119 10.51 32.64 -57.72
CA SER C 119 10.82 33.96 -58.24
C SER C 119 10.95 33.88 -59.76
N TYR C 120 10.23 34.74 -60.46
CA TYR C 120 10.17 34.68 -61.91
C TYR C 120 11.01 35.78 -62.54
N PHE C 121 11.71 35.43 -63.61
CA PHE C 121 12.49 36.37 -64.39
C PHE C 121 12.09 36.23 -65.84
N GLN C 122 11.38 37.22 -66.36
CA GLN C 122 10.92 37.16 -67.74
C GLN C 122 12.11 37.32 -68.68
N TYR C 123 12.13 36.51 -69.74
CA TYR C 123 13.21 36.56 -70.71
C TYR C 123 12.87 37.60 -71.76
N ARG C 124 13.67 38.66 -71.80
CA ARG C 124 13.61 39.68 -72.84
C ARG C 124 14.81 39.56 -73.77
N GLY C 125 15.38 38.37 -73.82
CA GLY C 125 16.45 38.07 -74.74
C GLY C 125 15.99 38.16 -76.19
N MET C 126 16.99 38.13 -77.07
CA MET C 126 16.76 38.43 -78.48
C MET C 126 15.87 37.39 -79.15
N GLU C 127 16.17 36.11 -78.94
CA GLU C 127 15.40 35.00 -79.47
C GLU C 127 14.92 34.15 -78.31
N ARG C 128 13.63 33.81 -78.30
CA ARG C 128 13.10 32.99 -77.22
C ARG C 128 13.86 31.69 -77.08
N ALA C 129 14.46 31.20 -78.17
CA ALA C 129 15.25 29.98 -78.12
C ALA C 129 16.48 30.11 -77.23
N PHE C 130 16.97 31.33 -76.97
CA PHE C 130 18.15 31.54 -76.15
C PHE C 130 17.88 31.53 -74.65
N ILE C 131 16.62 31.43 -74.21
CA ILE C 131 16.36 31.44 -72.78
C ILE C 131 17.06 30.27 -72.10
N GLY C 132 17.19 29.15 -72.80
CA GLY C 132 17.97 28.04 -72.27
C GLY C 132 19.42 28.41 -72.07
N ASP C 133 19.97 29.21 -72.98
CA ASP C 133 21.35 29.64 -72.87
C ASP C 133 21.56 30.47 -71.60
N ALA C 134 20.71 31.48 -71.39
CA ALA C 134 20.80 32.29 -70.17
C ALA C 134 20.58 31.45 -68.92
N ALA C 135 19.69 30.45 -69.00
CA ALA C 135 19.38 29.63 -67.83
C ALA C 135 20.59 28.85 -67.35
N GLY C 136 21.37 28.30 -68.29
CA GLY C 136 22.55 27.53 -67.89
C GLY C 136 23.53 28.34 -67.06
N TYR C 137 23.65 29.63 -67.37
CA TYR C 137 24.51 30.50 -66.58
C TYR C 137 23.93 30.72 -65.19
N VAL C 138 22.60 30.83 -65.10
CA VAL C 138 21.96 30.95 -63.79
C VAL C 138 22.28 29.74 -62.94
N ILE C 139 22.17 28.55 -63.53
CA ILE C 139 22.48 27.32 -62.81
C ILE C 139 23.93 27.31 -62.35
N SER C 140 24.84 27.78 -63.20
CA SER C 140 26.24 27.85 -62.80
C SER C 140 26.45 28.84 -61.66
N GLU C 141 25.78 29.99 -61.73
CA GLU C 141 25.91 30.96 -60.64
C GLU C 141 25.30 30.46 -59.35
N ALA C 142 24.27 29.61 -59.45
CA ALA C 142 23.70 29.00 -58.27
C ALA C 142 24.71 28.11 -57.59
N LYS C 143 25.39 27.26 -58.36
CA LYS C 143 26.39 26.37 -57.78
C LYS C 143 27.56 27.13 -57.19
N LYS C 144 27.85 28.33 -57.69
CA LYS C 144 28.96 29.11 -57.12
C LYS C 144 28.62 29.60 -55.71
N LYS C 145 27.36 29.92 -55.46
CA LYS C 145 26.93 30.44 -54.17
C LYS C 145 26.30 29.35 -53.31
N GLY C 146 26.42 28.09 -53.72
CA GLY C 146 26.00 26.96 -52.93
C GLY C 146 24.55 26.54 -53.02
N PHE C 147 23.86 26.87 -54.12
CA PHE C 147 22.45 26.53 -54.26
C PHE C 147 22.26 25.31 -55.16
N SER C 148 21.54 24.31 -54.63
CA SER C 148 21.16 23.06 -55.26
C SER C 148 21.18 23.03 -56.79
N ALA C 149 20.18 23.68 -57.40
CA ALA C 149 20.03 23.83 -58.85
C ALA C 149 19.56 22.53 -59.52
N GLN C 150 18.52 21.91 -58.96
CA GLN C 150 18.00 20.63 -59.44
C GLN C 150 16.46 20.60 -59.36
N ASP C 151 15.82 21.71 -59.76
CA ASP C 151 14.36 21.83 -59.72
C ASP C 151 13.87 22.97 -60.61
N TYR C 152 14.55 23.20 -61.73
CA TYR C 152 14.36 24.33 -62.62
C TYR C 152 13.49 24.02 -63.83
N ARG C 153 12.68 25.00 -64.21
CA ARG C 153 11.76 24.86 -65.32
C ARG C 153 11.51 26.24 -65.92
N ILE C 154 11.31 26.27 -67.24
CA ILE C 154 10.92 27.47 -67.98
C ILE C 154 9.40 27.47 -68.12
N VAL C 155 8.78 28.63 -67.89
CA VAL C 155 7.34 28.69 -67.73
C VAL C 155 6.76 29.81 -68.59
N LEU C 156 5.47 29.71 -68.86
CA LEU C 156 4.68 30.80 -69.43
C LEU C 156 3.63 31.21 -68.42
N ILE C 157 3.64 32.47 -68.02
CA ILE C 157 2.76 32.97 -66.98
C ILE C 157 1.89 34.09 -67.54
N GLU C 158 0.63 34.11 -67.13
CA GLU C 158 -0.33 35.16 -67.44
C GLU C 158 -1.02 35.57 -66.16
N PRO C 159 -1.54 36.80 -66.09
CA PRO C 159 -2.25 37.22 -64.87
C PRO C 159 -3.43 36.32 -64.54
N ASP C 160 -3.64 36.12 -63.24
CA ASP C 160 -4.74 35.33 -62.69
C ASP C 160 -5.61 36.27 -61.85
N ARG C 161 -6.68 35.73 -61.26
CA ARG C 161 -7.43 36.51 -60.28
C ARG C 161 -6.51 36.94 -59.13
N VAL C 162 -5.69 36.02 -58.63
CA VAL C 162 -4.69 36.32 -57.60
C VAL C 162 -3.32 36.22 -58.26
N GLY C 163 -2.71 37.37 -58.52
CA GLY C 163 -1.36 37.43 -59.06
C GLY C 163 -1.21 36.84 -60.45
N TYR C 164 -0.48 35.73 -60.53
CA TYR C 164 -0.21 35.05 -61.80
C TYR C 164 -0.30 33.54 -61.59
N PHE C 165 -0.22 32.80 -62.70
CA PHE C 165 -0.17 31.35 -62.65
C PHE C 165 0.63 30.82 -63.83
N GLU C 166 1.16 29.60 -63.65
CA GLU C 166 2.01 28.96 -64.66
C GLU C 166 1.10 28.20 -65.62
N SER C 167 0.91 28.77 -66.81
CA SER C 167 0.09 28.12 -67.82
C SER C 167 0.76 26.84 -68.34
N ASN C 168 2.03 26.95 -68.73
CA ASN C 168 2.79 25.82 -69.24
C ASN C 168 4.19 25.85 -68.66
N ALA C 169 4.75 24.66 -68.45
CA ALA C 169 6.08 24.52 -67.87
C ALA C 169 6.81 23.36 -68.51
N ILE C 170 8.13 23.51 -68.63
CA ILE C 170 9.01 22.48 -69.14
C ILE C 170 10.30 22.56 -68.34
N SER C 171 10.81 21.41 -67.91
CA SER C 171 12.04 21.39 -67.14
C SER C 171 13.21 21.93 -67.96
N TYR C 172 14.19 22.49 -67.24
CA TYR C 172 15.41 22.96 -67.88
C TYR C 172 16.09 21.84 -68.66
N GLU C 173 16.11 20.64 -68.08
CA GLU C 173 16.71 19.50 -68.78
C GLU C 173 15.95 19.15 -70.05
N GLU C 174 14.60 19.23 -70.01
CA GLU C 174 13.82 18.93 -71.19
C GLU C 174 13.95 20.01 -72.25
N PHE C 175 14.09 21.27 -71.84
CA PHE C 175 14.26 22.35 -72.80
C PHE C 175 15.58 22.21 -73.56
N ILE C 176 16.59 21.63 -72.94
CA ILE C 176 17.91 21.54 -73.56
C ILE C 176 18.12 20.23 -74.31
N GLU C 177 17.43 19.16 -73.91
CA GLU C 177 17.69 17.83 -74.43
C GLU C 177 16.58 17.28 -75.31
N ASN C 178 15.52 18.03 -75.56
CA ASN C 178 14.38 17.54 -76.33
C ASN C 178 13.90 18.61 -77.30
N PRO C 179 14.41 18.61 -78.53
CA PRO C 179 13.94 19.61 -79.52
C PRO C 179 12.47 19.49 -79.84
N SER C 180 11.93 18.28 -79.81
CA SER C 180 10.49 18.09 -80.01
C SER C 180 9.69 18.84 -78.96
N ALA C 181 9.97 18.56 -77.68
CA ALA C 181 9.29 19.27 -76.61
C ALA C 181 9.64 20.76 -76.60
N ARG C 182 10.88 21.12 -76.96
CA ARG C 182 11.29 22.52 -76.90
C ARG C 182 10.48 23.38 -77.87
N GLU C 183 10.47 23.01 -79.15
CA GLU C 183 9.71 23.79 -80.12
C GLU C 183 8.21 23.68 -79.86
N ASN C 184 7.77 22.56 -79.28
CA ASN C 184 6.38 22.46 -78.82
C ASN C 184 6.06 23.54 -77.78
N PHE C 185 7.00 23.79 -76.87
CA PHE C 185 6.78 24.80 -75.83
C PHE C 185 6.85 26.20 -76.43
N LEU C 186 7.92 26.48 -77.20
CA LEU C 186 8.03 27.76 -77.91
C LEU C 186 6.81 28.07 -78.76
N LEU C 187 6.05 27.04 -79.16
CA LEU C 187 4.86 27.25 -79.95
C LEU C 187 3.76 27.93 -79.14
N LYS C 188 3.53 27.46 -77.91
CA LYS C 188 2.49 28.04 -77.07
C LYS C 188 2.87 29.43 -76.58
N ALA C 189 4.09 29.87 -76.87
CA ALA C 189 4.57 31.19 -76.44
C ALA C 189 3.90 32.27 -77.27
N THR C 190 2.82 32.84 -76.75
CA THR C 190 2.07 33.86 -77.44
C THR C 190 2.19 35.17 -76.68
N LYS C 191 1.60 36.24 -77.24
CA LYS C 191 1.77 37.56 -76.67
C LYS C 191 0.96 37.76 -75.40
N ASP C 192 -0.07 36.94 -75.15
CA ASP C 192 -0.88 37.07 -73.95
C ASP C 192 -0.24 36.44 -72.72
N ARG C 193 0.82 35.66 -72.88
CA ARG C 193 1.57 35.04 -71.80
C ARG C 193 2.98 35.61 -71.76
N THR C 194 3.65 35.45 -70.62
CA THR C 194 5.01 35.96 -70.43
C THR C 194 5.97 34.79 -70.29
N LEU C 195 7.01 34.78 -71.13
CA LEU C 195 8.06 33.78 -71.05
C LEU C 195 9.02 34.11 -69.91
N ALA C 196 9.23 33.17 -69.00
CA ALA C 196 10.01 33.46 -67.82
C ALA C 196 10.71 32.20 -67.31
N LEU C 197 11.83 32.42 -66.63
CA LEU C 197 12.51 31.36 -65.90
C LEU C 197 11.99 31.35 -64.47
N ALA C 198 11.70 30.16 -63.96
CA ALA C 198 11.15 29.98 -62.63
C ALA C 198 12.27 29.58 -61.69
N VAL C 199 12.57 30.43 -60.72
CA VAL C 199 13.69 30.22 -59.81
C VAL C 199 13.15 29.82 -58.45
N SER C 200 13.37 28.55 -58.10
CA SER C 200 13.14 28.06 -56.74
C SER C 200 14.50 27.62 -56.24
N LEU C 201 14.94 28.18 -55.13
CA LEU C 201 16.25 27.82 -54.61
C LEU C 201 16.14 26.76 -53.52
N ALA C 202 17.19 25.96 -53.43
CA ALA C 202 17.38 25.07 -52.30
C ALA C 202 18.82 25.27 -51.83
N GLN C 203 19.07 24.91 -50.58
CA GLN C 203 20.38 25.06 -49.98
C GLN C 203 21.01 23.69 -49.83
N THR C 204 22.33 23.63 -50.00
CA THR C 204 23.05 22.38 -49.88
C THR C 204 23.81 22.35 -48.56
N GLY C 205 24.43 21.21 -48.28
CA GLY C 205 25.18 21.07 -47.05
C GLY C 205 26.29 22.08 -46.90
N GLU C 206 26.84 22.55 -48.02
CA GLU C 206 27.93 23.50 -47.95
C GLU C 206 27.50 24.90 -47.50
N ILE C 207 26.21 25.15 -47.34
CA ILE C 207 25.76 26.52 -47.09
C ILE C 207 26.11 26.91 -45.67
N ALA C 208 26.60 28.15 -45.51
CA ALA C 208 27.02 28.61 -44.20
C ALA C 208 25.83 29.06 -43.40
N MET C 209 25.84 28.76 -42.11
CA MET C 209 24.73 29.12 -41.25
C MET C 209 24.79 30.60 -40.89
N GLN C 210 23.66 31.27 -41.03
CA GLN C 210 23.61 32.71 -40.94
C GLN C 210 23.08 33.12 -39.58
N ARG C 211 23.56 34.27 -39.09
CA ARG C 211 23.21 34.71 -37.74
C ARG C 211 21.76 35.14 -37.60
N ASP C 212 21.02 35.29 -38.69
CA ASP C 212 19.59 35.53 -38.56
C ASP C 212 18.80 34.23 -38.54
N GLY C 213 19.45 33.08 -38.63
CA GLY C 213 18.78 31.80 -38.60
C GLY C 213 17.94 31.47 -39.82
N SER C 214 18.03 32.27 -40.88
CA SER C 214 17.24 32.00 -42.08
C SER C 214 17.62 30.67 -42.72
N VAL C 215 18.83 30.20 -42.51
CA VAL C 215 19.26 28.92 -43.05
C VAL C 215 18.94 27.86 -42.01
N ALA C 216 18.17 26.86 -42.40
CA ALA C 216 17.75 25.80 -41.50
C ALA C 216 18.64 24.59 -41.69
N PHE C 217 18.80 23.80 -40.63
CA PHE C 217 19.52 22.55 -40.73
C PHE C 217 18.87 21.61 -41.74
N LEU C 218 19.67 20.70 -42.27
CA LEU C 218 19.11 19.63 -43.07
C LEU C 218 18.48 18.59 -42.18
N GLU C 219 17.46 17.92 -42.70
CA GLU C 219 16.75 16.92 -41.93
C GLU C 219 17.70 15.81 -41.48
N ASP C 220 17.55 15.39 -40.23
CA ASP C 220 18.32 14.33 -39.60
C ASP C 220 19.79 14.67 -39.43
N SER C 221 20.18 15.93 -39.63
CA SER C 221 21.54 16.35 -39.34
C SER C 221 21.70 16.64 -37.85
N GLU C 222 22.93 16.50 -37.37
CA GLU C 222 23.21 16.57 -35.95
C GLU C 222 24.12 17.76 -35.66
N LEU C 223 23.75 18.55 -34.67
CA LEU C 223 24.61 19.62 -34.17
C LEU C 223 25.49 19.05 -33.07
N CYS C 224 26.79 19.12 -33.25
CA CYS C 224 27.74 18.44 -32.39
C CYS C 224 28.71 19.44 -31.78
N TRP C 225 29.39 18.99 -30.73
CA TRP C 225 30.51 19.71 -30.16
C TRP C 225 31.75 18.85 -30.26
N ASP C 226 32.87 19.46 -30.65
CA ASP C 226 34.15 18.90 -30.25
C ASP C 226 34.16 18.97 -28.74
N THR C 227 34.34 17.84 -28.08
CA THR C 227 34.34 17.81 -26.64
C THR C 227 35.62 17.19 -26.14
N ALA C 228 35.94 17.45 -24.90
CA ALA C 228 37.11 16.84 -24.29
C ALA C 228 36.95 15.31 -24.07
N ALA C 229 35.88 14.63 -24.50
CA ALA C 229 35.72 13.20 -24.27
C ALA C 229 36.75 12.33 -24.97
N GLY C 230 37.65 12.91 -25.78
CA GLY C 230 38.70 12.14 -26.41
C GLY C 230 38.42 11.92 -27.89
N SER C 231 37.78 10.78 -28.20
CA SER C 231 37.20 10.51 -29.53
C SER C 231 35.76 10.08 -29.23
N ALA C 232 34.87 11.07 -29.14
CA ALA C 232 33.42 10.92 -29.06
C ALA C 232 32.85 12.32 -28.89
N LYS C 233 32.03 12.76 -29.82
CA LYS C 233 31.43 14.06 -29.72
C LYS C 233 30.09 13.90 -29.03
N SER C 234 29.55 15.02 -28.57
CA SER C 234 28.27 15.00 -27.86
C SER C 234 27.32 15.82 -28.71
N CYS C 235 26.49 15.10 -29.45
CA CYS C 235 25.67 15.64 -30.51
C CYS C 235 24.22 15.67 -30.07
N LEU C 236 23.42 16.32 -30.90
CA LEU C 236 21.98 16.41 -30.70
C LEU C 236 21.34 16.73 -32.04
N SER C 237 20.05 16.45 -32.13
CA SER C 237 19.32 16.70 -33.37
C SER C 237 17.86 16.86 -33.06
N VAL C 238 17.12 17.42 -34.01
CA VAL C 238 15.67 17.46 -33.96
C VAL C 238 15.19 16.44 -34.96
N ARG C 239 14.61 15.36 -34.46
CA ARG C 239 14.15 14.26 -35.29
C ARG C 239 12.63 14.32 -35.40
N TYR C 240 12.11 13.79 -36.51
CA TYR C 240 10.68 13.67 -36.71
C TYR C 240 10.34 12.19 -36.85
N ASP C 241 9.27 11.78 -36.19
CA ASP C 241 8.81 10.40 -36.20
C ASP C 241 7.51 10.32 -37.00
N THR C 242 7.58 9.75 -38.20
CA THR C 242 6.39 9.69 -39.06
C THR C 242 5.26 8.92 -38.40
N VAL C 243 5.58 7.89 -37.62
CA VAL C 243 4.57 7.16 -36.86
C VAL C 243 4.42 7.88 -35.51
N GLY C 244 3.34 8.61 -35.37
CA GLY C 244 3.10 9.46 -34.22
C GLY C 244 3.06 10.93 -34.57
N ASN C 245 3.65 11.31 -35.71
CA ASN C 245 3.63 12.69 -36.21
C ASN C 245 4.10 13.67 -35.13
N LYS C 246 5.25 13.39 -34.53
CA LYS C 246 5.75 14.17 -33.42
C LYS C 246 7.23 14.51 -33.62
N THR C 247 7.61 15.74 -33.26
CA THR C 247 8.99 16.21 -33.34
C THR C 247 9.70 15.98 -32.00
N GLU C 248 10.92 15.44 -32.06
CA GLU C 248 11.71 15.12 -30.87
C GLU C 248 13.02 15.89 -30.89
N LEU C 249 13.34 16.52 -29.78
CA LEU C 249 14.63 17.18 -29.57
C LEU C 249 15.52 16.22 -28.77
N ASP C 250 16.35 15.44 -29.47
CA ASP C 250 17.07 14.32 -28.89
C ASP C 250 18.39 14.83 -28.31
N LEU C 251 18.54 14.75 -26.98
CA LEU C 251 19.76 15.13 -26.30
C LEU C 251 20.50 13.96 -25.67
N LYS C 252 20.08 12.73 -25.97
CA LYS C 252 20.59 11.54 -25.30
C LYS C 252 22.06 11.23 -25.60
N GLN C 253 22.68 11.88 -26.59
CA GLN C 253 24.12 11.70 -26.80
C GLN C 253 24.93 12.45 -25.76
N ILE C 254 24.35 13.50 -25.17
CA ILE C 254 24.95 14.17 -24.03
C ILE C 254 24.44 13.47 -22.78
N ASP C 255 25.35 13.16 -21.86
CA ASP C 255 24.99 12.39 -20.68
C ASP C 255 24.01 13.16 -19.80
N VAL C 256 24.32 14.40 -19.46
CA VAL C 256 23.49 15.19 -18.55
C VAL C 256 23.17 16.53 -19.18
N VAL C 257 21.94 16.98 -18.96
CA VAL C 257 21.50 18.32 -19.33
C VAL C 257 21.25 19.11 -18.04
N SER C 258 22.00 20.19 -17.85
CA SER C 258 21.97 20.97 -16.61
C SER C 258 21.32 22.32 -16.89
N ALA C 259 20.15 22.55 -16.31
CA ALA C 259 19.42 23.80 -16.47
C ALA C 259 19.39 24.59 -15.16
N LYS C 260 18.95 25.83 -15.27
CA LYS C 260 18.65 26.65 -14.11
C LYS C 260 17.17 26.52 -13.80
N GLY C 261 16.36 27.45 -14.29
CA GLY C 261 14.92 27.26 -14.28
C GLY C 261 14.50 26.29 -15.36
N LEU C 262 13.36 25.63 -15.13
CA LEU C 262 12.89 24.59 -16.03
C LEU C 262 11.37 24.52 -15.97
N SER C 263 10.73 24.60 -17.13
CA SER C 263 9.28 24.49 -17.23
C SER C 263 8.91 23.62 -18.42
N PHE C 264 7.79 22.92 -18.30
CA PHE C 264 7.28 22.01 -19.32
C PHE C 264 5.77 22.17 -19.40
N GLU C 265 5.15 21.44 -20.33
CA GLU C 265 3.71 21.47 -20.54
C GLU C 265 3.11 20.09 -20.38
N SER C 266 1.99 20.04 -19.66
CA SER C 266 1.25 18.80 -19.46
C SER C 266 -0.23 19.12 -19.64
N ASP C 267 -0.81 18.64 -20.72
CA ASP C 267 -2.22 18.88 -21.06
C ASP C 267 -2.52 20.37 -21.15
N GLY C 268 -1.70 21.08 -21.92
CA GLY C 268 -1.91 22.49 -22.19
C GLY C 268 -1.49 23.44 -21.09
N LYS C 269 -1.29 22.95 -19.86
CA LYS C 269 -0.84 23.78 -18.75
C LYS C 269 0.67 23.65 -18.57
N THR C 270 1.32 24.77 -18.28
CA THR C 270 2.75 24.81 -18.03
C THR C 270 3.03 24.57 -16.56
N LYS C 271 3.98 23.68 -16.26
CA LYS C 271 4.26 23.26 -14.90
C LYS C 271 5.77 23.23 -14.70
N THR C 272 6.19 23.37 -13.45
CA THR C 272 7.56 23.16 -13.03
C THR C 272 7.70 21.80 -12.34
N PRO C 273 8.91 21.25 -12.25
CA PRO C 273 9.07 19.95 -11.59
C PRO C 273 8.78 20.05 -10.11
N VAL C 274 8.16 19.03 -9.56
CA VAL C 274 7.84 19.02 -8.14
C VAL C 274 9.10 18.73 -7.35
N VAL C 275 9.29 19.46 -6.26
CA VAL C 275 10.45 19.30 -5.38
C VAL C 275 9.94 18.98 -3.98
N SER C 276 10.72 18.20 -3.25
CA SER C 276 10.23 17.55 -2.04
C SER C 276 11.14 17.86 -0.86
N THR C 277 10.51 18.02 0.31
CA THR C 277 11.21 18.27 1.57
C THR C 277 10.60 17.45 2.69
N TYR C 278 11.46 17.00 3.61
CA TYR C 278 11.04 16.26 4.80
C TYR C 278 10.84 17.25 5.94
N GLU C 279 9.63 17.30 6.48
CA GLU C 279 9.25 18.35 7.43
C GLU C 279 8.66 17.74 8.68
N THR C 280 9.00 18.34 9.82
CA THR C 280 8.32 18.08 11.08
C THR C 280 8.03 19.41 11.74
N PHE C 281 7.02 19.41 12.61
CA PHE C 281 6.74 20.60 13.41
C PHE C 281 7.75 20.66 14.54
N GLN C 282 8.17 21.87 14.89
CA GLN C 282 8.98 22.01 16.08
C GLN C 282 8.06 21.97 17.29
N ASP C 283 8.62 21.52 18.42
CA ASP C 283 7.84 21.46 19.66
C ASP C 283 7.27 22.83 20.00
N GLY C 284 6.14 22.83 20.70
CA GLY C 284 5.43 24.05 21.05
C GLY C 284 4.11 24.18 20.32
N GLY C 285 3.80 23.25 19.42
CA GLY C 285 2.55 23.27 18.68
C GLY C 285 2.32 24.48 17.82
N ARG C 286 3.38 25.22 17.48
CA ARG C 286 3.21 26.37 16.61
C ARG C 286 3.29 25.92 15.15
N ALA C 287 2.56 26.62 14.30
CA ALA C 287 2.49 26.28 12.88
C ALA C 287 3.87 26.24 12.25
N LYS C 288 3.99 25.48 11.18
CA LYS C 288 5.26 25.31 10.49
C LYS C 288 5.35 26.29 9.33
N THR C 289 6.45 27.04 9.29
CA THR C 289 6.69 28.00 8.22
C THR C 289 7.65 27.37 7.22
N ILE C 290 7.21 27.27 5.95
CA ILE C 290 8.03 26.79 4.85
C ILE C 290 7.96 27.83 3.73
N ASN C 291 9.11 28.23 3.23
CA ASN C 291 9.16 29.25 2.18
C ASN C 291 8.72 28.69 0.84
N ALA C 292 7.89 29.45 0.13
CA ALA C 292 7.41 29.07 -1.18
C ALA C 292 8.50 29.25 -2.23
N ILE C 293 8.59 28.32 -3.17
CA ILE C 293 9.58 28.42 -4.23
C ILE C 293 9.29 29.63 -5.11
N GLU C 294 10.35 30.21 -5.68
CA GLU C 294 10.17 31.31 -6.62
C GLU C 294 9.74 30.75 -7.96
N CYS C 295 8.55 31.17 -8.43
CA CYS C 295 7.95 30.67 -9.66
C CYS C 295 8.34 31.54 -10.84
N PRO C 296 8.54 30.92 -12.02
CA PRO C 296 8.78 31.73 -13.22
C PRO C 296 7.62 32.69 -13.48
N THR C 297 7.91 33.74 -14.23
CA THR C 297 6.92 34.76 -14.53
C THR C 297 5.70 34.15 -15.22
N GLY C 298 4.51 34.41 -14.67
CA GLY C 298 3.28 33.89 -15.22
C GLY C 298 2.79 32.60 -14.60
N LEU C 299 3.49 32.07 -13.59
CA LEU C 299 3.08 30.87 -12.89
C LEU C 299 2.85 31.19 -11.43
N ASN C 300 2.02 30.38 -10.78
CA ASN C 300 1.61 30.59 -9.40
C ASN C 300 2.00 29.39 -8.55
N ASN C 301 2.15 29.64 -7.25
CA ASN C 301 2.65 28.63 -6.33
C ASN C 301 1.61 27.57 -6.01
N ARG C 302 2.06 26.32 -5.90
CA ARG C 302 1.26 25.21 -5.41
C ARG C 302 2.01 24.50 -4.29
N PHE C 303 1.24 23.80 -3.45
CA PHE C 303 1.79 23.10 -2.30
C PHE C 303 0.92 21.89 -1.99
N ALA C 304 1.55 20.84 -1.49
CA ALA C 304 0.85 19.65 -1.03
C ALA C 304 1.67 18.98 0.06
N ALA C 305 0.99 18.58 1.14
CA ALA C 305 1.60 17.81 2.21
C ALA C 305 0.95 16.43 2.25
N VAL C 306 1.76 15.40 2.38
CA VAL C 306 1.29 14.03 2.39
C VAL C 306 1.89 13.30 3.57
N VAL C 307 1.15 12.31 4.05
CA VAL C 307 1.50 11.68 5.32
C VAL C 307 2.61 10.67 5.11
N SER C 308 3.64 10.76 5.95
CA SER C 308 4.74 9.79 5.95
C SER C 308 4.68 8.92 7.21
N SER C 309 4.98 9.48 8.38
CA SER C 309 4.93 8.74 9.64
C SER C 309 4.07 9.52 10.62
N PHE C 310 3.42 8.80 11.53
CA PHE C 310 2.55 9.45 12.51
C PHE C 310 2.26 8.48 13.65
N SER C 311 1.91 9.07 14.79
CA SER C 311 1.33 8.32 15.90
C SER C 311 0.41 9.28 16.65
N THR C 312 -0.18 8.80 17.73
CA THR C 312 -1.05 9.61 18.55
C THR C 312 -0.33 10.21 19.75
N ALA C 313 0.99 10.31 19.69
CA ALA C 313 1.78 10.77 20.83
C ALA C 313 1.59 12.26 21.11
N GLY C 314 1.10 13.02 20.15
CA GLY C 314 0.95 14.46 20.35
C GLY C 314 2.26 15.19 20.50
N GLN C 315 2.52 15.73 21.68
CA GLN C 315 3.76 16.45 21.94
C GLN C 315 4.89 15.55 22.45
N ASN C 316 4.58 14.30 22.83
CA ASN C 316 5.56 13.39 23.42
C ASN C 316 6.21 12.54 22.33
N ALA C 317 6.88 13.20 21.38
CA ALA C 317 7.47 12.48 20.27
C ALA C 317 8.50 13.34 19.56
N ASN C 318 9.37 12.66 18.81
CA ASN C 318 10.34 13.33 17.94
C ASN C 318 10.46 12.50 16.66
N PHE C 319 9.85 12.98 15.58
CA PHE C 319 9.88 12.29 14.30
C PHE C 319 10.85 12.95 13.33
N SER C 320 11.74 13.81 13.81
CA SER C 320 12.59 14.60 12.94
C SER C 320 13.68 13.79 12.26
N SER C 321 13.88 12.54 12.66
CA SER C 321 14.85 11.67 12.00
C SER C 321 14.14 10.77 10.99
N GLU C 322 14.67 10.74 9.76
CA GLU C 322 14.10 9.90 8.72
C GLU C 322 14.27 8.42 9.00
N SER C 323 15.23 8.06 9.85
CA SER C 323 15.65 6.68 10.04
C SER C 323 15.01 5.99 11.25
N ALA C 324 14.44 6.75 12.17
CA ALA C 324 13.82 6.19 13.36
C ALA C 324 12.77 7.17 13.87
N LYS C 325 11.84 6.65 14.67
CA LYS C 325 10.73 7.44 15.19
C LYS C 325 10.61 7.23 16.70
N ASP C 326 10.66 8.33 17.44
CA ASP C 326 10.51 8.35 18.89
C ASP C 326 9.06 8.69 19.23
N SER C 327 8.37 7.77 19.89
CA SER C 327 6.97 7.92 20.25
C SER C 327 6.78 7.51 21.70
N GLN C 328 6.46 8.47 22.57
CA GLN C 328 6.39 8.27 24.01
C GLN C 328 4.97 8.15 24.53
N GLY C 329 3.97 8.07 23.65
CA GLY C 329 2.61 7.83 24.07
C GLY C 329 1.79 9.10 24.17
N THR C 330 0.52 8.89 24.52
CA THR C 330 -0.48 9.95 24.54
C THR C 330 -0.47 10.68 25.89
N THR C 331 -0.60 12.00 25.83
CA THR C 331 -0.72 12.81 27.05
C THR C 331 -2.04 12.51 27.76
N GLN C 332 -1.96 12.16 29.03
CA GLN C 332 -3.13 11.90 29.86
C GLN C 332 -3.60 13.18 30.52
N LYS C 333 -4.77 13.12 31.15
CA LYS C 333 -5.36 14.32 31.75
C LYS C 333 -4.52 14.86 32.89
N ASP C 334 -3.79 14.00 33.61
CA ASP C 334 -2.95 14.42 34.73
C ASP C 334 -1.55 14.83 34.29
N GLY C 335 -1.30 14.95 32.99
CA GLY C 335 0.01 15.35 32.51
C GLY C 335 1.00 14.22 32.31
N SER C 336 0.73 13.04 32.85
CA SER C 336 1.67 11.94 32.70
C SER C 336 1.55 11.31 31.31
N LYS C 337 2.59 10.56 30.93
CA LYS C 337 2.66 9.91 29.63
C LYS C 337 2.17 8.47 29.72
N GLY C 338 1.11 8.16 28.98
CA GLY C 338 0.54 6.82 28.97
C GLY C 338 0.82 6.11 27.66
N PRO C 339 -0.01 5.13 27.33
CA PRO C 339 0.10 4.45 26.04
C PRO C 339 -0.54 5.28 24.93
N HIS C 340 -0.27 4.83 23.71
CA HIS C 340 -0.77 5.53 22.53
C HIS C 340 -2.27 5.33 22.38
N ALA C 341 -3.04 6.42 22.45
CA ALA C 341 -4.47 6.32 22.28
C ALA C 341 -4.81 5.94 20.84
N LEU C 342 -6.05 5.50 20.63
CA LEU C 342 -6.49 5.14 19.29
C LEU C 342 -6.83 6.39 18.49
N LEU C 343 -6.78 6.26 17.17
CA LEU C 343 -6.80 7.39 16.27
C LEU C 343 -8.09 7.41 15.46
N SER C 344 -8.55 8.63 15.12
CA SER C 344 -9.79 8.82 14.38
C SER C 344 -9.65 9.71 13.14
N GLY C 345 -8.63 10.57 13.06
CA GLY C 345 -8.47 11.40 11.89
C GLY C 345 -7.24 12.29 11.93
N ILE C 346 -6.76 12.66 10.73
CA ILE C 346 -5.63 13.57 10.59
C ILE C 346 -5.97 14.59 9.51
N SER C 347 -5.78 15.87 9.82
CA SER C 347 -6.05 16.96 8.88
C SER C 347 -4.75 17.71 8.60
N LEU C 348 -4.44 17.90 7.32
CA LEU C 348 -3.30 18.70 6.88
C LEU C 348 -3.82 19.92 6.14
N ASN C 349 -3.51 21.11 6.66
CA ASN C 349 -3.99 22.36 6.13
C ASN C 349 -2.81 23.28 5.84
N TRP C 350 -2.89 23.99 4.71
CA TRP C 350 -1.80 24.85 4.28
C TRP C 350 -2.36 26.09 3.61
N THR C 351 -1.71 27.23 3.86
CA THR C 351 -2.11 28.51 3.30
C THR C 351 -0.88 29.30 2.89
N LEU C 352 -0.90 29.84 1.68
CA LEU C 352 0.20 30.64 1.17
C LEU C 352 -0.07 32.11 1.48
N THR C 353 0.88 32.75 2.14
CA THR C 353 0.74 34.17 2.50
C THR C 353 2.11 34.83 2.36
N ASN C 354 2.26 35.63 1.32
CA ASN C 354 3.45 36.45 1.10
C ASN C 354 4.74 35.63 1.19
N LYS C 355 4.89 34.77 0.18
CA LYS C 355 6.10 33.97 -0.03
C LYS C 355 6.36 32.97 1.09
N VAL C 356 5.35 32.66 1.90
CA VAL C 356 5.49 31.69 2.99
C VAL C 356 4.27 30.78 3.01
N TRP C 357 4.50 29.47 2.97
CA TRP C 357 3.45 28.50 3.18
C TRP C 357 3.34 28.24 4.68
N ASP C 358 2.18 28.54 5.26
CA ASP C 358 1.92 28.31 6.68
C ASP C 358 1.15 27.00 6.81
N VAL C 359 1.75 26.03 7.49
CA VAL C 359 1.24 24.67 7.58
C VAL C 359 0.69 24.42 8.98
N THR C 360 -0.57 24.00 9.05
CA THR C 360 -1.21 23.60 10.30
C THR C 360 -1.69 22.16 10.19
N ALA C 361 -1.71 21.47 11.33
CA ALA C 361 -2.09 20.06 11.37
C ALA C 361 -2.93 19.76 12.61
N SER C 362 -3.70 18.68 12.52
CA SER C 362 -4.52 18.20 13.64
C SER C 362 -4.68 16.69 13.55
N ILE C 363 -4.35 15.98 14.63
CA ILE C 363 -4.51 14.54 14.74
C ILE C 363 -5.69 14.25 15.66
N GLY C 364 -6.69 13.53 15.15
CA GLY C 364 -7.84 13.17 15.94
C GLY C 364 -7.72 11.80 16.61
N ILE C 365 -7.83 11.78 17.93
CA ILE C 365 -7.68 10.55 18.71
C ILE C 365 -8.95 10.36 19.55
N GLU C 366 -9.02 9.23 20.23
CA GLU C 366 -10.15 8.94 21.10
C GLU C 366 -10.26 9.99 22.21
N SER C 367 -11.48 10.47 22.42
CA SER C 367 -11.73 11.48 23.45
C SER C 367 -11.73 10.86 24.84
N GLY C 368 -11.89 11.70 25.86
CA GLY C 368 -11.90 11.23 27.23
C GLY C 368 -10.55 10.75 27.73
N ILE C 369 -9.49 11.08 27.00
CA ILE C 369 -8.14 10.75 27.37
C ILE C 369 -7.28 11.99 27.58
N LEU C 370 -7.41 12.98 26.70
CA LEU C 370 -6.61 14.20 26.75
C LEU C 370 -7.08 15.14 27.88
N PRO C 371 -6.17 15.97 28.41
CA PRO C 371 -6.57 16.99 29.38
C PRO C 371 -7.61 17.94 28.83
N THR C 372 -8.11 18.81 29.71
CA THR C 372 -9.11 19.78 29.30
C THR C 372 -8.51 20.97 28.57
N SER C 373 -7.25 21.28 28.85
CA SER C 373 -6.57 22.42 28.23
C SER C 373 -5.15 22.02 27.87
N GLY C 374 -4.58 22.77 26.93
CA GLY C 374 -3.22 22.56 26.49
C GLY C 374 -3.14 22.34 25.00
N ILE C 375 -1.92 22.01 24.54
CA ILE C 375 -1.71 21.70 23.12
C ILE C 375 -2.54 20.50 22.70
N ASP C 376 -2.40 19.40 23.43
CA ASP C 376 -3.16 18.18 23.19
C ASP C 376 -4.34 18.15 24.17
N SER C 377 -5.54 18.43 23.66
CA SER C 377 -6.71 18.62 24.52
C SER C 377 -7.95 18.09 23.81
N GLY C 378 -8.91 17.65 24.61
CA GLY C 378 -10.17 17.12 24.12
C GLY C 378 -10.01 15.84 23.32
N SER C 379 -10.04 15.97 21.99
CA SER C 379 -9.86 14.84 21.08
C SER C 379 -8.85 15.15 19.99
N LEU C 380 -7.97 16.13 20.21
CA LEU C 380 -7.12 16.67 19.16
C LEU C 380 -5.68 16.82 19.65
N LEU C 381 -4.73 16.40 18.82
CA LEU C 381 -3.31 16.71 19.00
C LEU C 381 -2.96 17.78 17.97
N ARG C 382 -2.81 19.02 18.42
CA ARG C 382 -2.65 20.17 17.54
C ARG C 382 -1.17 20.37 17.19
N ASN C 383 -0.87 20.46 15.90
CA ASN C 383 0.48 20.58 15.35
C ASN C 383 1.48 19.70 16.10
N PRO C 384 1.28 18.39 16.12
CA PRO C 384 2.09 17.52 16.98
C PRO C 384 3.46 17.24 16.37
N LYS C 385 4.40 16.90 17.26
CA LYS C 385 5.69 16.39 16.79
C LYS C 385 5.60 14.97 16.28
N SER C 386 4.54 14.24 16.65
CA SER C 386 4.34 12.85 16.22
C SER C 386 3.73 12.79 14.83
N LEU C 387 4.41 13.45 13.89
CA LEU C 387 3.92 13.51 12.52
C LEU C 387 5.07 13.94 11.62
N SER C 388 5.27 13.19 10.56
CA SER C 388 6.20 13.57 9.48
C SER C 388 5.42 13.62 8.19
N PHE C 389 5.50 14.75 7.49
CA PHE C 389 4.83 14.92 6.22
C PHE C 389 5.82 15.37 5.17
N ILE C 390 5.56 15.00 3.92
CA ILE C 390 6.40 15.35 2.79
C ILE C 390 5.77 16.53 2.07
N ALA C 391 6.52 17.61 1.91
CA ALA C 391 6.03 18.84 1.30
C ALA C 391 6.49 18.91 -0.15
N PHE C 392 5.53 18.94 -1.07
CA PHE C 392 5.79 19.06 -2.49
C PHE C 392 5.47 20.48 -2.94
N GLN C 393 6.34 21.06 -3.75
CA GLN C 393 6.08 22.38 -4.32
C GLN C 393 6.32 22.35 -5.82
N TRP C 394 5.46 23.07 -6.55
CA TRP C 394 5.60 23.24 -7.99
C TRP C 394 4.77 24.44 -8.40
N CYS C 395 4.97 24.89 -9.64
CA CYS C 395 4.30 26.07 -10.17
C CYS C 395 3.45 25.70 -11.38
N GLU C 396 2.32 26.38 -11.55
CA GLU C 396 1.47 26.11 -12.70
C GLU C 396 0.60 27.33 -13.00
N ASN C 397 0.03 27.33 -14.20
CA ASN C 397 -0.79 28.45 -14.66
C ASN C 397 -2.27 28.08 -14.65
N PHE D 1 9.20 2.77 15.11
CA PHE D 1 8.79 2.36 16.45
C PHE D 1 9.62 1.21 17.00
N ASN D 2 9.94 1.27 18.29
CA ASN D 2 10.58 0.19 19.01
C ASN D 2 9.52 -0.70 19.65
N ASP D 3 9.94 -1.80 20.27
CA ASP D 3 8.98 -2.76 20.82
C ASP D 3 8.26 -2.23 22.06
N ASN D 4 8.67 -1.07 22.59
CA ASN D 4 7.99 -0.46 23.73
C ASN D 4 6.66 0.19 23.37
N TYR D 5 6.29 0.18 22.09
CA TYR D 5 5.03 0.78 21.67
C TYR D 5 3.86 -0.03 22.21
N SER D 6 2.90 0.68 22.80
CA SER D 6 1.70 0.05 23.35
C SER D 6 0.56 1.05 23.23
N SER D 7 -0.65 0.52 23.11
CA SER D 7 -1.81 1.34 22.84
C SER D 7 -2.94 1.01 23.81
N THR D 8 -3.95 1.88 23.81
CA THR D 8 -5.18 1.56 24.49
C THR D 8 -5.88 0.43 23.74
N SER D 9 -6.97 -0.06 24.30
CA SER D 9 -7.62 -1.22 23.71
C SER D 9 -9.06 -1.31 24.18
N THR D 10 -9.75 -2.32 23.66
CA THR D 10 -11.09 -2.70 24.10
C THR D 10 -11.04 -3.72 25.24
N VAL D 11 -9.86 -3.90 25.84
CA VAL D 11 -9.61 -4.90 26.87
C VAL D 11 -9.30 -4.18 28.17
N TYR D 12 -9.90 -4.65 29.27
CA TYR D 12 -9.59 -4.17 30.61
C TYR D 12 -8.09 -4.01 30.81
N ALA D 13 -7.72 -2.98 31.58
CA ALA D 13 -6.36 -2.71 32.00
C ALA D 13 -6.11 -3.44 33.33
N THR D 14 -5.05 -3.06 34.06
CA THR D 14 -4.79 -3.58 35.42
C THR D 14 -4.22 -2.40 36.22
N SER D 15 -5.04 -1.36 36.37
CA SER D 15 -4.68 -0.18 37.15
C SER D 15 -5.88 0.37 37.89
N SER D 24 -16.02 -4.27 43.84
CA SER D 24 -17.30 -3.57 43.78
C SER D 24 -18.46 -4.56 43.58
N GLU D 25 -19.62 -4.24 44.16
CA GLU D 25 -20.77 -5.13 44.17
C GLU D 25 -21.78 -4.72 43.12
N HIS D 26 -22.24 -5.69 42.33
CA HIS D 26 -23.13 -5.43 41.20
C HIS D 26 -23.85 -6.73 40.83
N LEU D 27 -24.66 -6.65 39.77
CA LEU D 27 -25.57 -7.73 39.39
C LEU D 27 -25.09 -8.58 38.23
N ARG D 28 -23.94 -8.25 37.63
CA ARG D 28 -23.37 -9.06 36.56
C ARG D 28 -22.17 -9.86 37.05
N TYR D 29 -22.02 -10.00 38.36
CA TYR D 29 -20.95 -10.71 39.04
C TYR D 29 -21.26 -12.22 39.05
N PRO D 30 -20.23 -13.07 38.90
CA PRO D 30 -18.82 -12.75 38.66
C PRO D 30 -18.40 -12.88 37.20
N TYR D 31 -19.39 -13.09 36.32
CA TYR D 31 -19.08 -13.43 34.93
C TYR D 31 -18.51 -12.24 34.17
N LEU D 32 -18.92 -11.02 34.53
CA LEU D 32 -18.36 -9.82 33.90
C LEU D 32 -16.86 -9.75 34.09
N GLU D 33 -16.39 -9.94 35.33
CA GLU D 33 -14.96 -9.90 35.60
C GLU D 33 -14.20 -10.96 34.81
N CYS D 34 -14.76 -12.17 34.69
CA CYS D 34 -14.09 -13.25 33.98
C CYS D 34 -13.81 -12.88 32.52
N ILE D 35 -14.80 -12.31 31.83
CA ILE D 35 -14.57 -11.88 30.46
C ILE D 35 -13.56 -10.74 30.43
N LYS D 36 -13.57 -9.88 31.46
CA LYS D 36 -12.71 -8.70 31.45
C LYS D 36 -11.23 -9.05 31.49
N ILE D 37 -10.84 -10.14 32.16
CA ILE D 37 -9.46 -10.58 32.17
C ILE D 37 -9.21 -11.72 31.18
N GLY D 38 -10.09 -11.88 30.19
CA GLY D 38 -9.78 -12.66 29.02
C GLY D 38 -10.43 -14.02 28.91
N MET D 39 -11.28 -14.42 29.85
CA MET D 39 -11.99 -15.68 29.66
C MET D 39 -12.96 -15.55 28.50
N SER D 40 -12.89 -16.48 27.56
CA SER D 40 -13.79 -16.46 26.43
C SER D 40 -15.19 -16.83 26.88
N ARG D 41 -16.19 -16.20 26.24
CA ARG D 41 -17.58 -16.53 26.54
C ARG D 41 -17.89 -17.97 26.19
N ASP D 42 -17.11 -18.58 25.31
CA ASP D 42 -17.30 -19.98 24.95
C ASP D 42 -16.94 -20.93 26.09
N TYR D 43 -16.17 -20.47 27.08
CA TYR D 43 -15.72 -21.33 28.17
C TYR D 43 -15.98 -20.69 29.52
N LEU D 44 -17.03 -19.86 29.62
CA LEU D 44 -17.35 -19.17 30.86
C LEU D 44 -17.77 -20.12 31.98
N GLU D 45 -18.03 -21.40 31.68
CA GLU D 45 -18.38 -22.33 32.76
C GLU D 45 -17.25 -22.48 33.74
N ASN D 46 -16.02 -22.18 33.34
CA ASN D 46 -14.87 -22.25 34.22
C ASN D 46 -14.71 -20.99 35.07
N CYS D 47 -15.56 -19.98 34.86
CA CYS D 47 -15.47 -18.74 35.64
C CYS D 47 -15.61 -19.01 37.13
N VAL D 48 -16.52 -19.92 37.50
CA VAL D 48 -16.70 -20.28 38.91
C VAL D 48 -15.87 -21.50 39.28
N LYS D 49 -15.14 -22.09 38.33
CA LYS D 49 -14.29 -23.24 38.62
C LYS D 49 -12.88 -22.84 38.98
N VAL D 50 -12.44 -21.64 38.59
CA VAL D 50 -11.09 -21.16 38.83
C VAL D 50 -11.16 -19.71 39.27
N SER D 51 -10.34 -19.35 40.25
CA SER D 51 -10.34 -18.01 40.82
C SER D 51 -9.58 -17.04 39.93
N PHE D 52 -9.67 -15.76 40.28
CA PHE D 52 -8.87 -14.73 39.63
C PHE D 52 -7.38 -14.98 39.85
N PRO D 53 -6.52 -14.52 38.94
CA PRO D 53 -5.07 -14.77 39.09
C PRO D 53 -4.54 -14.15 40.38
N THR D 54 -3.92 -14.99 41.21
CA THR D 54 -3.33 -14.54 42.46
C THR D 54 -2.22 -13.51 42.25
N SER D 55 -1.75 -13.34 41.02
CA SER D 55 -0.75 -12.33 40.68
C SER D 55 -1.37 -10.95 40.45
N GLN D 56 -2.69 -10.84 40.45
CA GLN D 56 -3.38 -9.61 40.12
C GLN D 56 -4.22 -9.13 41.30
N ASP D 57 -4.50 -7.82 41.30
CA ASP D 57 -5.17 -7.18 42.42
C ASP D 57 -6.65 -7.55 42.56
N MET D 58 -7.30 -7.97 41.47
CA MET D 58 -8.75 -8.20 41.53
C MET D 58 -9.10 -9.37 42.44
N PHE D 59 -8.25 -10.41 42.48
CA PHE D 59 -8.50 -11.56 43.35
C PHE D 59 -8.78 -11.12 44.78
N TYR D 60 -8.13 -10.05 45.22
CA TYR D 60 -8.19 -9.59 46.60
C TYR D 60 -9.31 -8.59 46.85
N ASP D 61 -10.17 -8.33 45.86
CA ASP D 61 -11.39 -7.56 46.12
C ASP D 61 -12.30 -8.27 47.11
N ALA D 62 -12.18 -9.59 47.24
CA ALA D 62 -13.11 -10.37 48.05
C ALA D 62 -12.96 -10.09 49.55
N TYR D 63 -11.79 -9.65 49.99
CA TYR D 63 -11.57 -9.52 51.41
C TYR D 63 -11.89 -8.11 51.90
N PRO D 64 -12.23 -7.97 53.18
CA PRO D 64 -12.27 -6.64 53.79
C PRO D 64 -10.92 -5.95 53.66
N SER D 65 -10.96 -4.65 53.37
CA SER D 65 -9.73 -3.90 53.11
C SER D 65 -8.81 -3.89 54.32
N THR D 66 -7.50 -3.88 54.04
CA THR D 66 -6.47 -3.93 55.08
C THR D 66 -6.49 -2.70 55.99
N GLU D 67 -7.19 -1.64 55.61
CA GLU D 67 -7.28 -0.41 56.41
C GLU D 67 -8.56 -0.36 57.24
N SER D 68 -9.58 -1.15 56.91
CA SER D 68 -10.85 -1.16 57.62
C SER D 68 -10.68 -1.69 59.05
N ASP D 69 -11.69 -1.43 59.87
CA ASP D 69 -11.66 -1.73 61.31
C ASP D 69 -11.51 -3.23 61.61
N GLY D 70 -10.36 -3.62 62.16
CA GLY D 70 -10.19 -4.98 62.64
C GLY D 70 -9.81 -5.99 61.59
N ALA D 71 -9.53 -5.55 60.37
CA ALA D 71 -9.33 -6.45 59.24
C ALA D 71 -7.91 -7.00 59.17
N LYS D 72 -7.82 -8.24 58.67
CA LYS D 72 -6.54 -8.87 58.40
C LYS D 72 -5.89 -8.23 57.18
N THR D 73 -4.55 -8.14 57.19
CA THR D 73 -3.80 -7.58 56.07
C THR D 73 -3.70 -8.62 54.96
N ARG D 74 -4.53 -8.49 53.95
CA ARG D 74 -4.62 -9.46 52.86
C ARG D 74 -4.38 -8.71 51.54
N THR D 75 -3.24 -8.97 50.92
CA THR D 75 -2.81 -8.30 49.71
C THR D 75 -2.06 -9.28 48.83
N LYS D 76 -1.90 -8.93 47.55
CA LYS D 76 -1.14 -9.79 46.64
C LYS D 76 0.33 -9.81 47.01
N GLU D 77 0.82 -8.74 47.65
CA GLU D 77 2.21 -8.72 48.11
C GLU D 77 2.41 -9.67 49.28
N ASP D 78 1.57 -9.56 50.31
CA ASP D 78 1.65 -10.48 51.44
C ASP D 78 1.40 -11.91 50.98
N PHE D 79 0.59 -12.10 49.93
CA PHE D 79 0.40 -13.42 49.35
C PHE D 79 1.70 -13.96 48.76
N SER D 80 2.34 -13.16 47.88
CA SER D 80 3.57 -13.61 47.25
C SER D 80 4.66 -13.89 48.28
N ALA D 81 4.72 -13.07 49.34
CA ALA D 81 5.74 -13.27 50.37
C ALA D 81 5.61 -14.64 51.01
N ARG D 82 4.41 -14.98 51.50
CA ARG D 82 4.21 -16.28 52.13
C ARG D 82 4.36 -17.42 51.13
N LEU D 83 4.04 -17.20 49.85
CA LEU D 83 4.14 -18.26 48.86
C LEU D 83 5.58 -18.72 48.69
N LEU D 84 6.49 -17.78 48.41
CA LEU D 84 7.88 -18.15 48.19
C LEU D 84 8.58 -18.55 49.49
N ALA D 85 8.05 -18.12 50.64
CA ALA D 85 8.63 -18.51 51.92
C ALA D 85 8.31 -19.94 52.31
N GLY D 86 7.42 -20.62 51.59
CA GLY D 86 7.04 -21.98 51.91
C GLY D 86 6.05 -22.11 53.05
N ASP D 87 5.43 -21.02 53.49
CA ASP D 87 4.45 -21.05 54.57
C ASP D 87 3.08 -21.42 54.01
N TYR D 88 3.01 -22.63 53.44
CA TYR D 88 1.81 -23.08 52.75
C TYR D 88 0.62 -23.18 53.69
N ASP D 89 0.87 -23.43 54.98
CA ASP D 89 -0.23 -23.50 55.95
C ASP D 89 -0.92 -22.15 56.11
N SER D 90 -0.14 -21.05 56.15
CA SER D 90 -0.72 -19.73 56.36
C SER D 90 -1.59 -19.29 55.19
N LEU D 91 -1.30 -19.74 53.98
CA LEU D 91 -2.14 -19.44 52.83
C LEU D 91 -3.50 -20.11 52.95
N GLN D 92 -3.53 -21.39 53.34
CA GLN D 92 -4.79 -22.12 53.45
C GLN D 92 -5.73 -21.48 54.45
N LYS D 93 -5.22 -21.11 55.62
CA LYS D 93 -6.10 -20.66 56.70
C LYS D 93 -6.44 -19.17 56.58
N LEU D 94 -5.50 -18.34 56.13
CA LEU D 94 -5.74 -16.91 56.08
C LEU D 94 -6.41 -16.46 54.79
N TYR D 95 -6.05 -17.07 53.66
CA TYR D 95 -6.57 -16.66 52.35
C TYR D 95 -7.55 -17.68 51.78
N ILE D 96 -7.14 -18.95 51.64
CA ILE D 96 -7.95 -19.91 50.91
C ILE D 96 -9.26 -20.19 51.65
N ASP D 97 -9.18 -20.46 52.96
CA ASP D 97 -10.36 -20.77 53.76
C ASP D 97 -11.30 -19.57 53.95
N PHE D 98 -10.90 -18.36 53.54
CA PHE D 98 -11.73 -17.17 53.69
C PHE D 98 -12.02 -16.47 52.37
N TYR D 99 -11.76 -17.11 51.23
CA TYR D 99 -12.03 -16.50 49.94
C TYR D 99 -13.54 -16.45 49.71
N LEU D 100 -14.15 -17.61 49.43
CA LEU D 100 -15.60 -17.77 49.43
C LEU D 100 -16.30 -16.88 48.40
N ALA D 101 -15.59 -16.51 47.33
CA ALA D 101 -16.11 -15.58 46.35
C ALA D 101 -16.47 -16.32 45.07
N GLN D 102 -16.86 -15.55 44.04
CA GLN D 102 -17.29 -16.09 42.75
C GLN D 102 -18.37 -17.14 42.92
N THR D 103 -19.21 -16.98 43.95
CA THR D 103 -20.32 -17.86 44.26
C THR D 103 -19.88 -19.30 44.51
N THR D 104 -18.60 -19.50 44.80
CA THR D 104 -18.04 -20.82 45.03
C THR D 104 -17.42 -20.87 46.43
N PHE D 105 -17.60 -22.00 47.11
CA PHE D 105 -17.22 -22.17 48.51
C PHE D 105 -16.06 -23.13 48.73
N ASP D 106 -15.84 -24.09 47.84
CA ASP D 106 -14.86 -25.15 48.07
C ASP D 106 -13.52 -24.81 47.43
N TRP D 107 -13.02 -23.60 47.69
CA TRP D 107 -11.73 -23.21 47.15
C TRP D 107 -10.61 -23.94 47.88
N GLU D 108 -9.70 -24.54 47.12
CA GLU D 108 -8.59 -25.31 47.67
C GLU D 108 -7.39 -25.13 46.75
N ILE D 109 -6.24 -25.57 47.23
CA ILE D 109 -5.08 -25.72 46.35
C ILE D 109 -5.36 -26.85 45.37
N PRO D 110 -5.07 -26.68 44.07
CA PRO D 110 -5.37 -27.74 43.10
C PRO D 110 -4.58 -29.00 43.36
N THR D 111 -5.19 -30.13 43.01
CA THR D 111 -4.49 -31.40 43.04
C THR D 111 -3.56 -31.52 41.83
N ARG D 112 -2.78 -32.60 41.81
CA ARG D 112 -2.01 -32.91 40.61
C ARG D 112 -2.94 -33.16 39.42
N ASP D 113 -4.04 -33.88 39.63
CA ASP D 113 -4.99 -34.12 38.55
C ASP D 113 -5.62 -32.83 38.05
N GLN D 114 -5.71 -31.80 38.91
CA GLN D 114 -6.32 -30.54 38.49
C GLN D 114 -5.33 -29.65 37.75
N ILE D 115 -4.06 -29.62 38.18
CA ILE D 115 -3.04 -28.92 37.40
C ILE D 115 -2.92 -29.53 36.02
N GLU D 116 -3.04 -30.87 35.94
CA GLU D 116 -3.09 -31.56 34.65
C GLU D 116 -4.16 -30.98 33.74
N THR D 117 -5.35 -30.73 34.29
CA THR D 117 -6.41 -30.11 33.52
C THR D 117 -6.11 -28.64 33.22
N LEU D 118 -5.52 -27.92 34.18
CA LEU D 118 -5.27 -26.49 34.01
C LEU D 118 -4.34 -26.20 32.84
N VAL D 119 -3.35 -27.07 32.61
CA VAL D 119 -2.44 -26.88 31.49
C VAL D 119 -3.19 -27.04 30.16
N ASN D 120 -4.03 -28.07 30.06
CA ASN D 120 -4.82 -28.27 28.84
C ASN D 120 -5.71 -27.07 28.55
N TYR D 121 -6.36 -26.52 29.57
CA TYR D 121 -7.19 -25.34 29.39
C TYR D 121 -6.36 -24.12 29.02
N ALA D 122 -5.17 -23.99 29.59
CA ALA D 122 -4.30 -22.85 29.26
C ALA D 122 -3.83 -22.92 27.81
N ASN D 123 -3.39 -24.10 27.36
CA ASN D 123 -2.93 -24.26 25.98
C ASN D 123 -4.07 -24.04 24.98
N GLU D 124 -5.28 -24.48 25.31
CA GLU D 124 -6.42 -24.35 24.43
C GLU D 124 -7.17 -23.04 24.65
N GLY D 125 -6.63 -22.14 25.48
CA GLY D 125 -7.22 -20.83 25.66
C GLY D 125 -8.56 -20.79 26.35
N LYS D 126 -8.82 -21.71 27.28
CA LYS D 126 -10.11 -21.78 27.95
C LYS D 126 -10.15 -21.03 29.28
N LEU D 127 -9.05 -20.38 29.66
CA LEU D 127 -8.94 -19.68 30.94
C LEU D 127 -8.90 -18.18 30.71
N SER D 128 -8.67 -17.43 31.78
CA SER D 128 -8.33 -16.03 31.66
C SER D 128 -6.95 -15.87 31.03
N THR D 129 -6.61 -14.63 30.69
CA THR D 129 -5.35 -14.37 29.99
C THR D 129 -4.16 -14.66 30.89
N ALA D 130 -4.14 -14.07 32.10
CA ALA D 130 -3.00 -14.26 32.99
C ALA D 130 -2.75 -15.72 33.30
N LEU D 131 -3.78 -16.56 33.25
CA LEU D 131 -3.65 -17.98 33.53
C LEU D 131 -3.48 -18.84 32.30
N ASN D 132 -4.02 -18.44 31.14
CA ASN D 132 -3.69 -19.13 29.90
C ASN D 132 -2.20 -19.12 29.63
N GLN D 133 -1.51 -18.06 30.08
CA GLN D 133 -0.07 -17.98 29.97
C GLN D 133 0.61 -18.70 31.13
N GLU D 134 0.01 -18.62 32.33
CA GLU D 134 0.71 -19.02 33.55
C GLU D 134 0.91 -20.54 33.61
N TYR D 135 -0.09 -21.30 33.17
CA TYR D 135 -0.11 -22.76 33.31
C TYR D 135 0.52 -23.50 32.14
N ILE D 136 1.35 -22.84 31.33
CA ILE D 136 2.03 -23.55 30.25
C ILE D 136 3.22 -24.33 30.78
N THR D 137 4.06 -23.69 31.60
CA THR D 137 5.22 -24.33 32.21
C THR D 137 5.44 -23.74 33.60
N GLY D 138 6.15 -24.51 34.43
CA GLY D 138 6.54 -24.03 35.75
C GLY D 138 6.41 -25.05 36.86
N ARG D 139 6.70 -24.63 38.09
CA ARG D 139 6.55 -25.47 39.28
C ARG D 139 5.37 -24.97 40.11
N PHE D 140 4.43 -25.87 40.41
CA PHE D 140 3.15 -25.51 40.98
C PHE D 140 2.90 -26.27 42.28
N LEU D 141 2.37 -25.55 43.27
CA LEU D 141 1.99 -26.15 44.54
C LEU D 141 0.70 -26.96 44.37
N THR D 142 0.69 -28.21 44.84
CA THR D 142 -0.49 -29.06 44.80
C THR D 142 -0.79 -29.57 46.21
N LYS D 143 -1.97 -30.17 46.36
CA LYS D 143 -2.41 -30.65 47.68
C LYS D 143 -3.32 -31.86 47.47
N GLU D 144 -2.90 -33.00 48.03
CA GLU D 144 -3.68 -34.23 47.96
C GLU D 144 -3.80 -34.77 49.38
N ASN D 145 -5.02 -34.75 49.91
CA ASN D 145 -5.32 -35.27 51.25
C ASN D 145 -4.44 -34.62 52.32
N GLY D 146 -4.47 -33.29 52.36
CA GLY D 146 -3.76 -32.56 53.40
C GLY D 146 -2.25 -32.54 53.27
N ARG D 147 -1.70 -32.97 52.14
CA ARG D 147 -0.25 -33.07 51.94
C ARG D 147 0.17 -32.19 50.77
N TYR D 148 1.19 -31.36 50.99
CA TYR D 148 1.71 -30.47 49.95
C TYR D 148 2.76 -31.17 49.10
N ASP D 149 2.75 -30.89 47.79
CA ASP D 149 3.74 -31.41 46.86
C ASP D 149 3.97 -30.38 45.75
N ILE D 150 5.10 -30.52 45.07
CA ILE D 150 5.46 -29.66 43.94
C ILE D 150 5.49 -30.50 42.67
N VAL D 151 4.76 -30.06 41.65
CA VAL D 151 4.73 -30.73 40.36
C VAL D 151 5.41 -29.84 39.33
N ASN D 152 5.98 -30.48 38.32
CA ASN D 152 6.80 -29.80 37.31
C ASN D 152 6.16 -29.96 35.94
N VAL D 153 5.96 -28.84 35.26
CA VAL D 153 5.40 -28.83 33.91
C VAL D 153 6.50 -28.36 32.95
N GLY D 154 6.90 -29.24 32.04
CA GLY D 154 7.89 -28.92 31.03
C GLY D 154 9.33 -29.27 31.38
N GLY D 155 9.55 -29.96 32.49
CA GLY D 155 10.92 -30.31 32.87
C GLY D 155 11.77 -29.10 33.18
N VAL D 156 11.19 -28.11 33.85
CA VAL D 156 11.86 -26.85 34.18
C VAL D 156 12.91 -27.12 35.26
N PRO D 157 13.87 -26.23 35.46
CA PRO D 157 14.87 -26.45 36.52
C PRO D 157 14.20 -26.54 37.89
N ASP D 158 14.83 -27.30 38.78
CA ASP D 158 14.27 -27.55 40.10
C ASP D 158 14.31 -26.32 41.00
N ASN D 159 15.09 -25.31 40.65
CA ASN D 159 15.14 -24.07 41.42
C ASN D 159 14.11 -23.05 40.95
N THR D 160 13.20 -23.43 40.06
CA THR D 160 12.14 -22.53 39.64
C THR D 160 11.22 -22.23 40.83
N PRO D 161 10.90 -20.98 41.10
CA PRO D 161 10.07 -20.64 42.27
C PRO D 161 8.69 -21.27 42.19
N VAL D 162 8.14 -21.58 43.35
CA VAL D 162 6.83 -22.20 43.43
C VAL D 162 5.76 -21.22 42.97
N LYS D 163 4.83 -21.70 42.15
CA LYS D 163 3.76 -20.87 41.61
C LYS D 163 2.42 -21.38 42.08
N LEU D 164 1.56 -20.47 42.52
CA LEU D 164 0.17 -20.75 42.86
C LEU D 164 -0.66 -19.71 42.13
N PRO D 165 -0.83 -19.86 40.81
CA PRO D 165 -1.47 -18.79 40.03
C PRO D 165 -2.93 -18.61 40.35
N ALA D 166 -3.62 -19.64 40.83
CA ALA D 166 -5.04 -19.57 41.12
C ALA D 166 -5.42 -20.76 41.96
N ILE D 167 -6.48 -20.59 42.75
CA ILE D 167 -7.12 -21.67 43.46
C ILE D 167 -8.35 -22.09 42.68
N VAL D 168 -8.79 -23.32 42.90
CA VAL D 168 -9.81 -23.94 42.06
C VAL D 168 -10.94 -24.46 42.95
N SER D 169 -12.07 -24.75 42.30
CA SER D 169 -13.18 -25.37 43.02
C SER D 169 -12.85 -26.83 43.30
N LYS D 170 -13.02 -27.24 44.57
CA LYS D 170 -12.65 -28.59 44.99
C LYS D 170 -13.32 -29.65 44.13
N ARG D 171 -14.64 -29.50 43.89
CA ARG D 171 -15.37 -30.46 43.09
C ARG D 171 -15.75 -29.97 41.71
N GLY D 172 -15.80 -28.64 41.51
CA GLY D 172 -16.28 -28.11 40.23
C GLY D 172 -15.27 -28.26 39.11
N LEU D 173 -13.98 -28.08 39.41
CA LEU D 173 -12.94 -28.21 38.40
C LEU D 173 -12.57 -29.67 38.27
N MET D 174 -12.83 -30.24 37.09
CA MET D 174 -12.61 -31.66 36.88
C MET D 174 -11.14 -31.93 36.57
N GLY D 175 -10.54 -32.84 37.33
CA GLY D 175 -9.17 -33.23 37.06
C GLY D 175 -9.06 -34.25 35.95
N THR D 176 -7.87 -34.37 35.39
CA THR D 176 -7.55 -35.37 34.39
C THR D 176 -6.56 -36.35 35.02
N THR D 177 -6.93 -37.64 35.04
CA THR D 177 -6.14 -38.61 35.78
C THR D 177 -4.89 -39.06 35.04
N SER D 178 -4.85 -38.93 33.71
CA SER D 178 -3.64 -39.30 32.97
C SER D 178 -2.55 -38.28 33.27
N VAL D 179 -1.33 -38.78 33.47
CA VAL D 179 -0.18 -37.95 33.84
C VAL D 179 0.61 -37.68 32.56
N VAL D 180 0.47 -36.46 32.03
CA VAL D 180 1.14 -36.07 30.79
C VAL D 180 1.87 -34.74 31.01
N ASN D 181 1.15 -33.72 31.49
CA ASN D 181 1.70 -32.37 31.61
C ASN D 181 2.40 -32.14 32.94
N ALA D 182 1.75 -32.48 34.06
CA ALA D 182 2.25 -32.18 35.39
C ALA D 182 2.95 -33.42 35.93
N ILE D 183 4.27 -33.34 36.06
CA ILE D 183 5.09 -34.48 36.43
C ILE D 183 5.32 -34.43 37.93
N PRO D 184 4.94 -35.46 38.68
CA PRO D 184 4.91 -35.36 40.14
C PRO D 184 6.16 -35.84 40.85
N ASN D 185 6.06 -35.95 42.17
CA ASN D 185 7.12 -36.42 43.03
C ASN D 185 6.66 -37.74 43.64
N GLU D 186 6.97 -38.84 42.97
CA GLU D 186 6.65 -40.17 43.49
C GLU D 186 7.79 -40.65 44.37
N ILE D 187 7.44 -41.36 45.44
CA ILE D 187 8.40 -41.75 46.47
C ILE D 187 8.77 -43.21 46.27
N TYR D 188 10.07 -43.50 46.21
CA TYR D 188 10.55 -44.86 46.09
C TYR D 188 11.35 -45.19 47.35
N PRO D 189 10.83 -46.01 48.25
CA PRO D 189 11.56 -46.29 49.49
C PRO D 189 12.74 -47.21 49.26
N HIS D 190 13.84 -46.92 49.96
CA HIS D 190 14.99 -47.82 50.01
C HIS D 190 14.59 -49.14 50.63
N ILE D 191 14.59 -50.20 49.84
CA ILE D 191 14.08 -51.50 50.26
C ILE D 191 14.99 -52.59 49.72
N LYS D 192 15.17 -53.65 50.50
CA LYS D 192 16.02 -54.77 50.13
C LYS D 192 15.19 -56.02 49.88
N VAL D 193 15.38 -56.64 48.72
CA VAL D 193 14.80 -57.94 48.40
C VAL D 193 15.82 -59.01 48.74
N TYR D 194 15.39 -60.05 49.45
CA TYR D 194 16.33 -61.00 50.04
C TYR D 194 16.77 -62.10 49.09
N GLU D 195 15.94 -62.45 48.10
CA GLU D 195 16.32 -63.32 46.98
C GLU D 195 16.85 -64.67 47.51
N GLY D 196 17.73 -65.30 46.74
CA GLY D 196 18.17 -66.64 47.06
C GLY D 196 17.11 -67.66 46.67
N THR D 197 17.02 -68.72 47.45
CA THR D 197 15.89 -69.63 47.33
C THR D 197 14.72 -69.09 48.14
N LEU D 198 14.34 -67.84 47.88
CA LEU D 198 13.24 -67.17 48.57
C LEU D 198 12.43 -66.35 47.56
N SER D 199 12.79 -65.08 47.36
CA SER D 199 12.12 -64.26 46.36
C SER D 199 12.30 -64.86 44.97
N ARG D 200 11.24 -64.77 44.16
CA ARG D 200 11.24 -65.37 42.84
C ARG D 200 10.31 -64.58 41.93
N LEU D 201 10.83 -64.18 40.75
CA LEU D 201 10.04 -63.51 39.71
C LEU D 201 10.42 -64.15 38.37
N LYS D 202 9.80 -65.28 38.08
CA LYS D 202 10.08 -66.00 36.84
C LYS D 202 8.78 -66.57 36.30
N PRO D 203 8.65 -66.71 34.99
CA PRO D 203 7.38 -67.20 34.41
C PRO D 203 7.10 -68.65 34.77
N GLY D 204 5.82 -69.01 34.63
CA GLY D 204 5.36 -70.37 34.83
C GLY D 204 4.70 -70.63 36.16
N GLY D 205 4.57 -69.62 37.02
CA GLY D 205 3.96 -69.81 38.32
C GLY D 205 3.74 -68.53 39.09
N ALA D 206 3.89 -68.62 40.41
CA ALA D 206 3.60 -67.49 41.29
C ALA D 206 4.84 -66.65 41.55
N MET D 207 4.62 -65.34 41.70
CA MET D 207 5.66 -64.40 42.06
C MET D 207 5.63 -64.14 43.56
N ILE D 208 6.76 -64.34 44.21
CA ILE D 208 6.89 -64.11 45.65
C ILE D 208 8.14 -63.29 45.91
N ALA D 209 8.06 -62.39 46.88
CA ALA D 209 9.21 -61.63 47.33
C ALA D 209 9.05 -61.33 48.81
N VAL D 210 10.15 -60.87 49.42
CA VAL D 210 10.18 -60.50 50.83
C VAL D 210 11.09 -59.27 50.96
N LEU D 211 10.50 -58.11 51.22
CA LEU D 211 11.23 -56.86 51.23
C LEU D 211 11.65 -56.50 52.65
N GLU D 212 12.13 -55.27 52.83
CA GLU D 212 12.59 -54.78 54.11
C GLU D 212 12.75 -53.27 54.08
N TYR D 213 11.95 -52.57 54.88
CA TYR D 213 11.91 -51.12 54.90
C TYR D 213 12.60 -50.61 56.15
N ASP D 214 13.05 -49.36 56.10
CA ASP D 214 13.72 -48.77 57.25
C ASP D 214 12.69 -48.02 58.09
N VAL D 215 12.82 -48.12 59.41
CA VAL D 215 11.82 -47.55 60.31
C VAL D 215 11.88 -46.03 60.29
N ASN D 216 13.08 -45.45 60.30
CA ASN D 216 13.21 -44.00 60.37
C ASN D 216 12.66 -43.32 59.12
N GLU D 217 12.73 -43.99 57.96
CA GLU D 217 12.16 -43.44 56.74
C GLU D 217 10.69 -43.82 56.56
N LEU D 218 10.18 -44.77 57.35
CA LEU D 218 8.74 -44.98 57.39
C LEU D 218 8.05 -43.89 58.19
N SER D 219 8.68 -43.44 59.29
CA SER D 219 8.09 -42.40 60.13
C SER D 219 8.12 -41.03 59.47
N LYS D 220 8.99 -40.83 58.48
CA LYS D 220 9.01 -39.57 57.75
C LYS D 220 7.84 -39.45 56.77
N HIS D 221 7.29 -40.59 56.32
CA HIS D 221 6.19 -40.61 55.36
C HIS D 221 4.86 -41.04 55.99
N GLY D 222 4.67 -40.76 57.28
CA GLY D 222 3.38 -41.01 57.90
C GLY D 222 3.07 -42.46 58.15
N TYR D 223 4.08 -43.28 58.40
CA TYR D 223 3.90 -44.70 58.73
C TYR D 223 4.59 -44.97 60.06
N THR D 224 3.86 -44.79 61.16
CA THR D 224 4.37 -45.14 62.48
C THR D 224 3.78 -46.44 63.01
N ASN D 225 2.54 -46.76 62.64
CA ASN D 225 1.93 -48.06 62.95
C ASN D 225 2.25 -48.99 61.80
N LEU D 226 3.32 -49.77 61.94
CA LEU D 226 3.88 -50.56 60.86
C LEU D 226 3.11 -51.84 60.57
N TRP D 227 1.88 -51.98 61.08
CA TRP D 227 0.96 -53.03 60.67
C TRP D 227 -0.25 -52.49 59.94
N ASP D 228 -0.38 -51.16 59.85
CA ASP D 228 -1.46 -50.50 59.14
C ASP D 228 -1.07 -50.38 57.66
N VAL D 229 -1.06 -51.55 57.00
CA VAL D 229 -0.46 -51.71 55.67
C VAL D 229 -1.37 -52.51 54.75
N GLN D 230 -1.04 -52.46 53.46
CA GLN D 230 -1.63 -53.25 52.37
C GLN D 230 -0.78 -53.01 51.13
N PHE D 231 -0.84 -53.96 50.18
CA PHE D 231 0.05 -53.96 49.03
C PHE D 231 -0.72 -54.11 47.73
N LYS D 232 -0.17 -53.51 46.68
CA LYS D 232 -0.68 -53.61 45.32
C LYS D 232 0.47 -53.93 44.38
N VAL D 233 0.23 -54.82 43.43
CA VAL D 233 1.22 -55.20 42.43
C VAL D 233 0.67 -54.82 41.04
N LEU D 234 1.53 -54.21 40.22
CA LEU D 234 1.15 -53.70 38.92
C LEU D 234 1.98 -54.37 37.82
N VAL D 235 1.35 -54.60 36.68
CA VAL D 235 2.00 -55.20 35.50
C VAL D 235 1.70 -54.34 34.29
N GLY D 236 2.74 -53.79 33.67
CA GLY D 236 2.57 -52.99 32.48
C GLY D 236 3.78 -52.10 32.27
N VAL D 237 3.65 -51.20 31.29
CA VAL D 237 4.74 -50.31 30.92
C VAL D 237 4.78 -49.15 31.91
N PRO D 238 5.85 -49.00 32.69
CA PRO D 238 5.93 -47.90 33.64
C PRO D 238 6.06 -46.55 32.93
N HIS D 239 5.74 -45.50 33.67
CA HIS D 239 5.84 -44.15 33.14
C HIS D 239 7.30 -43.78 32.89
N ALA D 240 7.56 -43.17 31.73
CA ALA D 240 8.92 -42.88 31.32
C ALA D 240 9.60 -41.84 32.19
N GLU D 241 8.84 -40.99 32.88
CA GLU D 241 9.43 -39.94 33.71
C GLU D 241 9.53 -40.33 35.18
N THR D 242 8.45 -40.82 35.77
CA THR D 242 8.47 -41.14 37.19
C THR D 242 8.63 -42.63 37.48
N GLY D 243 8.35 -43.50 36.51
CA GLY D 243 8.54 -44.93 36.68
C GLY D 243 7.34 -45.70 37.19
N VAL D 244 6.21 -45.04 37.47
CA VAL D 244 5.02 -45.73 37.97
C VAL D 244 4.22 -46.29 36.80
N ILE D 245 3.61 -47.46 37.02
CA ILE D 245 2.70 -48.07 36.04
C ILE D 245 1.29 -47.57 36.38
N TYR D 246 0.90 -46.45 35.77
CA TYR D 246 -0.33 -45.76 36.15
C TYR D 246 -1.58 -46.50 35.70
N ASP D 247 -1.57 -47.02 34.46
CA ASP D 247 -2.67 -47.83 33.95
C ASP D 247 -2.12 -49.22 33.64
N PRO D 248 -1.99 -50.07 34.65
CA PRO D 248 -1.41 -51.41 34.42
C PRO D 248 -2.36 -52.32 33.65
N VAL D 249 -1.77 -53.22 32.88
CA VAL D 249 -2.53 -54.25 32.18
C VAL D 249 -3.08 -55.30 33.14
N TYR D 250 -2.45 -55.47 34.31
CA TYR D 250 -2.95 -56.38 35.35
C TYR D 250 -2.65 -55.77 36.71
N GLU D 251 -3.70 -55.59 37.52
CA GLU D 251 -3.61 -55.04 38.86
C GLU D 251 -4.05 -56.10 39.86
N GLU D 252 -3.35 -56.19 40.99
CA GLU D 252 -3.65 -57.21 41.97
C GLU D 252 -3.28 -56.70 43.36
N THR D 253 -4.23 -56.79 44.29
CA THR D 253 -4.04 -56.37 45.67
C THR D 253 -3.76 -57.60 46.54
N VAL D 254 -2.74 -57.51 47.38
CA VAL D 254 -2.39 -58.59 48.31
C VAL D 254 -2.07 -58.00 49.69
N LYS D 255 -2.22 -58.85 50.73
CA LYS D 255 -2.03 -58.54 52.13
C LYS D 255 -0.84 -59.30 52.73
N PRO D 256 -0.11 -58.70 53.69
CA PRO D 256 1.16 -59.30 54.15
C PRO D 256 1.06 -60.09 55.46
N TYR D 257 2.10 -60.83 55.77
CA TYR D 257 2.08 -61.62 57.00
C TYR D 257 3.41 -61.58 57.73
N GLN D 258 4.20 -60.52 57.58
CA GLN D 258 5.49 -60.69 58.21
C GLN D 258 5.52 -60.17 59.65
N PRO D 259 6.45 -60.70 60.48
CA PRO D 259 6.74 -60.26 61.85
C PRO D 259 8.10 -59.58 61.96
N LEU D 263 12.39 -56.40 61.61
CA LEU D 263 12.73 -57.14 62.82
C LEU D 263 13.72 -56.41 63.70
N THR D 264 14.76 -55.86 63.07
CA THR D 264 15.78 -55.13 63.84
C THR D 264 15.53 -53.64 63.73
N GLY D 265 16.59 -52.86 63.46
CA GLY D 265 16.40 -51.44 63.34
C GLY D 265 15.65 -51.06 62.07
N LYS D 266 15.20 -52.07 61.32
CA LYS D 266 14.33 -51.94 60.16
C LYS D 266 13.20 -52.95 60.32
N LYS D 267 12.16 -52.81 59.50
CA LYS D 267 11.08 -53.78 59.50
C LYS D 267 10.89 -54.33 58.10
N LEU D 268 10.38 -55.56 58.03
CA LEU D 268 10.26 -56.25 56.77
C LEU D 268 8.81 -56.62 56.51
N TYR D 269 8.50 -56.86 55.25
CA TYR D 269 7.17 -57.25 54.81
C TYR D 269 7.32 -58.24 53.65
N ASN D 270 6.44 -59.23 53.58
CA ASN D 270 6.53 -60.23 52.54
C ASN D 270 5.85 -59.73 51.28
N VAL D 271 5.36 -60.68 50.48
CA VAL D 271 4.44 -60.50 49.37
C VAL D 271 4.38 -61.84 48.66
N SER D 272 3.17 -62.34 48.47
CA SER D 272 2.97 -63.58 47.73
C SER D 272 1.79 -63.36 46.82
N THR D 273 2.07 -63.18 45.54
CA THR D 273 0.97 -63.16 44.59
C THR D 273 0.27 -64.50 44.64
N ASN D 274 -1.05 -64.45 44.47
CA ASN D 274 -1.86 -65.64 44.35
C ASN D 274 -1.91 -65.90 42.87
N ASP D 275 -1.08 -66.84 42.39
CA ASP D 275 -1.14 -67.26 40.99
C ASP D 275 -1.72 -68.65 40.77
N MET D 276 -1.62 -69.56 41.73
CA MET D 276 -2.27 -70.85 41.56
C MET D 276 -3.45 -71.06 42.49
N HIS D 277 -3.68 -70.17 43.47
CA HIS D 277 -4.97 -70.11 44.11
C HIS D 277 -5.88 -69.13 43.38
N ASN D 278 -5.68 -69.03 42.06
CA ASN D 278 -6.43 -68.29 41.06
C ASN D 278 -5.73 -68.60 39.73
N GLY D 279 -6.05 -67.86 38.68
CA GLY D 279 -5.37 -68.06 37.40
C GLY D 279 -3.89 -67.70 37.45
N TYR D 280 -3.05 -68.54 36.82
CA TYR D 280 -1.64 -68.19 36.64
C TYR D 280 -1.45 -66.86 35.90
N LYS D 281 -2.51 -66.28 35.34
CA LYS D 281 -2.42 -65.25 34.31
C LYS D 281 -1.51 -64.07 34.64
N TRP D 282 -1.06 -63.95 35.89
CA TRP D 282 -0.02 -62.96 36.19
C TRP D 282 1.22 -63.23 35.35
N SER D 283 1.65 -64.49 35.29
CA SER D 283 2.82 -64.83 34.48
C SER D 283 2.49 -64.91 33.00
N ASN D 284 1.22 -65.17 32.65
CA ASN D 284 0.81 -65.21 31.26
C ASN D 284 0.58 -63.83 30.66
N THR D 285 0.51 -62.76 31.47
CA THR D 285 0.48 -61.40 30.95
C THR D 285 1.73 -60.59 31.28
N MET D 286 2.37 -60.80 32.43
CA MET D 286 3.65 -60.15 32.71
C MET D 286 4.70 -60.56 31.69
N PHE D 287 4.63 -61.80 31.20
CA PHE D 287 5.57 -62.33 30.22
C PHE D 287 4.93 -62.55 28.86
N SER D 288 3.92 -61.75 28.52
CA SER D 288 3.34 -61.74 27.19
C SER D 288 3.90 -60.62 26.31
N ASN D 289 4.66 -59.70 26.87
CA ASN D 289 5.24 -58.58 26.12
C ASN D 289 6.55 -58.22 26.79
N SER D 290 7.61 -58.09 25.99
CA SER D 290 8.96 -57.93 26.54
C SER D 290 9.14 -56.61 27.27
N ASN D 291 8.30 -55.61 27.03
CA ASN D 291 8.41 -54.33 27.73
C ASN D 291 7.67 -54.30 29.07
N TYR D 292 6.88 -55.32 29.39
CA TYR D 292 6.15 -55.32 30.65
C TYR D 292 7.10 -55.50 31.82
N LYS D 293 6.74 -54.89 32.96
CA LYS D 293 7.50 -54.99 34.19
C LYS D 293 6.52 -55.11 35.35
N THR D 294 7.05 -55.54 36.50
CA THR D 294 6.25 -55.76 37.69
C THR D 294 6.69 -54.78 38.77
N GLN D 295 5.74 -54.02 39.31
CA GLN D 295 6.02 -52.98 40.27
C GLN D 295 5.13 -53.17 41.49
N ILE D 296 5.66 -52.84 42.66
CA ILE D 296 4.99 -53.06 43.94
C ILE D 296 4.74 -51.72 44.61
N LEU D 297 3.54 -51.56 45.16
CA LEU D 297 3.11 -50.30 45.77
C LEU D 297 2.63 -50.55 47.19
N LEU D 298 3.04 -49.68 48.10
CA LEU D 298 2.68 -49.76 49.52
C LEU D 298 1.76 -48.61 49.87
N THR D 299 0.67 -48.93 50.56
CA THR D 299 -0.29 -47.95 51.03
C THR D 299 -0.59 -48.20 52.49
N LYS D 300 -1.40 -47.32 53.09
CA LYS D 300 -2.05 -47.65 54.34
C LYS D 300 -3.11 -48.73 54.07
N GLY D 301 -3.61 -49.35 55.14
CA GLY D 301 -4.54 -50.48 54.98
C GLY D 301 -5.73 -50.20 54.08
N ASP D 302 -6.21 -48.95 54.09
CA ASP D 302 -7.38 -48.51 53.34
C ASP D 302 -7.04 -47.80 52.03
N GLY D 303 -5.80 -47.93 51.56
CA GLY D 303 -5.37 -47.25 50.35
C GLY D 303 -4.96 -45.81 50.52
N SER D 304 -4.92 -45.29 51.76
CA SER D 304 -4.51 -43.92 52.03
C SER D 304 -3.00 -43.85 52.21
N GLY D 305 -2.49 -42.67 52.59
CA GLY D 305 -1.09 -42.52 52.91
C GLY D 305 -0.22 -42.16 51.71
N VAL D 306 1.02 -41.79 52.01
CA VAL D 306 2.01 -41.52 50.96
C VAL D 306 2.27 -42.79 50.19
N LYS D 307 2.03 -42.75 48.88
CA LYS D 307 2.25 -43.93 48.04
C LYS D 307 3.73 -44.23 47.95
N LEU D 308 4.12 -45.44 48.38
CA LEU D 308 5.53 -45.86 48.40
C LEU D 308 5.71 -46.96 47.36
N TYR D 309 6.65 -46.74 46.43
CA TYR D 309 6.79 -47.57 45.23
C TYR D 309 8.14 -48.26 45.17
N SER D 310 8.13 -49.49 44.70
CA SER D 310 9.35 -50.17 44.32
C SER D 310 9.65 -49.93 42.84
N LYS D 311 10.85 -50.30 42.42
CA LYS D 311 11.19 -50.23 41.00
C LYS D 311 10.29 -51.15 40.19
N ALA D 312 10.04 -50.76 38.95
CA ALA D 312 9.37 -51.66 38.01
C ALA D 312 10.40 -52.68 37.57
N TYR D 313 10.33 -53.87 38.16
CA TYR D 313 11.38 -54.86 37.96
C TYR D 313 11.21 -55.63 36.66
N SER D 314 12.32 -56.09 36.11
CA SER D 314 12.34 -57.06 35.02
C SER D 314 12.39 -58.47 35.63
N GLU D 315 12.44 -59.47 34.75
CA GLU D 315 12.58 -60.86 35.18
C GLU D 315 13.70 -61.01 36.20
N ASN D 316 13.41 -61.72 37.28
CA ASN D 316 14.36 -61.94 38.37
C ASN D 316 14.74 -60.63 39.06
N PHE D 317 13.78 -59.69 39.14
CA PHE D 317 13.96 -58.42 39.85
C PHE D 317 15.03 -57.55 39.19
N LYS D 318 15.24 -57.73 37.89
CA LYS D 318 16.25 -56.97 37.17
C LYS D 318 15.64 -55.72 36.52
N PHE E 1 -11.05 -1.81 0.29
CA PHE E 1 -11.58 -2.84 1.19
C PHE E 1 -12.93 -3.33 0.66
N ASN E 2 -13.17 -4.64 0.76
CA ASN E 2 -14.45 -5.22 0.37
C ASN E 2 -15.41 -5.28 1.56
N ASP E 3 -16.64 -5.72 1.29
CA ASP E 3 -17.73 -5.66 2.26
C ASP E 3 -17.57 -6.63 3.41
N ASN E 4 -16.63 -7.57 3.34
CA ASN E 4 -16.37 -8.46 4.46
C ASN E 4 -15.58 -7.78 5.57
N TYR E 5 -15.17 -6.53 5.38
CA TYR E 5 -14.37 -5.83 6.37
C TYR E 5 -15.19 -5.57 7.62
N SER E 6 -14.60 -5.87 8.77
CA SER E 6 -15.25 -5.66 10.06
C SER E 6 -14.16 -5.35 11.07
N SER E 7 -14.51 -4.54 12.07
CA SER E 7 -13.51 -4.07 13.02
C SER E 7 -14.02 -4.27 14.44
N THR E 8 -13.09 -4.13 15.38
CA THR E 8 -13.45 -4.02 16.78
C THR E 8 -14.11 -2.68 17.01
N SER E 9 -14.58 -2.44 18.22
CA SER E 9 -15.30 -1.20 18.50
C SER E 9 -15.22 -0.88 19.98
N THR E 10 -15.66 0.33 20.33
CA THR E 10 -15.80 0.73 21.72
C THR E 10 -17.21 0.57 22.27
N VAL E 11 -18.21 0.34 21.42
CA VAL E 11 -19.57 0.38 21.92
C VAL E 11 -20.09 -1.02 22.24
N TYR E 12 -19.81 -2.03 21.42
CA TYR E 12 -20.11 -3.40 21.82
C TYR E 12 -18.89 -4.19 22.26
N ALA E 13 -17.91 -3.56 22.93
CA ALA E 13 -16.75 -4.31 23.39
C ALA E 13 -16.61 -4.18 24.91
N THR E 14 -15.49 -4.69 25.43
CA THR E 14 -15.18 -4.62 26.86
C THR E 14 -14.49 -3.30 27.17
N SER E 15 -14.01 -3.15 28.41
CA SER E 15 -13.26 -1.98 28.88
C SER E 15 -14.16 -0.77 29.11
N ASN E 16 -15.33 -0.72 28.50
CA ASN E 16 -16.29 0.33 28.81
C ASN E 16 -17.14 -0.03 30.03
N GLU E 17 -17.87 -1.14 29.96
CA GLU E 17 -18.77 -1.49 31.05
C GLU E 17 -17.97 -1.79 32.31
N ALA E 18 -18.35 -1.17 33.42
CA ALA E 18 -17.67 -1.33 34.69
C ALA E 18 -18.51 -2.17 35.64
N THR E 19 -17.89 -2.52 36.78
CA THR E 19 -18.54 -3.31 37.81
C THR E 19 -19.62 -2.47 38.50
N ASP E 20 -20.80 -2.42 37.87
CA ASP E 20 -21.92 -1.66 38.38
C ASP E 20 -23.19 -2.14 37.70
N SER E 21 -24.34 -1.77 38.27
CA SER E 21 -25.63 -2.18 37.76
C SER E 21 -26.69 -1.20 38.22
N ARG E 22 -27.57 -0.78 37.30
CA ARG E 22 -28.61 0.18 37.62
C ARG E 22 -29.75 -0.44 38.43
N GLY E 23 -29.72 -1.75 38.64
CA GLY E 23 -30.72 -2.43 39.45
C GLY E 23 -30.32 -2.50 40.91
N SER E 24 -31.25 -3.03 41.71
CA SER E 24 -31.06 -3.14 43.14
C SER E 24 -30.38 -4.45 43.49
N GLU E 25 -29.31 -4.38 44.28
CA GLU E 25 -28.56 -5.55 44.73
C GLU E 25 -29.07 -5.99 46.09
N HIS E 26 -29.56 -7.23 46.18
CA HIS E 26 -30.15 -7.73 47.42
C HIS E 26 -29.95 -9.23 47.51
N LEU E 27 -30.48 -9.81 48.59
CA LEU E 27 -30.23 -11.20 48.93
C LEU E 27 -31.38 -12.12 48.52
N ARG E 28 -32.46 -11.55 47.99
CA ARG E 28 -33.56 -12.34 47.46
C ARG E 28 -33.54 -12.36 45.94
N TYR E 29 -32.42 -11.93 45.34
CA TYR E 29 -32.21 -11.91 43.89
C TYR E 29 -31.82 -13.30 43.40
N PRO E 30 -32.32 -13.72 42.23
CA PRO E 30 -33.28 -12.98 41.41
C PRO E 30 -34.72 -13.47 41.61
N TYR E 31 -34.92 -14.33 42.61
CA TYR E 31 -36.19 -15.04 42.73
C TYR E 31 -37.34 -14.12 43.14
N LEU E 32 -37.07 -13.09 43.96
CA LEU E 32 -38.12 -12.14 44.30
C LEU E 32 -38.67 -11.47 43.06
N GLU E 33 -37.79 -11.00 42.18
CA GLU E 33 -38.22 -10.37 40.93
C GLU E 33 -39.01 -11.35 40.06
N CYS E 34 -38.56 -12.61 39.99
CA CYS E 34 -39.26 -13.59 39.16
C CYS E 34 -40.70 -13.76 39.61
N ILE E 35 -40.93 -13.86 40.92
CA ILE E 35 -42.28 -13.98 41.44
C ILE E 35 -43.04 -12.67 41.24
N LYS E 36 -42.35 -11.52 41.36
CA LYS E 36 -43.04 -10.24 41.31
C LYS E 36 -43.63 -9.95 39.93
N ILE E 37 -43.03 -10.46 38.86
CA ILE E 37 -43.62 -10.32 37.52
C ILE E 37 -44.40 -11.58 37.13
N GLY E 38 -44.76 -12.42 38.11
CA GLY E 38 -45.80 -13.40 37.92
C GLY E 38 -45.36 -14.83 37.73
N MET E 39 -44.06 -15.13 37.80
CA MET E 39 -43.65 -16.52 37.71
C MET E 39 -44.14 -17.27 38.95
N SER E 40 -44.83 -18.39 38.74
CA SER E 40 -45.35 -19.17 39.84
C SER E 40 -44.20 -19.84 40.61
N ARG E 41 -44.35 -19.92 41.93
CA ARG E 41 -43.34 -20.60 42.73
C ARG E 41 -43.23 -22.08 42.39
N ASP E 42 -44.27 -22.66 41.77
CA ASP E 42 -44.20 -24.05 41.35
C ASP E 42 -43.21 -24.28 40.22
N TYR E 43 -42.81 -23.21 39.52
CA TYR E 43 -41.92 -23.34 38.37
C TYR E 43 -40.75 -22.37 38.47
N LEU E 44 -40.33 -22.06 39.70
CA LEU E 44 -39.23 -21.11 39.92
C LEU E 44 -37.90 -21.63 39.41
N GLU E 45 -37.80 -22.91 39.04
CA GLU E 45 -36.56 -23.42 38.47
C GLU E 45 -36.21 -22.74 37.15
N ASN E 46 -37.21 -22.15 36.47
CA ASN E 46 -36.98 -21.42 35.24
C ASN E 46 -36.57 -19.97 35.46
N CYS E 47 -36.51 -19.51 36.73
CA CYS E 47 -36.11 -18.13 36.99
C CYS E 47 -34.73 -17.83 36.44
N VAL E 48 -33.81 -18.79 36.52
CA VAL E 48 -32.48 -18.63 35.96
C VAL E 48 -32.37 -19.19 34.54
N LYS E 49 -33.42 -19.79 34.00
CA LYS E 49 -33.38 -20.34 32.65
C LYS E 49 -33.86 -19.35 31.57
N VAL E 50 -34.65 -18.35 31.93
CA VAL E 50 -35.17 -17.39 30.97
C VAL E 50 -35.09 -16.00 31.60
N SER E 51 -34.73 -15.00 30.79
CA SER E 51 -34.49 -13.67 31.32
C SER E 51 -35.80 -12.93 31.59
N PHE E 52 -35.67 -11.78 32.23
CA PHE E 52 -36.80 -10.88 32.40
C PHE E 52 -37.32 -10.44 31.04
N PRO E 53 -38.58 -10.04 30.93
CA PRO E 53 -39.12 -9.64 29.63
C PRO E 53 -38.33 -8.49 29.05
N THR E 54 -37.79 -8.70 27.84
CA THR E 54 -37.08 -7.64 27.16
C THR E 54 -37.97 -6.44 26.88
N SER E 55 -39.29 -6.59 27.06
CA SER E 55 -40.27 -5.52 26.91
C SER E 55 -40.38 -4.61 28.13
N GLN E 56 -39.71 -4.94 29.23
CA GLN E 56 -39.87 -4.21 30.48
C GLN E 56 -38.54 -3.62 30.93
N ASP E 57 -38.64 -2.56 31.75
CA ASP E 57 -37.46 -1.84 32.20
C ASP E 57 -36.61 -2.67 33.16
N MET E 58 -37.21 -3.66 33.82
CA MET E 58 -36.47 -4.44 34.81
C MET E 58 -35.35 -5.24 34.16
N PHE E 59 -35.56 -5.72 32.94
CA PHE E 59 -34.54 -6.49 32.22
C PHE E 59 -33.22 -5.73 32.17
N TYR E 60 -33.29 -4.41 32.02
CA TYR E 60 -32.11 -3.57 31.81
C TYR E 60 -31.53 -3.06 33.11
N ASP E 61 -32.03 -3.53 34.26
CA ASP E 61 -31.43 -3.22 35.54
C ASP E 61 -30.00 -3.75 35.65
N ALA E 62 -29.63 -4.76 34.86
CA ALA E 62 -28.33 -5.39 35.01
C ALA E 62 -27.18 -4.49 34.55
N TYR E 63 -27.45 -3.56 33.67
CA TYR E 63 -26.37 -2.78 33.08
C TYR E 63 -26.09 -1.51 33.88
N PRO E 64 -24.88 -0.96 33.77
CA PRO E 64 -24.63 0.37 34.31
C PRO E 64 -25.59 1.39 33.71
N SER E 65 -26.06 2.30 34.56
CA SER E 65 -27.04 3.28 34.12
C SER E 65 -26.45 4.14 33.01
N THR E 66 -27.30 4.50 32.03
CA THR E 66 -26.85 5.21 30.85
C THR E 66 -26.30 6.61 31.14
N GLU E 67 -26.53 7.15 32.34
CA GLU E 67 -26.01 8.47 32.70
C GLU E 67 -24.70 8.42 33.49
N SER E 68 -24.38 7.29 34.12
CA SER E 68 -23.14 7.17 34.90
C SER E 68 -21.92 7.22 33.97
N ASP E 69 -20.76 7.46 34.57
CA ASP E 69 -19.52 7.65 33.82
C ASP E 69 -19.15 6.42 32.98
N GLY E 70 -19.16 6.57 31.66
CA GLY E 70 -18.68 5.54 30.75
C GLY E 70 -19.68 4.51 30.25
N ALA E 71 -20.96 4.69 30.51
CA ALA E 71 -21.93 3.67 30.13
C ALA E 71 -22.36 3.79 28.67
N LYS E 72 -22.60 2.62 28.08
CA LYS E 72 -23.19 2.49 26.76
C LYS E 72 -24.68 2.81 26.81
N THR E 73 -25.20 3.35 25.70
CA THR E 73 -26.62 3.70 25.61
C THR E 73 -27.42 2.41 25.43
N ARG E 74 -27.92 1.88 26.55
CA ARG E 74 -28.64 0.61 26.58
C ARG E 74 -29.97 0.77 27.30
N THR E 75 -31.07 0.66 26.55
CA THR E 75 -32.42 0.83 27.08
C THR E 75 -33.36 -0.09 26.31
N LYS E 76 -34.58 -0.25 26.84
CA LYS E 76 -35.57 -1.08 26.17
C LYS E 76 -35.97 -0.47 24.83
N GLU E 77 -35.84 0.85 24.68
CA GLU E 77 -36.09 1.49 23.40
C GLU E 77 -35.01 1.13 22.38
N ASP E 78 -33.75 1.30 22.78
CA ASP E 78 -32.64 0.97 21.87
C ASP E 78 -32.65 -0.50 21.50
N PHE E 79 -33.11 -1.37 22.41
CA PHE E 79 -33.23 -2.79 22.09
C PHE E 79 -34.27 -3.02 20.99
N SER E 80 -35.48 -2.50 21.20
CA SER E 80 -36.55 -2.72 20.22
C SER E 80 -36.19 -2.12 18.87
N ALA E 81 -35.53 -0.96 18.86
CA ALA E 81 -35.14 -0.33 17.61
C ALA E 81 -34.24 -1.25 16.79
N ARG E 82 -33.17 -1.74 17.42
CA ARG E 82 -32.27 -2.65 16.73
C ARG E 82 -32.99 -3.93 16.33
N LEU E 83 -33.96 -4.36 17.13
CA LEU E 83 -34.70 -5.59 16.82
C LEU E 83 -35.48 -5.44 15.53
N LEU E 84 -36.31 -4.39 15.44
CA LEU E 84 -37.14 -4.20 14.26
C LEU E 84 -36.32 -3.76 13.06
N ALA E 85 -35.14 -3.17 13.28
CA ALA E 85 -34.26 -2.82 12.18
C ALA E 85 -33.53 -4.03 11.61
N GLY E 86 -33.61 -5.18 12.26
CA GLY E 86 -32.91 -6.38 11.81
C GLY E 86 -31.45 -6.43 12.20
N ASP E 87 -31.00 -5.56 13.11
CA ASP E 87 -29.60 -5.53 13.55
C ASP E 87 -29.36 -6.54 14.68
N TYR E 88 -29.57 -7.82 14.35
CA TYR E 88 -29.48 -8.87 15.34
C TYR E 88 -28.06 -9.05 15.88
N ASP E 89 -27.06 -8.73 15.06
CA ASP E 89 -25.67 -8.84 15.52
C ASP E 89 -25.38 -7.83 16.62
N SER E 90 -25.85 -6.60 16.47
CA SER E 90 -25.59 -5.61 17.51
C SER E 90 -26.30 -5.98 18.81
N LEU E 91 -27.43 -6.68 18.71
CA LEU E 91 -28.10 -7.17 19.90
C LEU E 91 -27.26 -8.22 20.60
N GLN E 92 -26.70 -9.16 19.83
CA GLN E 92 -25.87 -10.20 20.41
C GLN E 92 -24.63 -9.62 21.07
N LYS E 93 -23.99 -8.65 20.41
CA LYS E 93 -22.72 -8.14 20.91
C LYS E 93 -22.89 -7.06 21.97
N LEU E 94 -23.94 -6.23 21.88
CA LEU E 94 -24.12 -5.15 22.84
C LEU E 94 -24.92 -5.57 24.07
N TYR E 95 -25.93 -6.40 23.91
CA TYR E 95 -26.80 -6.79 25.01
C TYR E 95 -26.60 -8.23 25.46
N ILE E 96 -26.71 -9.18 24.54
CA ILE E 96 -26.75 -10.59 24.92
C ILE E 96 -25.44 -11.02 25.54
N ASP E 97 -24.32 -10.74 24.87
CA ASP E 97 -23.03 -11.17 25.37
C ASP E 97 -22.63 -10.49 26.68
N PHE E 98 -23.39 -9.48 27.11
CA PHE E 98 -23.04 -8.74 28.31
C PHE E 98 -24.19 -8.66 29.31
N TYR E 99 -25.20 -9.53 29.17
CA TYR E 99 -26.28 -9.55 30.14
C TYR E 99 -25.71 -10.04 31.46
N LEU E 100 -25.37 -11.33 31.52
CA LEU E 100 -24.58 -11.90 32.61
C LEU E 100 -25.26 -11.74 33.97
N ALA E 101 -26.58 -11.60 33.99
CA ALA E 101 -27.33 -11.36 35.20
C ALA E 101 -28.11 -12.61 35.59
N GLN E 102 -28.93 -12.47 36.63
CA GLN E 102 -29.75 -13.56 37.14
C GLN E 102 -28.89 -14.79 37.46
N THR E 103 -27.62 -14.54 37.83
CA THR E 103 -26.67 -15.58 38.23
C THR E 103 -26.42 -16.62 37.13
N THR E 104 -26.77 -16.31 35.89
CA THR E 104 -26.62 -17.21 34.77
C THR E 104 -25.72 -16.56 33.73
N PHE E 105 -24.85 -17.34 33.10
CA PHE E 105 -23.83 -16.81 32.20
C PHE E 105 -24.05 -17.15 30.74
N ASP E 106 -24.74 -18.25 30.44
CA ASP E 106 -24.85 -18.73 29.06
C ASP E 106 -26.11 -18.22 28.38
N TRP E 107 -26.32 -16.90 28.45
CA TRP E 107 -27.46 -16.27 27.80
C TRP E 107 -27.27 -16.27 26.29
N GLU E 108 -28.29 -16.70 25.56
CA GLU E 108 -28.24 -16.77 24.11
C GLU E 108 -29.61 -16.48 23.54
N ILE E 109 -29.66 -16.27 22.24
CA ILE E 109 -30.95 -16.26 21.54
C ILE E 109 -31.52 -17.68 21.56
N PRO E 110 -32.81 -17.86 21.83
CA PRO E 110 -33.34 -19.22 21.89
C PRO E 110 -33.24 -19.92 20.54
N THR E 111 -33.02 -21.23 20.59
CA THR E 111 -33.05 -22.02 19.38
C THR E 111 -34.49 -22.26 18.95
N ARG E 112 -34.65 -22.88 17.76
CA ARG E 112 -35.98 -23.32 17.36
C ARG E 112 -36.54 -24.34 18.35
N ASP E 113 -35.70 -25.26 18.80
CA ASP E 113 -36.12 -26.25 19.80
C ASP E 113 -36.49 -25.59 21.12
N GLN E 114 -35.88 -24.43 21.43
CA GLN E 114 -36.15 -23.76 22.70
C GLN E 114 -37.42 -22.93 22.65
N ILE E 115 -37.71 -22.28 21.51
CA ILE E 115 -38.99 -21.60 21.36
C ILE E 115 -40.14 -22.59 21.47
N GLU E 116 -39.98 -23.78 20.90
CA GLU E 116 -40.97 -24.84 21.06
C GLU E 116 -41.27 -25.11 22.53
N THR E 117 -40.24 -25.18 23.36
CA THR E 117 -40.45 -25.34 24.80
C THR E 117 -41.08 -24.10 25.41
N LEU E 118 -40.65 -22.91 24.95
CA LEU E 118 -41.17 -21.67 25.52
C LEU E 118 -42.67 -21.52 25.26
N VAL E 119 -43.14 -21.98 24.09
CA VAL E 119 -44.57 -21.93 23.80
C VAL E 119 -45.33 -22.85 24.74
N ASN E 120 -44.82 -24.07 24.93
CA ASN E 120 -45.46 -25.00 25.86
C ASN E 120 -45.44 -24.46 27.29
N TYR E 121 -44.32 -23.87 27.72
CA TYR E 121 -44.25 -23.31 29.06
C TYR E 121 -45.17 -22.10 29.20
N ALA E 122 -45.29 -21.29 28.15
CA ALA E 122 -46.16 -20.12 28.21
C ALA E 122 -47.62 -20.53 28.32
N ASN E 123 -48.05 -21.51 27.52
CA ASN E 123 -49.43 -21.98 27.58
C ASN E 123 -49.74 -22.61 28.93
N GLU E 124 -48.76 -23.26 29.55
CA GLU E 124 -48.94 -23.93 30.83
C GLU E 124 -48.68 -23.00 32.02
N GLY E 125 -48.45 -21.72 31.76
CA GLY E 125 -48.29 -20.74 32.82
C GLY E 125 -47.06 -20.94 33.68
N LYS E 126 -45.98 -21.46 33.11
CA LYS E 126 -44.76 -21.75 33.85
C LYS E 126 -43.73 -20.64 33.77
N LEU E 127 -44.03 -19.55 33.09
CA LEU E 127 -43.09 -18.47 32.86
C LEU E 127 -43.50 -17.24 33.67
N SER E 128 -42.82 -16.14 33.42
CA SER E 128 -43.30 -14.86 33.92
C SER E 128 -44.59 -14.52 33.18
N THR E 129 -45.28 -13.51 33.68
CA THR E 129 -46.59 -13.20 33.12
C THR E 129 -46.48 -12.65 31.72
N ALA E 130 -45.64 -11.63 31.52
CA ALA E 130 -45.50 -11.00 30.22
C ALA E 130 -45.05 -11.98 29.14
N LEU E 131 -44.35 -13.04 29.53
CA LEU E 131 -43.87 -14.03 28.57
C LEU E 131 -44.85 -15.19 28.41
N ASN E 132 -45.62 -15.50 29.44
CA ASN E 132 -46.71 -16.45 29.28
C ASN E 132 -47.69 -16.01 28.20
N GLN E 133 -47.84 -14.70 28.00
CA GLN E 133 -48.65 -14.18 26.91
C GLN E 133 -47.88 -14.13 25.61
N GLU E 134 -46.60 -13.77 25.69
CA GLU E 134 -45.86 -13.37 24.50
C GLU E 134 -45.61 -14.56 23.57
N TYR E 135 -45.32 -15.72 24.14
CA TYR E 135 -44.92 -16.89 23.35
C TYR E 135 -46.12 -17.73 22.92
N ILE E 136 -47.32 -17.16 22.93
CA ILE E 136 -48.49 -17.89 22.44
C ILE E 136 -48.51 -17.89 20.93
N THR E 137 -48.35 -16.71 20.32
CA THR E 137 -48.29 -16.56 18.87
C THR E 137 -47.35 -15.42 18.54
N GLY E 138 -46.85 -15.44 17.30
CA GLY E 138 -46.02 -14.36 16.83
C GLY E 138 -44.84 -14.85 16.02
N ARG E 139 -43.97 -13.92 15.60
CA ARG E 139 -42.75 -14.24 14.89
C ARG E 139 -41.56 -13.98 15.82
N PHE E 140 -40.71 -15.00 15.98
CA PHE E 140 -39.71 -14.99 17.03
C PHE E 140 -38.31 -15.20 16.44
N LEU E 141 -37.36 -14.43 16.96
CA LEU E 141 -35.97 -14.59 16.54
C LEU E 141 -35.36 -15.85 17.13
N THR E 142 -34.76 -16.67 16.29
CA THR E 142 -34.07 -17.88 16.72
C THR E 142 -32.65 -17.86 16.16
N LYS E 143 -31.82 -18.76 16.68
CA LYS E 143 -30.41 -18.82 16.29
C LYS E 143 -29.90 -20.25 16.45
N GLU E 144 -29.44 -20.84 15.35
CA GLU E 144 -28.88 -22.19 15.34
C GLU E 144 -27.52 -22.15 14.65
N ASN E 145 -26.46 -22.41 15.42
CA ASN E 145 -25.08 -22.43 14.92
C ASN E 145 -24.71 -21.13 14.21
N GLY E 146 -24.90 -20.03 14.93
CA GLY E 146 -24.48 -18.75 14.38
C GLY E 146 -25.35 -18.23 13.25
N ARG E 147 -26.50 -18.84 13.02
CA ARG E 147 -27.38 -18.51 11.90
C ARG E 147 -28.71 -18.04 12.46
N TYR E 148 -29.19 -16.89 12.01
CA TYR E 148 -30.46 -16.36 12.47
C TYR E 148 -31.63 -16.89 11.65
N ASP E 149 -32.74 -17.15 12.33
CA ASP E 149 -33.98 -17.57 11.66
C ASP E 149 -35.16 -17.01 12.43
N ILE E 150 -36.30 -16.93 11.74
CA ILE E 150 -37.56 -16.49 12.33
C ILE E 150 -38.51 -17.67 12.31
N VAL E 151 -39.04 -18.03 13.48
CA VAL E 151 -40.00 -19.11 13.58
C VAL E 151 -41.37 -18.53 13.92
N ASN E 152 -42.41 -19.24 13.50
CA ASN E 152 -43.79 -18.78 13.59
C ASN E 152 -44.58 -19.73 14.47
N VAL E 153 -45.26 -19.17 15.48
CA VAL E 153 -46.12 -19.94 16.36
C VAL E 153 -47.56 -19.54 16.08
N GLY E 154 -48.37 -20.49 15.63
CA GLY E 154 -49.77 -20.25 15.36
C GLY E 154 -50.11 -19.84 13.95
N GLY E 155 -49.15 -19.85 13.03
CA GLY E 155 -49.40 -19.45 11.66
C GLY E 155 -49.76 -17.99 11.44
N VAL E 156 -49.06 -17.08 12.12
CA VAL E 156 -49.34 -15.64 12.03
C VAL E 156 -48.91 -15.10 10.67
N PRO E 157 -49.41 -13.93 10.25
CA PRO E 157 -49.01 -13.38 8.94
C PRO E 157 -47.52 -13.10 8.84
N ASP E 158 -47.01 -13.11 7.61
CA ASP E 158 -45.57 -12.97 7.37
C ASP E 158 -45.04 -11.57 7.67
N ASN E 159 -45.89 -10.55 7.73
CA ASN E 159 -45.44 -9.19 8.02
C ASN E 159 -45.49 -8.83 9.50
N THR E 160 -45.73 -9.80 10.37
CA THR E 160 -45.70 -9.54 11.81
C THR E 160 -44.29 -9.17 12.24
N PRO E 161 -44.10 -8.10 13.01
CA PRO E 161 -42.76 -7.72 13.43
C PRO E 161 -42.08 -8.81 14.24
N VAL E 162 -40.76 -8.90 14.09
CA VAL E 162 -39.99 -9.93 14.79
C VAL E 162 -39.99 -9.66 16.29
N LYS E 163 -40.16 -10.71 17.08
CA LYS E 163 -40.22 -10.61 18.53
C LYS E 163 -39.09 -11.41 19.16
N LEU E 164 -38.41 -10.79 20.12
CA LEU E 164 -37.41 -11.45 20.95
C LEU E 164 -37.77 -11.08 22.39
N PRO E 165 -38.80 -11.71 22.95
CA PRO E 165 -39.31 -11.28 24.26
C PRO E 165 -38.35 -11.55 25.39
N ALA E 166 -37.46 -12.53 25.24
CA ALA E 166 -36.54 -12.89 26.30
C ALA E 166 -35.44 -13.75 25.70
N ILE E 167 -34.28 -13.71 26.34
CA ILE E 167 -33.18 -14.60 26.03
C ILE E 167 -33.18 -15.73 27.05
N VAL E 168 -32.55 -16.84 26.68
CA VAL E 168 -32.64 -18.08 27.45
C VAL E 168 -31.23 -18.60 27.73
N SER E 169 -31.15 -19.51 28.70
CA SER E 169 -29.90 -20.19 29.00
C SER E 169 -29.60 -21.20 27.91
N LYS E 170 -28.38 -21.15 27.37
CA LYS E 170 -28.00 -22.02 26.26
C LYS E 170 -28.24 -23.49 26.61
N ARG E 171 -27.81 -23.91 27.79
CA ARG E 171 -28.00 -25.28 28.24
C ARG E 171 -29.04 -25.43 29.34
N GLY E 172 -29.35 -24.35 30.08
CA GLY E 172 -30.26 -24.49 31.20
C GLY E 172 -31.71 -24.69 30.77
N LEU E 173 -32.13 -24.00 29.72
CA LEU E 173 -33.48 -24.16 29.18
C LEU E 173 -33.47 -25.32 28.19
N MET E 174 -34.21 -26.37 28.52
CA MET E 174 -34.20 -27.57 27.71
C MET E 174 -35.16 -27.42 26.53
N GLY E 175 -34.65 -27.67 25.33
CA GLY E 175 -35.46 -27.60 24.14
C GLY E 175 -36.30 -28.84 23.90
N THR E 176 -37.33 -28.66 23.09
CA THR E 176 -38.20 -29.75 22.65
C THR E 176 -37.96 -29.99 21.17
N THR E 177 -37.59 -31.22 20.81
CA THR E 177 -37.17 -31.51 19.45
C THR E 177 -38.33 -31.67 18.48
N SER E 178 -39.53 -31.98 18.98
CA SER E 178 -40.68 -32.11 18.11
C SER E 178 -41.12 -30.75 17.57
N VAL E 179 -41.50 -30.72 16.29
CA VAL E 179 -41.90 -29.49 15.62
C VAL E 179 -43.42 -29.43 15.65
N VAL E 180 -43.98 -28.63 16.56
CA VAL E 180 -45.42 -28.49 16.72
C VAL E 180 -45.81 -27.02 16.76
N ASN E 181 -45.21 -26.26 17.68
CA ASN E 181 -45.58 -24.86 17.89
C ASN E 181 -44.79 -23.92 17.00
N ALA E 182 -43.47 -24.07 16.99
CA ALA E 182 -42.57 -23.15 16.30
C ALA E 182 -42.19 -23.76 14.94
N ILE E 183 -42.70 -23.17 13.88
CA ILE E 183 -42.55 -23.72 12.53
C ILE E 183 -41.39 -23.00 11.86
N PRO E 184 -40.37 -23.72 11.38
CA PRO E 184 -39.13 -23.05 10.93
C PRO E 184 -39.10 -22.75 9.44
N ASN E 185 -37.93 -22.33 8.95
CA ASN E 185 -37.69 -21.98 7.55
C ASN E 185 -36.71 -22.99 6.96
N GLU E 186 -37.24 -24.04 6.34
CA GLU E 186 -36.41 -25.03 5.68
C GLU E 186 -36.22 -24.64 4.21
N ILE E 187 -35.02 -24.93 3.70
CA ILE E 187 -34.60 -24.49 2.37
C ILE E 187 -34.71 -25.66 1.39
N TYR E 188 -35.38 -25.42 0.26
CA TYR E 188 -35.51 -26.43 -0.79
C TYR E 188 -34.81 -25.97 -2.06
N PRO E 189 -33.66 -26.54 -2.41
CA PRO E 189 -32.96 -26.10 -3.63
C PRO E 189 -33.61 -26.63 -4.89
N HIS E 190 -33.69 -25.75 -5.91
CA HIS E 190 -34.11 -26.13 -7.25
C HIS E 190 -33.14 -27.14 -7.87
N ILE E 191 -33.60 -28.37 -8.09
CA ILE E 191 -32.75 -29.46 -8.56
C ILE E 191 -33.50 -30.29 -9.60
N LYS E 192 -32.76 -30.80 -10.58
CA LYS E 192 -33.32 -31.60 -11.65
C LYS E 192 -32.88 -33.05 -11.49
N VAL E 193 -33.84 -33.96 -11.51
CA VAL E 193 -33.57 -35.40 -11.57
C VAL E 193 -33.60 -35.80 -13.03
N TYR E 194 -32.59 -36.54 -13.48
CA TYR E 194 -32.44 -36.76 -14.91
C TYR E 194 -33.31 -37.90 -15.41
N GLU E 195 -33.65 -38.85 -14.53
CA GLU E 195 -34.66 -39.88 -14.80
C GLU E 195 -34.25 -40.64 -16.07
N GLY E 196 -35.25 -41.15 -16.80
CA GLY E 196 -34.96 -42.02 -17.91
C GLY E 196 -34.60 -43.41 -17.42
N THR E 197 -33.70 -44.06 -18.15
CA THR E 197 -33.10 -45.29 -17.64
C THR E 197 -31.92 -44.96 -16.73
N LEU E 198 -32.17 -44.12 -15.73
CA LEU E 198 -31.15 -43.71 -14.76
C LEU E 198 -31.75 -43.67 -13.36
N SER E 199 -32.29 -42.51 -12.97
CA SER E 199 -32.94 -42.39 -11.67
C SER E 199 -34.10 -43.37 -11.55
N ARG E 200 -34.24 -43.97 -10.38
CA ARG E 200 -35.23 -45.01 -10.17
C ARG E 200 -35.64 -45.01 -8.70
N LEU E 201 -36.96 -44.90 -8.46
CA LEU E 201 -37.54 -45.00 -7.11
C LEU E 201 -38.80 -45.85 -7.25
N LYS E 202 -38.61 -47.15 -7.24
CA LYS E 202 -39.69 -48.12 -7.36
C LYS E 202 -39.42 -49.27 -6.40
N PRO E 203 -40.46 -49.94 -5.91
CA PRO E 203 -40.24 -51.05 -4.98
C PRO E 203 -39.50 -52.17 -5.67
N GLY E 204 -38.87 -53.02 -4.86
CA GLY E 204 -38.19 -54.18 -5.36
C GLY E 204 -36.68 -54.09 -5.45
N GLY E 205 -36.09 -52.97 -5.03
CA GLY E 205 -34.64 -52.88 -5.08
C GLY E 205 -34.04 -51.65 -4.44
N ALA E 206 -32.92 -51.19 -4.99
CA ALA E 206 -32.22 -50.03 -4.45
C ALA E 206 -32.71 -48.77 -5.15
N MET E 207 -32.73 -47.68 -4.40
CA MET E 207 -33.14 -46.40 -4.94
C MET E 207 -31.90 -45.62 -5.39
N ILE E 208 -31.89 -45.22 -6.65
CA ILE E 208 -30.79 -44.45 -7.22
C ILE E 208 -31.36 -43.24 -7.94
N ALA E 209 -30.66 -42.12 -7.84
CA ALA E 209 -31.00 -40.91 -8.58
C ALA E 209 -29.73 -40.17 -8.90
N VAL E 210 -29.85 -39.20 -9.79
CA VAL E 210 -28.73 -38.34 -10.19
C VAL E 210 -29.27 -36.94 -10.37
N LEU E 211 -28.96 -36.06 -9.42
CA LEU E 211 -29.52 -34.71 -9.41
C LEU E 211 -28.53 -33.75 -10.08
N GLU E 212 -28.79 -32.45 -9.91
CA GLU E 212 -27.97 -31.41 -10.53
C GLU E 212 -28.28 -30.07 -9.90
N TYR E 213 -27.30 -29.49 -9.21
CA TYR E 213 -27.47 -28.26 -8.45
C TYR E 213 -26.81 -27.09 -9.18
N ASP E 214 -27.30 -25.89 -8.89
CA ASP E 214 -26.78 -24.66 -9.49
C ASP E 214 -25.73 -24.04 -8.57
N VAL E 215 -24.66 -23.52 -9.15
CA VAL E 215 -23.53 -23.01 -8.37
C VAL E 215 -23.90 -21.69 -7.68
N ASN E 216 -24.60 -20.79 -8.38
CA ASN E 216 -24.84 -19.45 -7.83
C ASN E 216 -25.72 -19.50 -6.58
N GLU E 217 -26.65 -20.44 -6.50
CA GLU E 217 -27.48 -20.59 -5.31
C GLU E 217 -26.86 -21.52 -4.26
N LEU E 218 -25.81 -22.26 -4.61
CA LEU E 218 -25.03 -22.95 -3.59
C LEU E 218 -24.18 -21.97 -2.80
N SER E 219 -23.61 -20.97 -3.48
CA SER E 219 -22.79 -19.97 -2.81
C SER E 219 -23.63 -19.01 -1.97
N LYS E 220 -24.93 -18.92 -2.24
CA LYS E 220 -25.78 -18.09 -1.40
C LYS E 220 -26.06 -18.75 -0.05
N HIS E 221 -25.99 -20.07 0.02
CA HIS E 221 -26.24 -20.82 1.25
C HIS E 221 -24.96 -21.44 1.81
N GLY E 222 -23.82 -20.80 1.56
CA GLY E 222 -22.58 -21.26 2.15
C GLY E 222 -22.00 -22.53 1.57
N TYR E 223 -22.24 -22.80 0.28
CA TYR E 223 -21.68 -23.95 -0.40
C TYR E 223 -20.90 -23.47 -1.62
N THR E 224 -19.62 -23.14 -1.42
CA THR E 224 -18.72 -22.80 -2.52
C THR E 224 -17.73 -23.91 -2.84
N ASN E 225 -17.37 -24.73 -1.86
CA ASN E 225 -16.55 -25.93 -2.08
C ASN E 225 -17.51 -27.06 -2.42
N LEU E 226 -17.72 -27.29 -3.72
CA LEU E 226 -18.77 -28.20 -4.17
C LEU E 226 -18.40 -29.67 -4.05
N TRP E 227 -17.35 -29.99 -3.30
CA TRP E 227 -17.08 -31.37 -2.89
C TRP E 227 -17.17 -31.56 -1.38
N ASP E 228 -17.37 -30.50 -0.61
CA ASP E 228 -17.55 -30.58 0.84
C ASP E 228 -19.02 -30.84 1.16
N VAL E 229 -19.46 -32.06 0.81
CA VAL E 229 -20.87 -32.43 0.80
C VAL E 229 -21.04 -33.80 1.44
N GLN E 230 -22.30 -34.14 1.71
CA GLN E 230 -22.73 -35.46 2.16
C GLN E 230 -24.25 -35.49 2.07
N PHE E 231 -24.81 -36.69 1.95
CA PHE E 231 -26.23 -36.85 1.64
C PHE E 231 -26.92 -37.76 2.64
N LYS E 232 -28.21 -37.47 2.87
CA LYS E 232 -29.09 -38.25 3.73
C LYS E 232 -30.40 -38.50 3.01
N VAL E 233 -30.93 -39.71 3.14
CA VAL E 233 -32.24 -40.07 2.57
C VAL E 233 -33.17 -40.49 3.71
N LEU E 234 -34.40 -39.98 3.68
CA LEU E 234 -35.38 -40.20 4.73
C LEU E 234 -36.61 -40.90 4.17
N VAL E 235 -37.22 -41.76 4.98
CA VAL E 235 -38.42 -42.50 4.59
C VAL E 235 -39.46 -42.34 5.70
N GLY E 236 -40.59 -41.74 5.36
CA GLY E 236 -41.67 -41.59 6.31
C GLY E 236 -42.61 -40.48 5.86
N VAL E 237 -43.54 -40.16 6.75
CA VAL E 237 -44.54 -39.13 6.47
C VAL E 237 -43.91 -37.76 6.71
N PRO E 238 -43.78 -36.93 5.69
CA PRO E 238 -43.18 -35.60 5.89
C PRO E 238 -44.07 -34.71 6.76
N HIS E 239 -43.45 -33.66 7.31
CA HIS E 239 -44.19 -32.71 8.13
C HIS E 239 -45.21 -31.95 7.28
N ALA E 240 -46.42 -31.81 7.81
CA ALA E 240 -47.51 -31.22 7.03
C ALA E 240 -47.30 -29.75 6.72
N GLU E 241 -46.47 -29.05 7.51
CA GLU E 241 -46.24 -27.63 7.32
C GLU E 241 -44.99 -27.32 6.51
N THR E 242 -43.86 -27.93 6.86
CA THR E 242 -42.59 -27.65 6.18
C THR E 242 -42.19 -28.69 5.14
N GLY E 243 -42.71 -29.92 5.24
CA GLY E 243 -42.40 -30.94 4.26
C GLY E 243 -41.21 -31.81 4.59
N VAL E 244 -40.50 -31.54 5.68
CA VAL E 244 -39.35 -32.36 6.06
C VAL E 244 -39.84 -33.58 6.83
N ILE E 245 -39.18 -34.72 6.62
CA ILE E 245 -39.46 -35.92 7.39
C ILE E 245 -38.55 -35.86 8.61
N TYR E 246 -39.05 -35.23 9.67
CA TYR E 246 -38.20 -34.94 10.82
C TYR E 246 -37.85 -36.19 11.61
N ASP E 247 -38.82 -37.09 11.80
CA ASP E 247 -38.58 -38.37 12.44
C ASP E 247 -38.93 -39.48 11.44
N PRO E 248 -38.03 -39.78 10.51
CA PRO E 248 -38.33 -40.81 9.52
C PRO E 248 -38.33 -42.20 10.12
N VAL E 249 -39.15 -43.09 9.55
CA VAL E 249 -39.15 -44.48 9.95
C VAL E 249 -37.86 -45.16 9.52
N TYR E 250 -37.20 -44.63 8.49
CA TYR E 250 -35.92 -45.18 8.03
C TYR E 250 -35.04 -44.04 7.55
N GLU E 251 -33.86 -43.92 8.15
CA GLU E 251 -32.87 -42.90 7.80
C GLU E 251 -31.61 -43.57 7.27
N GLU E 252 -30.98 -42.96 6.26
CA GLU E 252 -29.81 -43.57 5.63
C GLU E 252 -28.86 -42.50 5.10
N THR E 253 -27.59 -42.60 5.48
CA THR E 253 -26.53 -41.72 5.01
C THR E 253 -25.74 -42.41 3.91
N VAL E 254 -25.51 -41.70 2.80
CA VAL E 254 -24.72 -42.20 1.68
C VAL E 254 -23.79 -41.10 1.20
N LYS E 255 -22.69 -41.52 0.54
CA LYS E 255 -21.69 -40.60 0.03
C LYS E 255 -21.66 -40.62 -1.49
N PRO E 256 -21.41 -39.48 -2.13
CA PRO E 256 -21.55 -39.41 -3.60
C PRO E 256 -20.22 -39.53 -4.33
N TYR E 257 -20.30 -39.79 -5.63
CA TYR E 257 -19.09 -39.91 -6.41
C TYR E 257 -19.23 -39.18 -7.75
N GLN E 258 -19.94 -38.07 -7.79
CA GLN E 258 -20.03 -37.42 -9.08
C GLN E 258 -19.06 -36.25 -9.25
N PRO E 259 -18.74 -35.88 -10.51
CA PRO E 259 -17.96 -34.71 -10.93
C PRO E 259 -18.84 -33.66 -11.63
N LEU E 263 -21.21 -30.08 -14.26
CA LEU E 263 -20.60 -30.28 -15.58
C LEU E 263 -20.41 -28.94 -16.29
N THR E 264 -21.48 -28.15 -16.32
CA THR E 264 -21.49 -26.83 -16.96
C THR E 264 -21.51 -25.74 -15.89
N GLY E 265 -22.38 -24.73 -16.09
CA GLY E 265 -22.53 -23.67 -15.14
C GLY E 265 -23.21 -24.14 -13.87
N LYS E 266 -23.44 -25.45 -13.78
CA LYS E 266 -23.97 -26.14 -12.62
C LYS E 266 -23.08 -27.36 -12.35
N LYS E 267 -23.25 -27.97 -11.18
CA LYS E 267 -22.53 -29.19 -10.86
C LYS E 267 -23.56 -30.25 -10.46
N LEU E 268 -23.19 -31.50 -10.64
CA LEU E 268 -24.12 -32.58 -10.43
C LEU E 268 -23.59 -33.48 -9.32
N TYR E 269 -24.50 -34.23 -8.71
CA TYR E 269 -24.18 -35.17 -7.64
C TYR E 269 -25.07 -36.39 -7.81
N ASN E 270 -24.54 -37.57 -7.52
CA ASN E 270 -25.32 -38.80 -7.66
C ASN E 270 -26.12 -39.06 -6.39
N VAL E 271 -26.42 -40.35 -6.16
CA VAL E 271 -26.94 -40.93 -4.94
C VAL E 271 -27.31 -42.36 -5.27
N SER E 272 -26.83 -43.31 -4.47
CA SER E 272 -27.15 -44.72 -4.65
C SER E 272 -27.39 -45.31 -3.26
N THR E 273 -28.64 -45.59 -2.95
CA THR E 273 -28.95 -46.28 -1.70
C THR E 273 -28.26 -47.64 -1.66
N ASN E 274 -27.86 -48.05 -0.46
CA ASN E 274 -27.43 -49.42 -0.25
C ASN E 274 -28.66 -50.17 0.21
N ASP E 275 -29.42 -50.65 -0.78
CA ASP E 275 -30.50 -51.59 -0.58
C ASP E 275 -30.17 -52.95 -1.18
N MET E 276 -29.09 -53.03 -1.95
CA MET E 276 -28.66 -54.27 -2.59
C MET E 276 -27.55 -54.91 -1.78
N HIS E 277 -27.59 -56.24 -1.68
CA HIS E 277 -26.55 -57.03 -1.01
C HIS E 277 -26.55 -56.77 0.49
N ASN E 278 -27.74 -56.62 1.05
CA ASN E 278 -28.04 -56.43 2.47
C ASN E 278 -29.56 -56.51 2.58
N GLY E 279 -30.12 -56.11 3.73
CA GLY E 279 -31.56 -56.15 3.83
C GLY E 279 -32.21 -55.20 2.82
N TYR E 280 -33.15 -55.72 2.03
CA TYR E 280 -33.93 -54.91 1.09
C TYR E 280 -34.76 -53.84 1.79
N LYS E 281 -34.81 -53.84 3.11
CA LYS E 281 -35.84 -53.16 3.90
C LYS E 281 -36.12 -51.69 3.60
N TRP E 282 -35.31 -51.00 2.80
CA TRP E 282 -35.73 -49.66 2.36
C TRP E 282 -37.05 -49.73 1.59
N SER E 283 -37.13 -50.64 0.62
CA SER E 283 -38.38 -50.81 -0.13
C SER E 283 -39.41 -51.59 0.67
N ASN E 284 -38.99 -52.40 1.64
CA ASN E 284 -39.91 -53.14 2.49
C ASN E 284 -40.55 -52.27 3.57
N THR E 285 -40.03 -51.06 3.80
CA THR E 285 -40.69 -50.07 4.65
C THR E 285 -41.18 -48.85 3.88
N MET E 286 -40.47 -48.40 2.84
CA MET E 286 -40.96 -47.31 2.02
C MET E 286 -42.30 -47.64 1.36
N PHE E 287 -42.49 -48.90 0.95
CA PHE E 287 -43.72 -49.33 0.30
C PHE E 287 -44.53 -50.28 1.18
N SER E 288 -44.42 -50.13 2.50
CA SER E 288 -45.28 -50.82 3.45
C SER E 288 -46.46 -49.95 3.89
N ASN E 289 -46.47 -48.68 3.50
CA ASN E 289 -47.52 -47.75 3.83
C ASN E 289 -47.61 -46.72 2.71
N SER E 290 -48.83 -46.52 2.19
CA SER E 290 -49.00 -45.67 1.01
C SER E 290 -48.72 -44.20 1.28
N ASN E 291 -48.74 -43.76 2.54
CA ASN E 291 -48.48 -42.36 2.86
C ASN E 291 -47.00 -42.05 3.04
N TYR E 292 -46.13 -43.07 3.05
CA TYR E 292 -44.71 -42.83 3.19
C TYR E 292 -44.14 -42.17 1.95
N LYS E 293 -43.10 -41.36 2.14
CA LYS E 293 -42.42 -40.69 1.04
C LYS E 293 -40.92 -40.73 1.28
N THR E 294 -40.16 -40.49 0.21
CA THR E 294 -38.70 -40.57 0.24
C THR E 294 -38.13 -39.18 -0.03
N GLN E 295 -37.27 -38.71 0.86
CA GLN E 295 -36.74 -37.35 0.81
C GLN E 295 -35.21 -37.39 0.90
N ILE E 296 -34.56 -36.46 0.18
CA ILE E 296 -33.11 -36.41 0.09
C ILE E 296 -32.64 -35.08 0.67
N LEU E 297 -31.61 -35.13 1.51
CA LEU E 297 -31.11 -33.96 2.23
C LEU E 297 -29.60 -33.82 2.03
N LEU E 298 -29.14 -32.59 1.82
CA LEU E 298 -27.74 -32.28 1.61
C LEU E 298 -27.19 -31.48 2.77
N THR E 299 -26.03 -31.92 3.31
CA THR E 299 -25.33 -31.22 4.39
C THR E 299 -23.87 -31.06 4.01
N LYS E 300 -23.11 -30.38 4.86
CA LYS E 300 -21.65 -30.41 4.76
C LYS E 300 -21.15 -31.81 5.16
N GLY E 301 -19.87 -32.08 4.83
CA GLY E 301 -19.31 -33.41 5.03
C GLY E 301 -19.52 -33.98 6.42
N ASP E 302 -19.53 -33.11 7.44
CA ASP E 302 -19.72 -33.54 8.81
C ASP E 302 -21.15 -33.30 9.30
N GLY E 303 -22.09 -33.09 8.38
CA GLY E 303 -23.47 -32.83 8.72
C GLY E 303 -23.82 -31.40 9.05
N SER E 304 -22.90 -30.46 8.90
CA SER E 304 -23.15 -29.05 9.19
C SER E 304 -23.73 -28.35 7.95
N GLY E 305 -23.86 -27.03 8.04
CA GLY E 305 -24.29 -26.22 6.92
C GLY E 305 -25.80 -26.05 6.83
N VAL E 306 -26.21 -25.13 5.96
CA VAL E 306 -27.63 -24.93 5.68
C VAL E 306 -28.20 -26.21 5.09
N LYS E 307 -29.18 -26.80 5.77
CA LYS E 307 -29.78 -28.04 5.31
C LYS E 307 -30.61 -27.79 4.05
N LEU E 308 -30.26 -28.46 2.96
CA LEU E 308 -30.91 -28.30 1.68
C LEU E 308 -31.70 -29.56 1.38
N TYR E 309 -33.00 -29.41 1.13
CA TYR E 309 -33.93 -30.53 1.08
C TYR E 309 -34.55 -30.65 -0.31
N SER E 310 -34.71 -31.90 -0.76
CA SER E 310 -35.52 -32.18 -1.93
C SER E 310 -36.97 -32.47 -1.49
N LYS E 311 -37.87 -32.50 -2.47
CA LYS E 311 -39.26 -32.84 -2.19
C LYS E 311 -39.37 -34.26 -1.63
N ALA E 312 -40.37 -34.47 -0.78
CA ALA E 312 -40.72 -35.81 -0.31
C ALA E 312 -41.47 -36.51 -1.44
N TYR E 313 -40.75 -37.36 -2.18
CA TYR E 313 -41.28 -37.93 -3.41
C TYR E 313 -42.17 -39.13 -3.14
N SER E 314 -43.11 -39.35 -4.04
CA SER E 314 -43.83 -40.62 -4.11
C SER E 314 -43.08 -41.55 -5.06
N GLU E 315 -43.59 -42.76 -5.24
CA GLU E 315 -43.00 -43.71 -6.17
C GLU E 315 -42.75 -43.09 -7.54
N ASN E 316 -41.55 -43.34 -8.09
CA ASN E 316 -41.10 -42.82 -9.38
C ASN E 316 -40.96 -41.30 -9.37
N PHE E 317 -40.54 -40.73 -8.24
CA PHE E 317 -40.25 -39.30 -8.12
C PHE E 317 -41.48 -38.43 -8.34
N LYS E 318 -42.66 -38.97 -8.05
CA LYS E 318 -43.90 -38.22 -8.21
C LYS E 318 -44.30 -37.54 -6.91
N PHE F 1 -9.00 20.80 11.88
CA PHE F 1 -10.10 20.51 12.80
C PHE F 1 -10.26 21.64 13.82
N ASN F 2 -11.50 21.98 14.15
CA ASN F 2 -11.79 22.95 15.20
C ASN F 2 -11.97 22.23 16.54
N ASP F 3 -12.15 23.00 17.61
CA ASP F 3 -12.17 22.43 18.95
C ASP F 3 -13.44 21.62 19.25
N ASN F 4 -14.43 21.64 18.35
CA ASN F 4 -15.64 20.84 18.51
C ASN F 4 -15.42 19.37 18.22
N TYR F 5 -14.22 18.99 17.81
CA TYR F 5 -13.96 17.59 17.47
C TYR F 5 -14.03 16.73 18.72
N SER F 6 -14.75 15.62 18.61
CA SER F 6 -14.91 14.69 19.71
C SER F 6 -15.02 13.29 19.13
N SER F 7 -14.55 12.32 19.91
CA SER F 7 -14.47 10.94 19.48
C SER F 7 -15.04 10.01 20.54
N THR F 8 -15.21 8.74 20.17
CA THR F 8 -15.52 7.72 21.14
C THR F 8 -14.32 7.49 22.04
N SER F 9 -14.48 6.63 23.04
CA SER F 9 -13.40 6.37 23.98
C SER F 9 -13.57 4.99 24.57
N THR F 10 -12.51 4.49 25.19
CA THR F 10 -12.56 3.21 25.89
C THR F 10 -12.78 3.33 27.39
N VAL F 11 -12.71 4.53 27.96
CA VAL F 11 -12.78 4.69 29.41
C VAL F 11 -13.43 6.02 29.75
N TYR F 12 -14.12 6.06 30.89
CA TYR F 12 -14.55 7.30 31.50
C TYR F 12 -14.31 7.15 32.99
N HIS F 26 -22.19 -8.01 50.45
CA HIS F 26 -20.78 -8.22 50.17
C HIS F 26 -20.62 -9.45 49.30
N LEU F 27 -19.38 -9.86 49.06
CA LEU F 27 -19.05 -10.88 48.06
C LEU F 27 -18.75 -12.26 48.63
N ARG F 28 -18.77 -12.44 49.95
CA ARG F 28 -18.52 -13.75 50.54
C ARG F 28 -19.79 -14.43 51.04
N TYR F 29 -20.96 -13.97 50.57
CA TYR F 29 -22.26 -14.52 50.93
C TYR F 29 -22.54 -15.81 50.13
N PRO F 30 -23.19 -16.81 50.74
CA PRO F 30 -23.55 -16.84 52.16
C PRO F 30 -22.58 -17.66 53.00
N TYR F 31 -21.49 -18.08 52.37
CA TYR F 31 -20.61 -19.07 52.99
C TYR F 31 -19.85 -18.50 54.18
N LEU F 32 -19.54 -17.21 54.16
CA LEU F 32 -18.92 -16.58 55.33
C LEU F 32 -19.81 -16.70 56.55
N GLU F 33 -21.10 -16.41 56.38
CA GLU F 33 -22.06 -16.48 57.49
C GLU F 33 -22.15 -17.88 58.06
N CYS F 34 -22.17 -18.90 57.19
CA CYS F 34 -22.29 -20.27 57.64
C CYS F 34 -21.12 -20.67 58.55
N ILE F 35 -19.91 -20.31 58.16
CA ILE F 35 -18.75 -20.60 59.00
C ILE F 35 -18.80 -19.81 60.31
N LYS F 36 -19.33 -18.57 60.26
CA LYS F 36 -19.30 -17.71 61.43
C LYS F 36 -20.15 -18.23 62.58
N ILE F 37 -21.25 -18.93 62.29
CA ILE F 37 -22.06 -19.54 63.33
C ILE F 37 -21.73 -21.03 63.49
N GLY F 38 -20.56 -21.45 63.03
CA GLY F 38 -19.98 -22.72 63.43
C GLY F 38 -20.04 -23.85 62.42
N MET F 39 -20.53 -23.63 61.21
CA MET F 39 -20.51 -24.70 60.22
C MET F 39 -19.07 -25.00 59.81
N SER F 40 -18.70 -26.27 59.88
CA SER F 40 -17.36 -26.67 59.48
C SER F 40 -17.19 -26.59 57.97
N ARG F 41 -15.99 -26.21 57.55
CA ARG F 41 -15.68 -26.13 56.13
C ARG F 41 -15.77 -27.48 55.43
N ASP F 42 -15.65 -28.58 56.17
CA ASP F 42 -15.76 -29.91 55.56
C ASP F 42 -17.17 -30.23 55.10
N TYR F 43 -18.18 -29.51 55.59
CA TYR F 43 -19.58 -29.78 55.26
C TYR F 43 -20.31 -28.53 54.82
N LEU F 44 -19.59 -27.59 54.21
CA LEU F 44 -20.18 -26.32 53.79
C LEU F 44 -21.19 -26.49 52.66
N GLU F 45 -21.27 -27.66 52.03
CA GLU F 45 -22.26 -27.90 50.98
C GLU F 45 -23.69 -27.78 51.48
N ASN F 46 -23.91 -27.90 52.79
CA ASN F 46 -25.24 -27.76 53.38
C ASN F 46 -25.60 -26.30 53.65
N CYS F 47 -24.68 -25.37 53.43
CA CYS F 47 -24.94 -23.97 53.70
C CYS F 47 -26.13 -23.44 52.90
N VAL F 48 -26.29 -23.88 51.64
CA VAL F 48 -27.42 -23.48 50.83
C VAL F 48 -28.59 -24.45 50.91
N LYS F 49 -28.44 -25.56 51.65
CA LYS F 49 -29.51 -26.53 51.80
C LYS F 49 -30.38 -26.29 53.03
N VAL F 50 -29.87 -25.60 54.04
CA VAL F 50 -30.58 -25.36 55.29
C VAL F 50 -30.37 -23.91 55.71
N SER F 51 -31.43 -23.27 56.20
CA SER F 51 -31.38 -21.85 56.51
C SER F 51 -30.67 -21.58 57.83
N PHE F 52 -30.44 -20.30 58.09
CA PHE F 52 -29.92 -19.85 59.38
C PHE F 52 -30.90 -20.21 60.48
N PRO F 53 -30.42 -20.37 61.73
CA PRO F 53 -31.33 -20.77 62.82
C PRO F 53 -32.45 -19.77 63.01
N THR F 54 -33.68 -20.26 62.92
CA THR F 54 -34.85 -19.41 63.11
C THR F 54 -34.91 -18.81 64.51
N SER F 55 -34.10 -19.31 65.44
CA SER F 55 -33.98 -18.76 66.78
C SER F 55 -33.07 -17.54 66.83
N GLN F 56 -32.42 -17.20 65.72
CA GLN F 56 -31.42 -16.15 65.68
C GLN F 56 -31.85 -15.06 64.72
N ASP F 57 -31.29 -13.86 64.94
CA ASP F 57 -31.67 -12.68 64.17
C ASP F 57 -31.17 -12.72 62.72
N MET F 58 -30.11 -13.49 62.43
CA MET F 58 -29.50 -13.43 61.10
C MET F 58 -30.45 -13.91 60.00
N PHE F 59 -31.28 -14.92 60.30
CA PHE F 59 -32.21 -15.45 59.30
C PHE F 59 -33.08 -14.36 58.69
N TYR F 60 -33.48 -13.36 59.48
CA TYR F 60 -34.45 -12.34 59.09
C TYR F 60 -33.81 -11.14 58.42
N ASP F 61 -32.50 -11.19 58.17
CA ASP F 61 -31.87 -10.16 57.37
C ASP F 61 -32.41 -10.13 55.95
N ALA F 62 -32.97 -11.24 55.48
CA ALA F 62 -33.42 -11.34 54.08
C ALA F 62 -34.62 -10.45 53.79
N TYR F 63 -35.41 -10.10 54.80
CA TYR F 63 -36.64 -9.35 54.54
C TYR F 63 -36.37 -7.87 54.62
N PRO F 64 -37.18 -7.05 53.94
CA PRO F 64 -37.13 -5.60 54.15
C PRO F 64 -37.35 -5.30 55.62
N SER F 65 -36.59 -4.34 56.13
CA SER F 65 -36.65 -4.03 57.55
C SER F 65 -38.05 -3.57 57.95
N THR F 66 -38.46 -3.93 59.16
CA THR F 66 -39.81 -3.62 59.63
C THR F 66 -40.06 -2.12 59.73
N GLU F 67 -39.01 -1.30 59.67
CA GLU F 67 -39.12 0.16 59.68
C GLU F 67 -39.10 0.78 58.30
N SER F 68 -38.63 0.06 57.28
CA SER F 68 -38.60 0.60 55.93
C SER F 68 -40.02 0.81 55.41
N ASP F 69 -40.15 1.64 54.38
CA ASP F 69 -41.45 2.05 53.86
C ASP F 69 -42.26 0.89 53.29
N GLY F 70 -43.36 0.54 53.97
CA GLY F 70 -44.29 -0.42 53.42
C GLY F 70 -43.91 -1.87 53.64
N ALA F 71 -42.87 -2.14 54.42
CA ALA F 71 -42.36 -3.49 54.56
C ALA F 71 -43.19 -4.26 55.58
N LYS F 72 -43.31 -5.55 55.34
CA LYS F 72 -44.00 -6.42 56.28
C LYS F 72 -43.18 -6.56 57.55
N THR F 73 -43.87 -6.61 58.69
CA THR F 73 -43.20 -6.74 59.97
C THR F 73 -42.75 -8.18 60.13
N ARG F 74 -41.47 -8.42 59.88
CA ARG F 74 -40.90 -9.77 59.87
C ARG F 74 -39.73 -9.77 60.83
N THR F 75 -39.89 -10.46 61.96
CA THR F 75 -38.89 -10.49 63.02
C THR F 75 -38.92 -11.87 63.66
N LYS F 76 -37.86 -12.17 64.42
CA LYS F 76 -37.80 -13.45 65.14
C LYS F 76 -38.83 -13.55 66.25
N GLU F 77 -39.28 -12.40 66.79
CA GLU F 77 -40.32 -12.43 67.80
C GLU F 77 -41.66 -12.85 67.19
N ASP F 78 -42.06 -12.20 66.09
CA ASP F 78 -43.30 -12.55 65.40
C ASP F 78 -43.27 -13.97 64.86
N PHE F 79 -42.10 -14.47 64.47
CA PHE F 79 -42.00 -15.86 64.02
C PHE F 79 -42.31 -16.82 65.15
N SER F 80 -41.63 -16.67 66.29
CA SER F 80 -41.84 -17.58 67.41
C SER F 80 -43.29 -17.55 67.88
N ALA F 81 -43.91 -16.36 67.83
CA ALA F 81 -45.31 -16.23 68.25
C ALA F 81 -46.23 -17.11 67.41
N ARG F 82 -46.14 -16.97 66.07
CA ARG F 82 -46.99 -17.75 65.20
C ARG F 82 -46.69 -19.25 65.29
N LEU F 83 -45.43 -19.61 65.56
CA LEU F 83 -45.06 -21.03 65.65
C LEU F 83 -45.76 -21.73 66.80
N LEU F 84 -45.61 -21.21 68.02
CA LEU F 84 -46.20 -21.88 69.17
C LEU F 84 -47.71 -21.77 69.20
N ALA F 85 -48.27 -20.76 68.53
CA ALA F 85 -49.71 -20.61 68.40
C ALA F 85 -50.32 -21.57 67.37
N GLY F 86 -49.48 -22.26 66.59
CA GLY F 86 -49.97 -23.16 65.57
C GLY F 86 -50.43 -22.51 64.29
N ASP F 87 -50.11 -21.22 64.08
CA ASP F 87 -50.49 -20.53 62.85
C ASP F 87 -49.46 -20.81 61.76
N TYR F 88 -49.34 -22.11 61.42
CA TYR F 88 -48.32 -22.54 60.48
C TYR F 88 -48.55 -22.00 59.08
N ASP F 89 -49.81 -21.73 58.71
CA ASP F 89 -50.08 -21.14 57.41
C ASP F 89 -49.47 -19.74 57.30
N SER F 90 -49.55 -18.95 58.39
CA SER F 90 -49.01 -17.61 58.38
C SER F 90 -47.50 -17.60 58.23
N LEU F 91 -46.83 -18.62 58.76
CA LEU F 91 -45.39 -18.73 58.55
C LEU F 91 -45.06 -19.04 57.10
N GLN F 92 -45.79 -19.97 56.49
CA GLN F 92 -45.54 -20.35 55.10
C GLN F 92 -45.74 -19.16 54.16
N LYS F 93 -46.82 -18.39 54.35
CA LYS F 93 -47.15 -17.32 53.43
C LYS F 93 -46.39 -16.02 53.73
N LEU F 94 -46.13 -15.71 55.00
CA LEU F 94 -45.45 -14.46 55.31
C LEU F 94 -43.93 -14.60 55.30
N TYR F 95 -43.39 -15.74 55.75
CA TYR F 95 -41.95 -15.91 55.87
C TYR F 95 -41.36 -16.87 54.85
N ILE F 96 -41.88 -18.09 54.74
CA ILE F 96 -41.23 -19.11 53.92
C ILE F 96 -41.26 -18.74 52.44
N ASP F 97 -42.43 -18.36 51.93
CA ASP F 97 -42.59 -18.03 50.50
C ASP F 97 -41.84 -16.77 50.07
N PHE F 98 -41.31 -15.98 51.02
CA PHE F 98 -40.60 -14.75 50.69
C PHE F 98 -39.20 -14.71 51.27
N TYR F 99 -38.65 -15.85 51.71
CA TYR F 99 -37.28 -15.88 52.19
C TYR F 99 -36.33 -15.73 51.00
N LEU F 100 -36.22 -16.77 50.17
CA LEU F 100 -35.56 -16.70 48.86
C LEU F 100 -34.10 -16.29 48.97
N ALA F 101 -33.46 -16.55 50.11
CA ALA F 101 -32.11 -16.11 50.37
C ALA F 101 -31.16 -17.30 50.30
N GLN F 102 -29.89 -17.06 50.65
CA GLN F 102 -28.86 -18.09 50.60
C GLN F 102 -28.80 -18.75 49.22
N THR F 103 -29.12 -17.97 48.18
CA THR F 103 -29.08 -18.40 46.79
C THR F 103 -30.00 -19.58 46.50
N THR F 104 -30.97 -19.82 47.38
CA THR F 104 -31.88 -20.95 47.24
C THR F 104 -33.31 -20.44 47.18
N PHE F 105 -34.12 -21.08 46.33
CA PHE F 105 -35.47 -20.60 46.06
C PHE F 105 -36.58 -21.49 46.60
N ASP F 106 -36.36 -22.79 46.73
CA ASP F 106 -37.43 -23.73 47.08
C ASP F 106 -37.44 -24.02 48.57
N TRP F 107 -37.46 -22.98 49.40
CA TRP F 107 -37.52 -23.15 50.84
C TRP F 107 -38.89 -23.67 51.28
N GLU F 108 -38.88 -24.70 52.14
CA GLU F 108 -40.10 -25.33 52.63
C GLU F 108 -39.88 -25.77 54.08
N ILE F 109 -40.96 -26.16 54.72
CA ILE F 109 -40.86 -26.86 56.01
C ILE F 109 -40.28 -28.25 55.78
N PRO F 110 -39.35 -28.72 56.61
CA PRO F 110 -38.77 -30.04 56.37
C PRO F 110 -39.82 -31.14 56.48
N THR F 111 -39.66 -32.18 55.66
CA THR F 111 -40.50 -33.36 55.80
C THR F 111 -40.00 -34.23 56.95
N ARG F 112 -40.75 -35.30 57.25
CA ARG F 112 -40.25 -36.30 58.18
C ARG F 112 -38.97 -36.93 57.67
N ASP F 113 -38.91 -37.20 56.37
CA ASP F 113 -37.68 -37.73 55.78
C ASP F 113 -36.52 -36.75 55.93
N GLN F 114 -36.83 -35.45 55.96
CA GLN F 114 -35.79 -34.43 56.07
C GLN F 114 -35.39 -34.19 57.53
N ILE F 115 -36.37 -34.20 58.44
CA ILE F 115 -36.03 -34.14 59.87
C ILE F 115 -35.22 -35.36 60.26
N GLU F 116 -35.56 -36.53 59.71
CA GLU F 116 -34.75 -37.73 59.91
C GLU F 116 -33.30 -37.49 59.53
N THR F 117 -33.09 -36.84 58.38
CA THR F 117 -31.74 -36.48 57.97
C THR F 117 -31.14 -35.43 58.88
N LEU F 118 -31.96 -34.47 59.33
CA LEU F 118 -31.45 -33.37 60.16
C LEU F 118 -30.90 -33.87 61.50
N VAL F 119 -31.49 -34.91 62.07
CA VAL F 119 -30.99 -35.45 63.33
C VAL F 119 -29.63 -36.10 63.14
N ASN F 120 -29.47 -36.91 62.09
CA ASN F 120 -28.17 -37.53 61.83
C ASN F 120 -27.08 -36.49 61.61
N TYR F 121 -27.40 -35.42 60.88
CA TYR F 121 -26.41 -34.36 60.67
C TYR F 121 -26.10 -33.64 61.98
N ALA F 122 -27.11 -33.45 62.84
CA ALA F 122 -26.87 -32.79 64.11
C ALA F 122 -25.96 -33.62 65.02
N ASN F 123 -26.22 -34.93 65.10
CA ASN F 123 -25.36 -35.81 65.91
C ASN F 123 -23.94 -35.87 65.34
N GLU F 124 -23.81 -35.83 64.01
CA GLU F 124 -22.51 -35.90 63.36
C GLU F 124 -21.89 -34.53 63.15
N GLY F 125 -22.49 -33.47 63.67
CA GLY F 125 -21.88 -32.15 63.62
C GLY F 125 -21.73 -31.52 62.25
N LYS F 126 -22.67 -31.78 61.35
CA LYS F 126 -22.59 -31.28 59.97
C LYS F 126 -23.35 -29.98 59.77
N LEU F 127 -23.95 -29.42 60.81
CA LEU F 127 -24.76 -28.22 60.69
C LEU F 127 -24.06 -27.05 61.37
N SER F 128 -24.75 -25.91 61.45
CA SER F 128 -24.31 -24.80 62.28
C SER F 128 -24.43 -25.18 63.75
N THR F 129 -23.86 -24.33 64.61
CA THR F 129 -23.84 -24.63 66.03
C THR F 129 -25.24 -24.59 66.63
N ALA F 130 -25.98 -23.49 66.39
CA ALA F 130 -27.31 -23.35 66.98
C ALA F 130 -28.24 -24.48 66.55
N LEU F 131 -28.00 -25.09 65.39
CA LEU F 131 -28.81 -26.19 64.89
C LEU F 131 -28.25 -27.57 65.20
N ASN F 132 -26.91 -27.70 65.33
CA ASN F 132 -26.34 -28.96 65.80
C ASN F 132 -26.91 -29.37 67.16
N GLN F 133 -27.27 -28.39 67.98
CA GLN F 133 -27.90 -28.65 69.27
C GLN F 133 -29.39 -28.90 69.14
N GLU F 134 -30.03 -28.19 68.21
CA GLU F 134 -31.49 -28.12 68.18
C GLU F 134 -32.12 -29.44 67.77
N TYR F 135 -31.51 -30.15 66.82
CA TYR F 135 -32.12 -31.34 66.22
C TYR F 135 -31.74 -32.63 66.94
N ILE F 136 -31.27 -32.56 68.19
CA ILE F 136 -31.01 -33.78 68.94
C ILE F 136 -32.29 -34.36 69.51
N THR F 137 -33.12 -33.53 70.15
CA THR F 137 -34.40 -33.97 70.70
C THR F 137 -35.43 -32.86 70.56
N GLY F 138 -36.70 -33.26 70.56
CA GLY F 138 -37.81 -32.32 70.54
C GLY F 138 -38.95 -32.70 69.62
N ARG F 139 -39.94 -31.82 69.53
CA ARG F 139 -41.07 -31.98 68.60
C ARG F 139 -40.91 -30.95 67.49
N PHE F 140 -40.94 -31.40 66.24
CA PHE F 140 -40.56 -30.58 65.10
C PHE F 140 -41.69 -30.51 64.08
N LEU F 141 -41.91 -29.32 63.54
CA LEU F 141 -42.93 -29.12 62.51
C LEU F 141 -42.46 -29.72 61.19
N THR F 142 -43.30 -30.56 60.58
CA THR F 142 -43.03 -31.16 59.29
C THR F 142 -44.21 -30.93 58.35
N LYS F 143 -43.98 -31.22 57.06
CA LYS F 143 -44.98 -31.00 56.03
C LYS F 143 -44.77 -31.99 54.89
N GLU F 144 -45.78 -32.81 54.62
CA GLU F 144 -45.74 -33.77 53.52
C GLU F 144 -47.00 -33.63 52.69
N ASN F 145 -46.85 -33.19 51.44
CA ASN F 145 -47.95 -33.03 50.49
C ASN F 145 -49.05 -32.14 51.08
N GLY F 146 -48.64 -30.95 51.50
CA GLY F 146 -49.59 -29.98 52.00
C GLY F 146 -50.15 -30.28 53.36
N ARG F 147 -49.58 -31.24 54.09
CA ARG F 147 -50.10 -31.68 55.37
C ARG F 147 -49.07 -31.42 56.46
N TYR F 148 -49.49 -30.74 57.52
CA TYR F 148 -48.61 -30.46 58.65
C TYR F 148 -48.62 -31.65 59.61
N ASP F 149 -47.46 -31.95 60.18
CA ASP F 149 -47.36 -33.02 61.16
C ASP F 149 -46.28 -32.66 62.16
N ILE F 150 -46.36 -33.28 63.34
CA ILE F 150 -45.36 -33.09 64.39
C ILE F 150 -44.64 -34.42 64.57
N VAL F 151 -43.32 -34.39 64.44
CA VAL F 151 -42.51 -35.58 64.64
C VAL F 151 -41.73 -35.39 65.93
N ASN F 152 -41.42 -36.52 66.57
CA ASN F 152 -40.82 -36.53 67.89
C ASN F 152 -39.46 -37.20 67.77
N VAL F 153 -38.42 -36.51 68.21
CA VAL F 153 -37.06 -37.05 68.23
C VAL F 153 -36.65 -37.25 69.68
N GLY F 154 -36.41 -38.49 70.07
CA GLY F 154 -35.96 -38.82 71.41
C GLY F 154 -37.05 -39.17 72.39
N GLY F 155 -38.30 -39.26 71.95
CA GLY F 155 -39.38 -39.60 72.86
C GLY F 155 -39.64 -38.56 73.94
N VAL F 156 -39.56 -37.28 73.59
CA VAL F 156 -39.77 -36.18 74.54
C VAL F 156 -41.26 -36.13 74.88
N PRO F 157 -41.65 -35.50 75.98
CA PRO F 157 -43.09 -35.43 76.30
C PRO F 157 -43.86 -34.72 75.21
N ASP F 158 -45.14 -35.08 75.08
CA ASP F 158 -45.96 -34.55 74.00
C ASP F 158 -46.27 -33.06 74.17
N ASN F 159 -46.07 -32.49 75.36
CA ASN F 159 -46.32 -31.08 75.58
C ASN F 159 -45.10 -30.20 75.29
N THR F 160 -44.04 -30.77 74.70
CA THR F 160 -42.88 -29.98 74.31
C THR F 160 -43.30 -29.02 73.20
N PRO F 161 -42.95 -27.73 73.29
CA PRO F 161 -43.40 -26.77 72.28
C PRO F 161 -42.89 -27.15 70.90
N VAL F 162 -43.70 -26.84 69.89
CA VAL F 162 -43.34 -27.17 68.51
C VAL F 162 -42.15 -26.33 68.10
N LYS F 163 -41.17 -26.97 67.45
CA LYS F 163 -39.93 -26.32 67.04
C LYS F 163 -39.80 -26.38 65.52
N LEU F 164 -39.45 -25.24 64.93
CA LEU F 164 -39.11 -25.15 63.51
C LEU F 164 -37.77 -24.41 63.45
N PRO F 165 -36.67 -25.09 63.77
CA PRO F 165 -35.40 -24.38 63.93
C PRO F 165 -34.86 -23.81 62.64
N ALA F 166 -35.24 -24.37 61.49
CA ALA F 166 -34.74 -23.91 60.20
C ALA F 166 -35.62 -24.49 59.10
N ILE F 167 -35.65 -23.78 57.97
CA ILE F 167 -36.27 -24.28 56.75
C ILE F 167 -35.16 -24.79 55.84
N VAL F 168 -35.54 -25.68 54.92
CA VAL F 168 -34.58 -26.43 54.12
C VAL F 168 -34.92 -26.30 52.65
N SER F 169 -33.97 -26.68 51.81
CA SER F 169 -34.18 -26.72 50.38
C SER F 169 -35.09 -27.90 50.02
N LYS F 170 -36.15 -27.62 49.25
CA LYS F 170 -37.14 -28.63 48.90
C LYS F 170 -36.50 -29.86 48.25
N ARG F 171 -35.62 -29.64 47.28
CA ARG F 171 -34.94 -30.73 46.59
C ARG F 171 -33.47 -30.86 46.97
N GLY F 172 -32.84 -29.80 47.50
CA GLY F 172 -31.42 -29.86 47.77
C GLY F 172 -31.09 -30.71 48.99
N LEU F 173 -31.91 -30.62 50.03
CA LEU F 173 -31.70 -31.44 51.23
C LEU F 173 -32.40 -32.78 51.01
N MET F 174 -31.60 -33.85 50.92
CA MET F 174 -32.15 -35.16 50.60
C MET F 174 -32.68 -35.83 51.86
N GLY F 175 -33.91 -36.34 51.81
CA GLY F 175 -34.48 -37.02 52.95
C GLY F 175 -34.00 -38.45 53.12
N THR F 176 -34.18 -38.96 54.34
CA THR F 176 -33.86 -40.34 54.70
C THR F 176 -35.17 -41.09 54.96
N THR F 177 -35.41 -42.16 54.21
CA THR F 177 -36.70 -42.85 54.27
C THR F 177 -36.84 -43.77 55.47
N SER F 178 -35.73 -44.23 56.05
CA SER F 178 -35.80 -45.06 57.25
C SER F 178 -36.24 -44.23 58.45
N VAL F 179 -37.09 -44.82 59.29
CA VAL F 179 -37.65 -44.15 60.45
C VAL F 179 -36.84 -44.59 61.66
N VAL F 180 -35.96 -43.71 62.15
CA VAL F 180 -35.11 -44.06 63.29
C VAL F 180 -35.18 -42.99 64.37
N ASN F 181 -34.84 -41.76 64.02
CA ASN F 181 -34.76 -40.68 65.01
C ASN F 181 -36.07 -39.92 65.14
N ALA F 182 -36.69 -39.55 64.03
CA ALA F 182 -37.89 -38.72 64.02
C ALA F 182 -39.09 -39.65 63.90
N ILE F 183 -39.89 -39.72 64.97
CA ILE F 183 -40.95 -40.70 65.07
C ILE F 183 -42.25 -40.07 64.57
N PRO F 184 -42.93 -40.70 63.60
CA PRO F 184 -44.05 -40.01 62.96
C PRO F 184 -45.38 -40.29 63.64
N ASN F 185 -46.45 -39.80 63.04
CA ASN F 185 -47.80 -40.00 63.57
C ASN F 185 -48.58 -40.75 62.51
N GLU F 186 -48.56 -42.07 62.57
CA GLU F 186 -49.29 -42.89 61.62
C GLU F 186 -50.70 -43.13 62.14
N ILE F 187 -51.66 -43.19 61.22
CA ILE F 187 -53.08 -43.20 61.55
C ILE F 187 -53.63 -44.62 61.47
N TYR F 188 -54.27 -45.06 62.55
CA TYR F 188 -54.94 -46.36 62.65
C TYR F 188 -56.43 -46.16 62.86
N PRO F 189 -57.27 -46.45 61.86
CA PRO F 189 -58.71 -46.25 62.03
C PRO F 189 -59.32 -47.33 62.91
N HIS F 190 -60.24 -46.90 63.78
CA HIS F 190 -61.05 -47.88 64.50
C HIS F 190 -61.88 -48.68 63.52
N ILE F 191 -61.59 -49.97 63.39
CA ILE F 191 -62.21 -50.81 62.39
C ILE F 191 -62.52 -52.18 62.99
N LYS F 192 -63.60 -52.77 62.52
CA LYS F 192 -64.07 -54.07 63.00
C LYS F 192 -63.92 -55.11 61.90
N VAL F 193 -63.28 -56.21 62.23
CA VAL F 193 -63.25 -57.38 61.36
C VAL F 193 -64.38 -58.31 61.79
N TYR F 194 -65.14 -58.80 60.83
CA TYR F 194 -66.38 -59.50 61.14
C TYR F 194 -66.20 -60.99 61.45
N GLU F 195 -65.14 -61.62 60.95
CA GLU F 195 -64.76 -62.98 61.37
C GLU F 195 -65.92 -63.95 61.09
N GLY F 196 -66.03 -65.01 61.89
CA GLY F 196 -67.00 -66.05 61.64
C GLY F 196 -66.59 -66.98 60.51
N THR F 197 -67.60 -67.49 59.79
CA THR F 197 -67.34 -68.23 58.56
C THR F 197 -67.21 -67.23 57.41
N LEU F 198 -66.33 -66.26 57.59
CA LEU F 198 -66.09 -65.20 56.61
C LEU F 198 -64.59 -64.90 56.55
N SER F 199 -64.15 -63.95 57.37
CA SER F 199 -62.74 -63.60 57.45
C SER F 199 -61.87 -64.79 57.87
N ARG F 200 -60.68 -64.89 57.28
CA ARG F 200 -59.78 -66.01 57.53
C ARG F 200 -58.34 -65.57 57.30
N LEU F 201 -57.46 -65.81 58.31
CA LEU F 201 -56.02 -65.55 58.19
C LEU F 201 -55.31 -66.76 58.81
N LYS F 202 -55.17 -67.82 58.02
CA LYS F 202 -54.50 -69.03 58.44
C LYS F 202 -53.70 -69.58 57.27
N PRO F 203 -52.61 -70.29 57.52
CA PRO F 203 -51.79 -70.81 56.43
C PRO F 203 -52.53 -71.85 55.61
N GLY F 204 -52.01 -72.08 54.41
CA GLY F 204 -52.54 -73.09 53.52
C GLY F 204 -53.42 -72.59 52.42
N GLY F 205 -53.65 -71.28 52.33
CA GLY F 205 -54.49 -70.76 51.28
C GLY F 205 -54.47 -69.25 51.23
N ALA F 206 -55.60 -68.66 50.83
CA ALA F 206 -55.71 -67.22 50.67
C ALA F 206 -56.22 -66.56 51.95
N MET F 207 -55.75 -65.35 52.18
CA MET F 207 -56.20 -64.54 53.31
C MET F 207 -57.31 -63.61 52.86
N ILE F 208 -58.45 -63.69 53.54
CA ILE F 208 -59.60 -62.85 53.24
C ILE F 208 -60.08 -62.24 54.55
N ALA F 209 -60.52 -60.98 54.48
CA ALA F 209 -61.13 -60.31 55.62
C ALA F 209 -62.18 -59.34 55.09
N VAL F 210 -62.99 -58.83 56.02
CA VAL F 210 -64.03 -57.87 55.70
C VAL F 210 -64.09 -56.87 56.85
N LEU F 211 -63.62 -55.65 56.62
CA LEU F 211 -63.53 -54.64 57.67
C LEU F 211 -64.76 -53.74 57.64
N GLU F 212 -64.71 -52.65 58.40
CA GLU F 212 -65.83 -51.72 58.48
C GLU F 212 -65.37 -50.43 59.13
N TYR F 213 -65.41 -49.35 58.37
CA TYR F 213 -64.90 -48.06 58.82
C TYR F 213 -66.07 -47.15 59.13
N ASP F 214 -65.82 -46.13 59.96
CA ASP F 214 -66.85 -45.19 60.33
C ASP F 214 -66.78 -43.98 59.41
N VAL F 215 -67.95 -43.47 59.02
CA VAL F 215 -67.99 -42.42 58.01
C VAL F 215 -67.43 -41.11 58.56
N ASN F 216 -67.81 -40.75 59.78
CA ASN F 216 -67.40 -39.46 60.33
C ASN F 216 -65.88 -39.39 60.54
N GLU F 217 -65.24 -40.51 60.85
CA GLU F 217 -63.78 -40.51 60.96
C GLU F 217 -63.10 -40.75 59.62
N LEU F 218 -63.86 -41.14 58.60
CA LEU F 218 -63.33 -41.10 57.24
C LEU F 218 -63.27 -39.67 56.72
N SER F 219 -64.30 -38.87 57.00
CA SER F 219 -64.34 -37.48 56.55
C SER F 219 -63.37 -36.60 57.33
N LYS F 220 -62.95 -37.02 58.51
CA LYS F 220 -61.96 -36.24 59.26
C LYS F 220 -60.58 -36.35 58.63
N HIS F 221 -60.31 -37.45 57.91
CA HIS F 221 -59.03 -37.67 57.27
C HIS F 221 -59.12 -37.56 55.76
N GLY F 222 -60.02 -36.73 55.26
CA GLY F 222 -60.10 -36.42 53.85
C GLY F 222 -60.67 -37.51 52.98
N TYR F 223 -61.56 -38.34 53.53
CA TYR F 223 -62.22 -39.38 52.76
C TYR F 223 -63.72 -39.19 52.88
N THR F 224 -64.28 -38.39 51.97
CA THR F 224 -65.71 -38.20 51.85
C THR F 224 -66.30 -38.99 50.69
N ASN F 225 -65.51 -39.22 49.63
CA ASN F 225 -65.91 -40.09 48.53
C ASN F 225 -65.45 -41.51 48.88
N LEU F 226 -66.35 -42.28 49.47
CA LEU F 226 -66.00 -43.56 50.06
C LEU F 226 -65.88 -44.70 49.04
N TRP F 227 -65.81 -44.39 47.75
CA TRP F 227 -65.42 -45.38 46.76
C TRP F 227 -64.10 -45.02 46.08
N ASP F 228 -63.53 -43.86 46.39
CA ASP F 228 -62.22 -43.43 45.90
C ASP F 228 -61.13 -43.98 46.82
N VAL F 229 -60.96 -45.30 46.75
CA VAL F 229 -60.14 -46.05 47.71
C VAL F 229 -59.27 -47.07 46.98
N GLN F 230 -58.33 -47.64 47.74
CA GLN F 230 -57.51 -48.76 47.30
C GLN F 230 -56.79 -49.31 48.52
N PHE F 231 -56.42 -50.58 48.45
CA PHE F 231 -55.90 -51.28 49.62
C PHE F 231 -54.57 -51.96 49.30
N LYS F 232 -53.73 -52.04 50.34
CA LYS F 232 -52.44 -52.72 50.27
C LYS F 232 -52.29 -53.64 51.46
N VAL F 233 -51.70 -54.81 51.24
CA VAL F 233 -51.43 -55.77 52.31
C VAL F 233 -49.92 -55.97 52.41
N LEU F 234 -49.40 -55.92 53.63
CA LEU F 234 -47.97 -56.03 53.89
C LEU F 234 -47.71 -57.23 54.79
N VAL F 235 -46.59 -57.90 54.57
CA VAL F 235 -46.18 -59.05 55.36
C VAL F 235 -44.73 -58.83 55.79
N GLY F 236 -44.51 -58.76 57.10
CA GLY F 236 -43.17 -58.60 57.62
C GLY F 236 -43.23 -58.09 59.05
N VAL F 237 -42.06 -57.75 59.56
CA VAL F 237 -41.92 -57.29 60.94
C VAL F 237 -42.31 -55.81 60.99
N PRO F 238 -43.37 -55.46 61.71
CA PRO F 238 -43.76 -54.05 61.82
C PRO F 238 -42.74 -53.24 62.59
N HIS F 239 -42.83 -51.93 62.41
CA HIS F 239 -41.94 -51.01 63.11
C HIS F 239 -42.22 -51.07 64.60
N ALA F 240 -41.15 -51.15 65.40
CA ALA F 240 -41.32 -51.37 66.83
C ALA F 240 -41.97 -50.18 67.53
N GLU F 241 -41.88 -48.98 66.96
CA GLU F 241 -42.45 -47.79 67.58
C GLU F 241 -43.80 -47.39 66.98
N THR F 242 -43.91 -47.39 65.65
CA THR F 242 -45.14 -46.94 65.00
C THR F 242 -46.04 -48.10 64.57
N GLY F 243 -45.50 -49.31 64.41
CA GLY F 243 -46.31 -50.46 64.07
C GLY F 243 -46.48 -50.72 62.59
N VAL F 244 -45.95 -49.86 61.73
CA VAL F 244 -46.06 -50.06 60.29
C VAL F 244 -44.96 -50.99 59.81
N ILE F 245 -45.29 -51.82 58.82
CA ILE F 245 -44.29 -52.66 58.15
C ILE F 245 -43.78 -51.81 56.97
N TYR F 246 -42.73 -51.03 57.22
CA TYR F 246 -42.29 -50.03 56.27
C TYR F 246 -41.65 -50.67 55.04
N ASP F 247 -40.87 -51.72 55.26
CA ASP F 247 -40.24 -52.49 54.19
C ASP F 247 -40.78 -53.91 54.27
N PRO F 248 -41.96 -54.17 53.70
CA PRO F 248 -42.55 -55.50 53.81
C PRO F 248 -41.76 -56.51 53.00
N VAL F 249 -41.72 -57.74 53.52
CA VAL F 249 -41.09 -58.84 52.79
C VAL F 249 -41.94 -59.24 51.59
N TYR F 250 -43.24 -58.98 51.65
CA TYR F 250 -44.15 -59.25 50.55
C TYR F 250 -45.18 -58.14 50.51
N GLU F 251 -45.27 -57.45 49.39
CA GLU F 251 -46.22 -56.37 49.21
C GLU F 251 -47.19 -56.77 48.11
N GLU F 252 -48.47 -56.49 48.32
CA GLU F 252 -49.50 -56.91 47.38
C GLU F 252 -50.64 -55.92 47.39
N THR F 253 -51.02 -55.45 46.20
CA THR F 253 -52.14 -54.53 46.04
C THR F 253 -53.37 -55.31 45.61
N VAL F 254 -54.49 -55.04 46.28
CA VAL F 254 -55.76 -55.67 45.95
C VAL F 254 -56.85 -54.60 45.96
N LYS F 255 -57.91 -54.87 45.23
CA LYS F 255 -59.03 -53.95 45.09
C LYS F 255 -60.31 -54.55 45.69
N PRO F 256 -61.17 -53.71 46.29
CA PRO F 256 -62.34 -54.23 47.03
C PRO F 256 -63.65 -54.19 46.24
N TYR F 257 -64.66 -54.86 46.76
CA TYR F 257 -65.95 -54.84 46.09
C TYR F 257 -67.08 -54.78 47.08
N GLN F 258 -67.01 -53.92 48.10
CA GLN F 258 -68.09 -53.88 49.09
C GLN F 258 -69.07 -52.69 49.09
N PRO F 259 -70.34 -52.99 49.33
CA PRO F 259 -71.39 -51.96 49.35
C PRO F 259 -71.65 -51.45 50.77
N LEU F 263 -72.73 -49.56 55.42
CA LEU F 263 -74.12 -49.98 55.29
C LEU F 263 -75.04 -49.18 56.22
N THR F 264 -74.63 -49.04 57.48
CA THR F 264 -75.39 -48.29 58.47
C THR F 264 -74.79 -46.89 58.64
N GLY F 265 -74.67 -46.40 59.88
CA GLY F 265 -74.03 -45.11 60.08
C GLY F 265 -72.53 -45.19 59.85
N LYS F 266 -72.10 -46.35 59.34
CA LYS F 266 -70.74 -46.62 58.92
C LYS F 266 -70.78 -47.28 57.55
N LYS F 267 -69.63 -47.36 56.89
CA LYS F 267 -69.54 -48.03 55.59
C LYS F 267 -68.44 -49.09 55.65
N LEU F 268 -68.57 -50.09 54.80
CA LEU F 268 -67.73 -51.27 54.90
C LEU F 268 -66.96 -51.53 53.60
N TYR F 269 -65.86 -52.29 53.74
CA TYR F 269 -65.02 -52.68 52.62
C TYR F 269 -64.50 -54.09 52.87
N ASN F 270 -64.34 -54.88 51.80
CA ASN F 270 -63.85 -56.25 51.91
C ASN F 270 -62.33 -56.30 51.87
N VAL F 271 -61.80 -57.44 51.42
CA VAL F 271 -60.41 -57.67 51.01
C VAL F 271 -60.23 -59.17 50.80
N SER F 272 -59.64 -59.53 49.66
CA SER F 272 -59.34 -60.92 49.34
C SER F 272 -57.97 -60.97 48.70
N THR F 273 -56.97 -61.47 49.44
CA THR F 273 -55.66 -61.68 48.84
C THR F 273 -55.80 -62.65 47.66
N ASN F 274 -54.99 -62.42 46.65
CA ASN F 274 -54.91 -63.36 45.54
C ASN F 274 -53.78 -64.33 45.81
N ASP F 275 -54.15 -65.45 46.44
CA ASP F 275 -53.33 -66.65 46.52
C ASP F 275 -53.94 -67.74 45.65
N MET F 276 -55.10 -67.47 45.05
CA MET F 276 -55.74 -68.34 44.10
C MET F 276 -55.40 -67.80 42.71
N HIS F 277 -54.95 -68.70 41.83
CA HIS F 277 -54.53 -68.37 40.46
C HIS F 277 -53.20 -67.62 40.46
N ASN F 278 -52.34 -67.96 41.42
CA ASN F 278 -51.00 -67.43 41.59
C ASN F 278 -50.31 -68.17 42.73
N GLY F 279 -49.13 -67.71 43.14
CA GLY F 279 -48.45 -68.34 44.25
C GLY F 279 -49.22 -68.11 45.55
N TYR F 280 -49.48 -69.20 46.27
CA TYR F 280 -50.06 -69.13 47.61
C TYR F 280 -49.06 -68.44 48.55
N LYS F 281 -47.88 -68.10 48.01
CA LYS F 281 -46.70 -67.71 48.78
C LYS F 281 -46.96 -66.60 49.79
N TRP F 282 -48.13 -65.95 49.74
CA TRP F 282 -48.49 -65.07 50.85
C TRP F 282 -48.46 -65.84 52.16
N SER F 283 -49.09 -67.03 52.17
CA SER F 283 -49.08 -67.87 53.37
C SER F 283 -47.77 -68.61 53.55
N ASN F 284 -47.04 -68.84 52.46
CA ASN F 284 -45.73 -69.47 52.53
C ASN F 284 -44.64 -68.50 52.95
N THR F 285 -44.91 -67.19 52.97
CA THR F 285 -44.00 -66.21 53.55
C THR F 285 -44.54 -65.58 54.82
N MET F 286 -45.85 -65.37 54.94
CA MET F 286 -46.41 -64.88 56.20
C MET F 286 -46.16 -65.86 57.34
N PHE F 287 -46.17 -67.16 57.04
CA PHE F 287 -45.94 -68.21 58.03
C PHE F 287 -44.60 -68.90 57.82
N SER F 288 -43.63 -68.17 57.28
CA SER F 288 -42.25 -68.62 57.18
C SER F 288 -41.39 -68.12 58.33
N ASN F 289 -41.91 -67.22 59.17
CA ASN F 289 -41.18 -66.68 60.30
C ASN F 289 -42.18 -66.30 61.38
N SER F 290 -41.92 -66.76 62.62
CA SER F 290 -42.87 -66.56 63.70
C SER F 290 -43.04 -65.10 64.07
N ASN F 291 -42.08 -64.24 63.69
CA ASN F 291 -42.18 -62.81 63.95
C ASN F 291 -42.92 -62.05 62.86
N TYR F 292 -43.23 -62.70 61.74
CA TYR F 292 -43.93 -62.03 60.64
C TYR F 292 -45.38 -61.75 61.01
N LYS F 293 -45.90 -60.65 60.48
CA LYS F 293 -47.28 -60.25 60.71
C LYS F 293 -47.85 -59.70 59.42
N THR F 294 -49.18 -59.64 59.35
CA THR F 294 -49.90 -59.18 58.17
C THR F 294 -50.66 -57.91 58.53
N GLN F 295 -50.43 -56.84 57.77
CA GLN F 295 -50.99 -55.52 58.05
C GLN F 295 -51.68 -54.98 56.80
N ILE F 296 -52.75 -54.23 57.03
CA ILE F 296 -53.60 -53.71 55.96
C ILE F 296 -53.58 -52.19 56.00
N LEU F 297 -53.42 -51.57 54.82
CA LEU F 297 -53.30 -50.13 54.67
C LEU F 297 -54.31 -49.65 53.63
N LEU F 298 -54.97 -48.54 53.94
CA LEU F 298 -55.98 -47.96 53.06
C LEU F 298 -55.50 -46.62 52.54
N THR F 299 -55.63 -46.42 51.23
CA THR F 299 -55.25 -45.19 50.56
C THR F 299 -56.40 -44.71 49.69
N LYS F 300 -56.18 -43.56 49.06
CA LYS F 300 -57.02 -43.16 47.95
C LYS F 300 -56.73 -44.05 46.73
N GLY F 301 -57.62 -43.97 45.74
CA GLY F 301 -57.52 -44.83 44.58
C GLY F 301 -56.14 -44.82 43.92
N ASP F 302 -55.46 -43.68 43.98
CA ASP F 302 -54.13 -43.52 43.40
C ASP F 302 -53.01 -43.64 44.41
N GLY F 303 -53.30 -44.13 45.62
CA GLY F 303 -52.28 -44.21 46.65
C GLY F 303 -52.04 -42.93 47.42
N SER F 304 -52.81 -41.88 47.15
CA SER F 304 -52.64 -40.61 47.85
C SER F 304 -53.45 -40.63 49.14
N GLY F 305 -53.49 -39.50 49.84
CA GLY F 305 -54.30 -39.38 51.03
C GLY F 305 -53.60 -39.83 52.29
N VAL F 306 -54.24 -39.53 53.43
CA VAL F 306 -53.72 -39.98 54.72
C VAL F 306 -53.70 -41.51 54.75
N LYS F 307 -52.53 -42.08 54.98
CA LYS F 307 -52.37 -43.53 55.02
C LYS F 307 -53.04 -44.10 56.27
N LEU F 308 -53.99 -45.00 56.06
CA LEU F 308 -54.82 -45.57 57.13
C LEU F 308 -54.43 -47.02 57.34
N TYR F 309 -54.05 -47.37 58.56
CA TYR F 309 -53.40 -48.64 58.86
C TYR F 309 -54.22 -49.48 59.84
N SER F 310 -54.26 -50.79 59.60
CA SER F 310 -54.75 -51.71 60.61
C SER F 310 -53.57 -52.21 61.46
N LYS F 311 -53.89 -52.85 62.57
CA LYS F 311 -52.85 -53.47 63.39
C LYS F 311 -52.14 -54.56 62.60
N ALA F 312 -50.86 -54.77 62.92
CA ALA F 312 -50.10 -55.88 62.35
C ALA F 312 -50.57 -57.17 63.04
N TYR F 313 -51.40 -57.95 62.34
CA TYR F 313 -52.08 -59.08 62.94
C TYR F 313 -51.19 -60.31 63.03
N SER F 314 -51.47 -61.15 64.03
CA SER F 314 -50.91 -62.48 64.11
C SER F 314 -51.85 -63.46 63.42
N GLU F 315 -51.48 -64.75 63.43
CA GLU F 315 -52.37 -65.79 62.92
C GLU F 315 -53.75 -65.65 63.52
N ASN F 316 -54.76 -65.73 62.67
CA ASN F 316 -56.17 -65.58 63.07
C ASN F 316 -56.45 -64.19 63.63
N PHE F 317 -55.75 -63.17 63.10
CA PHE F 317 -55.99 -61.77 63.45
C PHE F 317 -55.70 -61.47 64.92
N LYS F 318 -54.80 -62.23 65.53
CA LYS F 318 -54.49 -62.00 66.94
C LYS F 318 -53.32 -61.04 67.10
#